data_1WXX
#
_entry.id   1WXX
#
_cell.length_a   77.551
_cell.length_b   82.318
_cell.length_c   79.616
_cell.angle_alpha   96.34
_cell.angle_beta   90.14
_cell.angle_gamma   103.06
#
_symmetry.space_group_name_H-M   'P 1'
#
loop_
_entity.id
_entity.type
_entity.pdbx_description
1 polymer 'hypothetical protein TTHA1280'
2 non-polymer 'POTASSIUM ION'
3 non-polymer 'PHOSPHATE ION'
4 water water
#
_entity_poly.entity_id   1
_entity_poly.type   'polypeptide(L)'
_entity_poly.pdbx_seq_one_letter_code
;(MSE)RIQVNAKGAARLLSRHLWVFRRDVVSGPETPGLYPVYWGRRFLALALYNPHTDLAVRAYRFAPAEDPVAALLENL
AQALARREAVLRQDPEGGYRLVHAEGDLLPGLVVDYYAGHAVVQATAHAWEGLLPQVAEALRPHVQSVLAKNDARTRELE
GLPLYVRPLLGEVPERVQVQEGRVRYLVDLRAGQKTGAYLDQRENRLY(MSE)ERFRGERALDVFSYAGGFALHLALGFR
EVVAVDSSAEALRRAEENARLNGLGNVRVLEANAFDLLRRLEKEGERFDLVVLDPPAFAKGKKDVERAYRAYKEVNLRAI
KLLKEGGILATASCSHH(MSE)TEPLFYA(MSE)VAEAAQDAHRLLRVVEKRGQPFDHPVLLNHPETHYLKFAVFQVL
;
_entity_poly.pdbx_strand_id   A,B,C,D
#
loop_
_chem_comp.id
_chem_comp.type
_chem_comp.name
_chem_comp.formula
K non-polymer 'POTASSIUM ION' 'K 1'
PO4 non-polymer 'PHOSPHATE ION' 'O4 P -3'
#
# COMPACT_ATOMS: atom_id res chain seq x y z
N MSE A 1 8.64 43.83 -19.70
CA MSE A 1 9.21 43.44 -21.03
C MSE A 1 8.45 42.22 -21.55
O MSE A 1 8.07 41.34 -20.77
CB MSE A 1 10.69 43.11 -20.87
CG MSE A 1 11.48 43.21 -22.16
SE MSE A 1 11.83 45.03 -22.70
CE MSE A 1 13.58 45.22 -21.89
N ARG A 2 8.25 42.16 -22.86
CA ARG A 2 7.51 41.05 -23.46
C ARG A 2 8.22 40.42 -24.66
N ILE A 3 7.94 39.14 -24.87
CA ILE A 3 8.49 38.43 -26.01
C ILE A 3 7.30 38.31 -26.98
N GLN A 4 7.50 38.68 -28.24
CA GLN A 4 6.43 38.59 -29.23
C GLN A 4 6.80 37.52 -30.25
N VAL A 5 5.91 36.56 -30.46
CA VAL A 5 6.18 35.50 -31.42
C VAL A 5 5.28 35.67 -32.65
N ASN A 6 5.61 34.99 -33.74
CA ASN A 6 4.78 35.08 -34.93
C ASN A 6 3.65 34.04 -34.82
N ALA A 7 2.85 33.91 -35.87
CA ALA A 7 1.74 32.97 -35.85
C ALA A 7 2.21 31.53 -35.66
N LYS A 8 3.36 31.20 -36.23
CA LYS A 8 3.91 29.85 -36.12
C LYS A 8 4.20 29.55 -34.64
N GLY A 9 4.89 30.48 -33.97
CA GLY A 9 5.20 30.29 -32.56
C GLY A 9 3.96 30.26 -31.69
N ALA A 10 2.96 31.05 -32.07
CA ALA A 10 1.70 31.10 -31.33
C ALA A 10 1.01 29.72 -31.40
N ALA A 11 0.93 29.16 -32.60
CA ALA A 11 0.30 27.86 -32.77
C ALA A 11 1.03 26.78 -31.95
N ARG A 12 2.35 26.89 -31.87
CA ARG A 12 3.12 25.92 -31.10
C ARG A 12 2.79 26.00 -29.61
N LEU A 13 2.78 27.20 -29.06
CA LEU A 13 2.47 27.38 -27.64
C LEU A 13 1.02 27.04 -27.30
N LEU A 14 0.11 27.31 -28.23
CA LEU A 14 -1.30 26.99 -28.02
C LEU A 14 -1.48 25.46 -27.98
N SER A 15 -0.69 24.74 -28.78
CA SER A 15 -0.76 23.27 -28.81
C SER A 15 -0.03 22.69 -27.59
N ARG A 16 0.61 23.58 -26.83
CA ARG A 16 1.35 23.25 -25.63
C ARG A 16 2.72 22.62 -25.84
N HIS A 17 3.36 22.91 -26.96
CA HIS A 17 4.73 22.44 -27.15
C HIS A 17 5.45 23.51 -26.34
N LEU A 18 6.61 23.20 -25.76
CA LEU A 18 7.28 24.20 -24.93
C LEU A 18 8.33 25.05 -25.63
N TRP A 19 8.65 24.70 -26.87
CA TRP A 19 9.69 25.42 -27.59
C TRP A 19 9.27 26.29 -28.77
N VAL A 20 9.91 27.46 -28.87
CA VAL A 20 9.70 28.35 -29.99
C VAL A 20 11.12 28.77 -30.39
N PHE A 21 11.49 28.56 -31.64
CA PHE A 21 12.83 28.90 -32.08
C PHE A 21 12.97 30.35 -32.50
N ARG A 22 14.21 30.83 -32.48
CA ARG A 22 14.54 32.22 -32.80
C ARG A 22 13.89 32.81 -34.05
N ARG A 23 13.78 32.03 -35.11
CA ARG A 23 13.19 32.56 -36.35
C ARG A 23 11.71 32.91 -36.19
N ASP A 24 11.08 32.41 -35.12
CA ASP A 24 9.67 32.68 -34.89
C ASP A 24 9.43 33.69 -33.78
N VAL A 25 10.49 34.34 -33.34
CA VAL A 25 10.38 35.39 -32.33
C VAL A 25 10.46 36.71 -33.10
N VAL A 26 9.41 37.52 -32.99
CA VAL A 26 9.35 38.80 -33.69
C VAL A 26 10.17 39.87 -32.97
N SER A 27 10.09 39.88 -31.65
CA SER A 27 10.84 40.84 -30.84
C SER A 27 10.92 40.32 -29.42
N GLY A 28 11.93 40.77 -28.68
CA GLY A 28 12.09 40.32 -27.31
C GLY A 28 13.12 41.12 -26.56
N PRO A 29 13.26 40.88 -25.25
CA PRO A 29 14.23 41.59 -24.40
C PRO A 29 15.66 41.48 -24.92
N GLU A 30 16.52 42.39 -24.46
CA GLU A 30 17.93 42.42 -24.85
C GLU A 30 18.75 41.37 -24.10
N THR A 31 18.29 40.98 -22.92
CA THR A 31 19.03 40.00 -22.12
C THR A 31 18.22 38.74 -21.83
N PRO A 32 18.91 37.63 -21.52
CA PRO A 32 18.17 36.41 -21.22
C PRO A 32 17.48 36.55 -19.87
N GLY A 33 16.46 35.75 -19.63
CA GLY A 33 15.74 35.84 -18.36
C GLY A 33 14.39 35.16 -18.44
N LEU A 34 13.47 35.53 -17.56
CA LEU A 34 12.13 34.96 -17.53
C LEU A 34 11.17 36.07 -17.95
N TYR A 35 10.42 35.82 -19.03
CA TYR A 35 9.47 36.82 -19.54
C TYR A 35 8.20 36.20 -20.09
N PRO A 36 7.11 36.98 -20.14
CA PRO A 36 5.84 36.48 -20.68
C PRO A 36 5.94 36.52 -22.21
N VAL A 37 5.24 35.59 -22.87
CA VAL A 37 5.24 35.48 -24.32
C VAL A 37 3.86 35.81 -24.87
N TYR A 38 3.82 36.65 -25.90
CA TYR A 38 2.56 37.08 -26.52
C TYR A 38 2.50 36.88 -28.03
N TRP A 39 1.28 36.75 -28.53
CA TRP A 39 0.97 36.66 -29.95
C TRP A 39 0.09 37.91 -30.05
N GLY A 40 0.68 39.02 -30.49
CA GLY A 40 -0.07 40.27 -30.54
C GLY A 40 -0.27 40.69 -29.09
N ARG A 41 -1.52 40.98 -28.72
CA ARG A 41 -1.86 41.39 -27.35
C ARG A 41 -2.33 40.20 -26.51
N ARG A 42 -2.25 39.00 -27.07
CA ARG A 42 -2.71 37.80 -26.38
C ARG A 42 -1.61 37.05 -25.63
N PHE A 43 -1.77 36.95 -24.31
CA PHE A 43 -0.81 36.24 -23.48
C PHE A 43 -0.83 34.75 -23.83
N LEU A 44 0.34 34.14 -23.97
CA LEU A 44 0.43 32.73 -24.29
C LEU A 44 1.12 31.92 -23.19
N ALA A 45 2.20 32.43 -22.63
CA ALA A 45 2.92 31.70 -21.60
C ALA A 45 4.06 32.51 -20.97
N LEU A 46 4.68 31.91 -19.95
CA LEU A 46 5.84 32.48 -19.27
C LEU A 46 6.95 31.58 -19.76
N ALA A 47 8.13 32.12 -20.02
CA ALA A 47 9.19 31.27 -20.53
C ALA A 47 10.60 31.70 -20.19
N LEU A 48 11.54 30.76 -20.31
CA LEU A 48 12.94 31.09 -20.12
C LEU A 48 13.27 31.58 -21.51
N TYR A 49 14.01 32.68 -21.58
CA TYR A 49 14.35 33.27 -22.86
C TYR A 49 15.81 33.62 -22.99
N ASN A 50 16.33 33.48 -24.20
CA ASN A 50 17.69 33.86 -24.49
C ASN A 50 17.67 34.44 -25.90
N PRO A 51 18.00 35.73 -26.04
CA PRO A 51 18.00 36.38 -27.34
C PRO A 51 19.15 35.99 -28.27
N HIS A 52 20.09 35.20 -27.77
CA HIS A 52 21.26 34.81 -28.57
C HIS A 52 21.33 33.33 -28.96
N THR A 53 20.26 32.58 -28.75
CA THR A 53 20.27 31.15 -29.08
C THR A 53 19.23 30.76 -30.12
N ASP A 54 19.44 29.62 -30.76
CA ASP A 54 18.52 29.12 -31.76
C ASP A 54 17.20 28.72 -31.08
N LEU A 55 17.30 28.09 -29.91
CA LEU A 55 16.11 27.72 -29.15
C LEU A 55 15.91 28.89 -28.20
N ALA A 56 15.21 29.90 -28.70
CA ALA A 56 15.00 31.13 -27.95
C ALA A 56 14.05 31.08 -26.78
N VAL A 57 12.95 30.34 -26.94
CA VAL A 57 11.90 30.27 -25.92
C VAL A 57 11.64 28.87 -25.38
N ARG A 58 11.64 28.74 -24.05
CA ARG A 58 11.33 27.48 -23.38
C ARG A 58 10.24 27.78 -22.33
N ALA A 59 8.99 27.49 -22.67
CA ALA A 59 7.87 27.78 -21.77
C ALA A 59 7.82 26.88 -20.54
N TYR A 60 7.31 27.42 -19.42
CA TYR A 60 7.18 26.64 -18.18
C TYR A 60 5.83 26.89 -17.48
N ARG A 61 5.05 27.84 -18.01
CA ARG A 61 3.73 28.15 -17.47
C ARG A 61 2.86 28.63 -18.63
N PHE A 62 1.58 28.30 -18.61
CA PHE A 62 0.69 28.73 -19.67
C PHE A 62 -0.43 29.63 -19.14
N ALA A 63 -0.12 30.31 -18.05
CA ALA A 63 -1.02 31.26 -17.38
C ALA A 63 -0.13 32.33 -16.77
N PRO A 64 -0.59 33.59 -16.73
CA PRO A 64 0.22 34.67 -16.15
C PRO A 64 0.53 34.50 -14.67
N ALA A 65 1.59 35.18 -14.23
CA ALA A 65 2.02 35.14 -12.84
C ALA A 65 2.62 36.49 -12.47
N GLU A 66 2.35 36.97 -11.27
CA GLU A 66 2.88 38.25 -10.84
C GLU A 66 4.39 38.23 -10.67
N ASP A 67 4.92 37.06 -10.29
CA ASP A 67 6.35 36.91 -10.08
C ASP A 67 6.87 35.67 -10.84
N PRO A 68 7.45 35.88 -12.03
CA PRO A 68 7.98 34.80 -12.87
C PRO A 68 8.99 33.88 -12.17
N VAL A 69 9.87 34.47 -11.38
CA VAL A 69 10.87 33.67 -10.67
C VAL A 69 10.17 32.79 -9.63
N ALA A 70 9.25 33.38 -8.87
CA ALA A 70 8.52 32.64 -7.86
C ALA A 70 7.78 31.48 -8.53
N ALA A 71 7.23 31.74 -9.71
CA ALA A 71 6.49 30.74 -10.46
C ALA A 71 7.40 29.58 -10.85
N LEU A 72 8.58 29.91 -11.36
CA LEU A 72 9.54 28.88 -11.77
C LEU A 72 9.99 28.03 -10.58
N LEU A 73 10.22 28.68 -9.44
CA LEU A 73 10.65 27.94 -8.25
C LEU A 73 9.50 27.10 -7.67
N GLU A 74 8.26 27.48 -7.99
CA GLU A 74 7.10 26.71 -7.56
C GLU A 74 7.14 25.38 -8.34
N ASN A 75 7.43 25.48 -9.63
CA ASN A 75 7.54 24.29 -10.49
C ASN A 75 8.64 23.38 -9.93
N LEU A 76 9.71 23.98 -9.42
CA LEU A 76 10.80 23.19 -8.86
C LEU A 76 10.29 22.39 -7.64
N ALA A 77 9.60 23.08 -6.74
CA ALA A 77 9.07 22.44 -5.55
C ALA A 77 8.13 21.29 -5.92
N GLN A 78 7.30 21.51 -6.93
CA GLN A 78 6.36 20.49 -7.39
C GLN A 78 7.08 19.27 -7.95
N ALA A 79 8.20 19.50 -8.65
CA ALA A 79 8.95 18.39 -9.20
C ALA A 79 9.57 17.56 -8.08
N LEU A 80 10.18 18.22 -7.10
CA LEU A 80 10.79 17.51 -5.99
C LEU A 80 9.74 16.72 -5.20
N ALA A 81 8.56 17.31 -5.03
CA ALA A 81 7.47 16.66 -4.31
C ALA A 81 7.08 15.32 -4.93
N ARG A 82 7.18 15.21 -6.25
CA ARG A 82 6.83 13.95 -6.93
C ARG A 82 7.82 12.82 -6.59
N ARG A 83 9.01 13.19 -6.10
CA ARG A 83 10.00 12.17 -5.75
C ARG A 83 10.18 11.96 -4.24
N GLU A 84 9.52 12.78 -3.43
CA GLU A 84 9.63 12.69 -1.97
C GLU A 84 9.42 11.28 -1.44
N ALA A 85 8.32 10.65 -1.85
CA ALA A 85 7.96 9.31 -1.40
C ALA A 85 9.04 8.28 -1.61
N VAL A 86 9.58 8.20 -2.84
CA VAL A 86 10.61 7.22 -3.14
C VAL A 86 11.93 7.48 -2.43
N LEU A 87 12.24 8.74 -2.13
CA LEU A 87 13.50 9.02 -1.45
C LEU A 87 13.52 8.55 0.01
N ARG A 88 12.37 8.62 0.68
CA ARG A 88 12.26 8.20 2.08
C ARG A 88 12.20 6.69 2.18
N GLN A 89 11.74 6.07 1.11
CA GLN A 89 11.57 4.63 1.01
C GLN A 89 12.80 3.90 0.47
N ASP A 90 13.54 4.58 -0.39
CA ASP A 90 14.74 4.01 -1.01
C ASP A 90 15.85 5.06 -1.08
N PRO A 91 16.33 5.50 0.10
CA PRO A 91 17.39 6.50 0.29
C PRO A 91 18.71 6.23 -0.42
N GLU A 92 19.06 4.96 -0.59
CA GLU A 92 20.32 4.61 -1.24
C GLU A 92 20.17 4.37 -2.74
N GLY A 93 18.98 4.63 -3.27
CA GLY A 93 18.73 4.42 -4.68
C GLY A 93 19.21 5.57 -5.56
N GLY A 94 18.99 5.43 -6.87
CA GLY A 94 19.39 6.45 -7.81
C GLY A 94 18.16 6.91 -8.57
N TYR A 95 17.82 8.19 -8.45
CA TYR A 95 16.65 8.74 -9.10
C TYR A 95 16.91 10.12 -9.69
N ARG A 96 16.13 10.48 -10.70
CA ARG A 96 16.25 11.81 -11.28
C ARG A 96 15.19 12.64 -10.55
N LEU A 97 15.61 13.75 -9.95
CA LEU A 97 14.69 14.61 -9.21
C LEU A 97 14.04 15.68 -10.09
N VAL A 98 14.76 16.11 -11.12
CA VAL A 98 14.25 17.12 -12.04
C VAL A 98 14.65 16.70 -13.46
N HIS A 99 13.65 16.65 -14.35
CA HIS A 99 13.88 16.22 -15.72
C HIS A 99 13.52 17.31 -16.76
N ALA A 100 14.10 18.49 -16.59
CA ALA A 100 13.89 19.60 -17.53
C ALA A 100 12.45 19.81 -18.00
N GLU A 101 12.28 19.89 -19.31
CA GLU A 101 10.96 20.11 -19.93
C GLU A 101 9.87 19.22 -19.35
N GLY A 102 10.18 17.93 -19.17
CA GLY A 102 9.22 17.00 -18.62
C GLY A 102 8.60 17.42 -17.30
N ASP A 103 9.34 18.19 -16.50
CA ASP A 103 8.85 18.67 -15.21
C ASP A 103 8.56 20.16 -15.29
N LEU A 104 8.39 20.67 -16.51
CA LEU A 104 8.15 22.09 -16.72
C LEU A 104 9.25 22.91 -16.07
N LEU A 105 10.47 22.41 -16.19
CA LEU A 105 11.65 23.08 -15.65
C LEU A 105 12.73 23.02 -16.74
N PRO A 106 12.42 23.60 -17.91
CA PRO A 106 13.36 23.61 -19.05
C PRO A 106 14.74 24.11 -18.63
N GLY A 107 15.79 23.45 -19.11
CA GLY A 107 17.13 23.89 -18.80
C GLY A 107 17.71 23.43 -17.47
N LEU A 108 16.95 22.60 -16.73
CA LEU A 108 17.44 22.12 -15.45
C LEU A 108 17.25 20.61 -15.29
N VAL A 109 18.31 19.96 -14.83
CA VAL A 109 18.31 18.53 -14.57
C VAL A 109 18.99 18.29 -13.23
N VAL A 110 18.41 17.44 -12.40
CA VAL A 110 19.00 17.12 -11.11
C VAL A 110 18.86 15.61 -10.90
N ASP A 111 19.99 14.97 -10.64
CA ASP A 111 20.00 13.53 -10.37
C ASP A 111 20.38 13.29 -8.90
N TYR A 112 19.88 12.20 -8.35
CA TYR A 112 20.12 11.82 -6.97
C TYR A 112 20.80 10.44 -6.92
N TYR A 113 21.97 10.39 -6.28
CA TYR A 113 22.72 9.14 -6.16
C TYR A 113 22.97 8.86 -4.69
N ALA A 114 22.10 8.04 -4.10
CA ALA A 114 22.22 7.65 -2.70
C ALA A 114 22.53 8.81 -1.77
N GLY A 115 21.76 9.90 -1.90
CA GLY A 115 21.94 11.05 -1.03
C GLY A 115 22.78 12.19 -1.57
N HIS A 116 23.41 11.99 -2.72
CA HIS A 116 24.24 13.02 -3.32
C HIS A 116 23.62 13.44 -4.64
N ALA A 117 23.20 14.71 -4.71
CA ALA A 117 22.57 15.25 -5.91
C ALA A 117 23.55 15.94 -6.82
N VAL A 118 23.31 15.86 -8.13
CA VAL A 118 24.17 16.50 -9.10
C VAL A 118 23.27 17.35 -9.99
N VAL A 119 23.53 18.65 -9.99
CA VAL A 119 22.74 19.61 -10.76
C VAL A 119 23.43 20.02 -12.05
N GLN A 120 22.65 20.07 -13.13
CA GLN A 120 23.17 20.48 -14.44
C GLN A 120 22.21 21.51 -15.04
N ALA A 121 22.68 22.75 -15.14
CA ALA A 121 21.86 23.84 -15.70
C ALA A 121 22.32 24.15 -17.11
N THR A 122 21.38 24.22 -18.05
CA THR A 122 21.71 24.50 -19.45
C THR A 122 20.97 25.70 -20.04
N ALA A 123 20.24 26.42 -19.20
CA ALA A 123 19.51 27.60 -19.63
C ALA A 123 20.03 28.75 -18.76
N HIS A 124 20.35 29.87 -19.40
CA HIS A 124 20.89 31.02 -18.68
C HIS A 124 20.16 31.41 -17.39
N ALA A 125 18.84 31.50 -17.44
CA ALA A 125 18.07 31.90 -16.26
C ALA A 125 18.34 31.10 -14.98
N TRP A 126 18.70 29.82 -15.11
CA TRP A 126 18.96 28.98 -13.94
C TRP A 126 20.23 29.31 -13.18
N GLU A 127 21.24 29.81 -13.88
CA GLU A 127 22.52 30.10 -13.23
C GLU A 127 22.39 30.88 -11.93
N GLY A 128 21.69 32.01 -11.97
CA GLY A 128 21.53 32.83 -10.77
C GLY A 128 20.59 32.26 -9.73
N LEU A 129 19.93 31.14 -10.05
CA LEU A 129 19.01 30.51 -9.12
C LEU A 129 19.58 29.23 -8.51
N LEU A 130 20.81 28.90 -8.87
CA LEU A 130 21.43 27.68 -8.34
C LEU A 130 21.42 27.63 -6.81
N PRO A 131 21.63 28.78 -6.14
CA PRO A 131 21.61 28.74 -4.67
C PRO A 131 20.23 28.31 -4.17
N GLN A 132 19.18 28.84 -4.81
CA GLN A 132 17.82 28.47 -4.42
C GLN A 132 17.58 26.99 -4.70
N VAL A 133 18.14 26.51 -5.81
CA VAL A 133 17.98 25.10 -6.16
C VAL A 133 18.61 24.23 -5.08
N ALA A 134 19.82 24.60 -4.66
CA ALA A 134 20.53 23.84 -3.64
C ALA A 134 19.73 23.80 -2.33
N GLU A 135 19.16 24.94 -1.94
CA GLU A 135 18.38 25.01 -0.71
C GLU A 135 17.11 24.16 -0.80
N ALA A 136 16.51 24.08 -1.98
CA ALA A 136 15.31 23.27 -2.16
C ALA A 136 15.67 21.79 -2.00
N LEU A 137 16.88 21.44 -2.42
CA LEU A 137 17.34 20.06 -2.32
C LEU A 137 17.79 19.65 -0.93
N ARG A 138 18.34 20.61 -0.18
CA ARG A 138 18.87 20.36 1.16
C ARG A 138 18.12 19.36 2.02
N PRO A 139 16.79 19.50 2.14
CA PRO A 139 16.03 18.56 2.98
C PRO A 139 16.15 17.09 2.56
N HIS A 140 16.52 16.86 1.30
CA HIS A 140 16.60 15.51 0.78
C HIS A 140 18.00 14.93 0.55
N VAL A 141 19.05 15.75 0.71
CA VAL A 141 20.39 15.27 0.41
C VAL A 141 21.50 15.55 1.40
N GLN A 142 22.65 14.92 1.17
CA GLN A 142 23.84 15.09 1.97
C GLN A 142 24.70 16.16 1.31
N SER A 143 24.75 16.15 -0.02
CA SER A 143 25.54 17.13 -0.76
C SER A 143 24.93 17.43 -2.13
N VAL A 144 25.36 18.54 -2.73
CA VAL A 144 24.90 18.94 -4.05
C VAL A 144 26.08 19.40 -4.89
N LEU A 145 26.24 18.81 -6.07
CA LEU A 145 27.34 19.16 -6.97
C LEU A 145 26.78 19.88 -8.19
N ALA A 146 27.43 20.98 -8.57
CA ALA A 146 27.00 21.71 -9.76
C ALA A 146 27.90 21.20 -10.88
N LYS A 147 27.38 20.28 -11.68
CA LYS A 147 28.15 19.73 -12.80
C LYS A 147 27.71 20.53 -14.01
N ASN A 148 28.36 21.68 -14.20
CA ASN A 148 28.02 22.55 -15.31
C ASN A 148 29.07 22.63 -16.40
N ASP A 149 29.47 21.47 -16.91
CA ASP A 149 30.47 21.43 -17.97
C ASP A 149 29.94 20.92 -19.31
N ALA A 150 28.62 20.74 -19.42
CA ALA A 150 28.03 20.27 -20.67
C ALA A 150 28.24 21.32 -21.75
N ARG A 151 28.67 20.89 -22.93
CA ARG A 151 28.91 21.81 -24.04
C ARG A 151 27.69 22.62 -24.44
N THR A 152 26.50 22.12 -24.14
CA THR A 152 25.27 22.85 -24.47
C THR A 152 25.23 24.21 -23.79
N ARG A 153 25.97 24.36 -22.70
CA ARG A 153 26.02 25.62 -21.97
C ARG A 153 26.70 26.72 -22.80
N GLU A 154 27.60 26.33 -23.69
CA GLU A 154 28.30 27.29 -24.54
C GLU A 154 27.29 28.07 -25.39
N LEU A 155 26.25 27.39 -25.85
CA LEU A 155 25.22 28.03 -26.67
C LEU A 155 24.53 29.17 -25.93
N GLU A 156 24.33 28.98 -24.62
CA GLU A 156 23.67 29.98 -23.79
C GLU A 156 24.62 31.06 -23.30
N GLY A 157 25.90 30.93 -23.65
CA GLY A 157 26.88 31.89 -23.22
C GLY A 157 27.20 31.73 -21.74
N LEU A 158 27.15 30.50 -21.26
CA LEU A 158 27.44 30.19 -19.86
C LEU A 158 28.83 29.58 -19.71
N PRO A 159 29.49 29.84 -18.56
CA PRO A 159 30.82 29.27 -18.34
C PRO A 159 30.74 27.77 -18.03
N LEU A 160 31.83 27.05 -18.27
CA LEU A 160 31.88 25.62 -17.99
C LEU A 160 32.68 25.41 -16.72
N TYR A 161 32.15 24.60 -15.82
CA TYR A 161 32.83 24.32 -14.55
C TYR A 161 32.09 23.22 -13.80
N VAL A 162 32.75 22.67 -12.79
CA VAL A 162 32.19 21.63 -11.94
C VAL A 162 32.60 22.02 -10.52
N ARG A 163 31.63 22.43 -9.70
CA ARG A 163 31.91 22.85 -8.33
C ARG A 163 30.80 22.49 -7.37
N PRO A 164 31.16 22.11 -6.14
CA PRO A 164 30.13 21.76 -5.14
C PRO A 164 29.28 22.98 -4.81
N LEU A 165 28.01 22.73 -4.50
CA LEU A 165 27.06 23.80 -4.14
C LEU A 165 26.69 23.70 -2.67
N LEU A 166 26.65 22.47 -2.16
CA LEU A 166 26.27 22.24 -0.77
C LEU A 166 26.91 20.97 -0.21
N GLY A 167 27.34 21.04 1.04
CA GLY A 167 27.95 19.89 1.68
C GLY A 167 29.27 19.40 1.09
N GLU A 168 29.65 18.18 1.47
CA GLU A 168 30.88 17.58 1.00
C GLU A 168 30.58 16.54 -0.09
N VAL A 169 31.02 16.84 -1.31
CA VAL A 169 30.79 15.93 -2.44
C VAL A 169 31.85 14.83 -2.48
N PRO A 170 31.44 13.56 -2.40
CA PRO A 170 32.38 12.44 -2.45
C PRO A 170 32.83 12.14 -3.87
N GLU A 171 33.90 11.37 -4.01
CA GLU A 171 34.40 11.03 -5.34
C GLU A 171 33.57 9.90 -5.94
N ARG A 172 33.24 8.91 -5.11
CA ARG A 172 32.46 7.76 -5.54
C ARG A 172 31.29 7.56 -4.58
N VAL A 173 30.23 6.95 -5.08
CA VAL A 173 29.05 6.70 -4.26
C VAL A 173 28.44 5.36 -4.64
N GLN A 174 28.09 4.54 -3.65
CA GLN A 174 27.47 3.25 -3.92
C GLN A 174 25.96 3.40 -3.93
N VAL A 175 25.34 3.00 -5.03
CA VAL A 175 23.88 3.09 -5.20
C VAL A 175 23.26 1.70 -5.18
N GLN A 176 22.17 1.56 -4.43
CA GLN A 176 21.46 0.30 -4.35
C GLN A 176 20.38 0.31 -5.43
N GLU A 177 20.30 -0.78 -6.18
CA GLU A 177 19.30 -0.91 -7.23
C GLU A 177 18.82 -2.35 -7.21
N GLY A 178 17.73 -2.59 -6.48
CA GLY A 178 17.21 -3.93 -6.38
C GLY A 178 18.18 -4.82 -5.63
N ARG A 179 18.52 -5.97 -6.22
CA ARG A 179 19.42 -6.92 -5.59
C ARG A 179 20.90 -6.64 -5.84
N VAL A 180 21.22 -5.56 -6.52
CA VAL A 180 22.62 -5.23 -6.78
C VAL A 180 22.96 -3.79 -6.43
N ARG A 181 24.25 -3.51 -6.42
CA ARG A 181 24.75 -2.18 -6.11
C ARG A 181 25.74 -1.81 -7.20
N TYR A 182 25.87 -0.51 -7.49
CA TYR A 182 26.83 -0.09 -8.49
C TYR A 182 27.52 1.18 -8.00
N LEU A 183 28.73 1.40 -8.48
CA LEU A 183 29.51 2.56 -8.05
C LEU A 183 29.46 3.73 -9.03
N VAL A 184 28.93 4.86 -8.55
CA VAL A 184 28.85 6.06 -9.37
C VAL A 184 30.10 6.89 -9.13
N ASP A 185 30.60 7.54 -10.19
CA ASP A 185 31.79 8.37 -10.05
C ASP A 185 31.39 9.82 -10.31
N LEU A 186 31.44 10.64 -9.27
CA LEU A 186 31.06 12.04 -9.37
C LEU A 186 32.17 12.97 -9.84
N ARG A 187 33.37 12.44 -10.05
CA ARG A 187 34.49 13.25 -10.52
C ARG A 187 34.26 13.66 -11.97
N ALA A 188 34.65 14.89 -12.30
CA ALA A 188 34.49 15.43 -13.64
C ALA A 188 34.98 14.54 -14.79
N GLY A 189 36.26 14.19 -14.77
CA GLY A 189 36.81 13.37 -15.84
C GLY A 189 36.44 11.90 -15.88
N GLN A 190 35.56 11.45 -14.99
CA GLN A 190 35.17 10.05 -14.94
C GLN A 190 33.72 9.83 -15.32
N LYS A 191 33.42 8.66 -15.89
CA LYS A 191 32.06 8.32 -16.27
C LYS A 191 31.20 8.18 -15.02
N THR A 192 30.09 8.89 -14.99
CA THR A 192 29.20 8.80 -13.83
C THR A 192 28.77 7.34 -13.69
N GLY A 193 28.40 6.73 -14.82
CA GLY A 193 28.01 5.32 -14.85
C GLY A 193 26.72 4.90 -14.17
N ALA A 194 25.70 5.74 -14.20
CA ALA A 194 24.42 5.44 -13.57
C ALA A 194 23.32 5.08 -14.55
N TYR A 195 23.19 5.87 -15.62
CA TYR A 195 22.15 5.64 -16.65
C TYR A 195 20.81 5.33 -16.00
N LEU A 196 20.31 6.28 -15.22
CA LEU A 196 19.07 6.12 -14.48
C LEU A 196 17.81 5.91 -15.33
N ASP A 197 17.80 6.37 -16.57
CA ASP A 197 16.60 6.18 -17.37
C ASP A 197 16.29 4.71 -17.60
N GLN A 198 17.29 3.86 -17.41
CA GLN A 198 17.11 2.42 -17.59
C GLN A 198 16.98 1.67 -16.26
N ARG A 199 16.93 2.42 -15.15
CA ARG A 199 16.83 1.80 -13.82
C ARG A 199 15.72 0.74 -13.70
N GLU A 200 14.49 1.13 -14.05
CA GLU A 200 13.36 0.21 -13.96
C GLU A 200 13.43 -0.93 -14.97
N ASN A 201 13.98 -0.65 -16.15
CA ASN A 201 14.09 -1.68 -17.16
C ASN A 201 15.15 -2.70 -16.73
N ARG A 202 16.18 -2.24 -16.03
CA ARG A 202 17.22 -3.14 -15.55
C ARG A 202 16.64 -4.05 -14.46
N LEU A 203 15.85 -3.47 -13.58
CA LEU A 203 15.25 -4.25 -12.49
C LEU A 203 14.28 -5.28 -13.04
N TYR A 204 13.62 -4.93 -14.15
CA TYR A 204 12.66 -5.83 -14.78
C TYR A 204 13.33 -7.14 -15.21
N MSE A 205 14.62 -7.07 -15.52
CA MSE A 205 15.40 -8.23 -15.96
C MSE A 205 15.55 -9.31 -14.90
O MSE A 205 15.81 -10.47 -15.22
CB MSE A 205 16.81 -7.79 -16.38
CG MSE A 205 16.86 -6.84 -17.55
SE MSE A 205 16.37 -7.72 -19.18
CE MSE A 205 14.53 -7.31 -19.14
N GLU A 206 15.41 -8.93 -13.63
CA GLU A 206 15.59 -9.88 -12.54
C GLU A 206 14.63 -11.06 -12.55
N ARG A 207 13.52 -10.95 -13.26
CA ARG A 207 12.55 -12.04 -13.30
C ARG A 207 12.92 -13.16 -14.26
N PHE A 208 13.97 -12.97 -15.05
CA PHE A 208 14.36 -14.00 -16.00
C PHE A 208 15.53 -14.86 -15.52
N ARG A 209 15.49 -16.13 -15.89
CA ARG A 209 16.53 -17.07 -15.52
C ARG A 209 16.87 -17.95 -16.69
N GLY A 210 18.11 -18.43 -16.75
CA GLY A 210 18.51 -19.29 -17.84
C GLY A 210 19.99 -19.61 -17.79
N GLU A 211 20.50 -20.22 -18.84
CA GLU A 211 21.91 -20.59 -18.89
C GLU A 211 22.81 -19.45 -19.36
N ARG A 212 22.62 -18.99 -20.60
CA ARG A 212 23.48 -17.92 -21.12
C ARG A 212 22.74 -16.66 -21.57
N ALA A 213 23.30 -15.50 -21.20
CA ALA A 213 22.73 -14.22 -21.56
C ALA A 213 23.79 -13.34 -22.19
N LEU A 214 23.39 -12.54 -23.18
CA LEU A 214 24.27 -11.63 -23.89
C LEU A 214 23.76 -10.20 -23.72
N ASP A 215 24.61 -9.32 -23.18
CA ASP A 215 24.25 -7.92 -22.99
C ASP A 215 25.04 -7.09 -23.99
N VAL A 216 24.40 -6.79 -25.11
CA VAL A 216 25.02 -6.01 -26.18
C VAL A 216 24.90 -4.51 -25.91
N PHE A 217 26.02 -3.81 -26.06
CA PHE A 217 26.10 -2.37 -25.79
C PHE A 217 25.91 -2.24 -24.29
N SER A 218 26.70 -3.06 -23.56
CA SER A 218 26.72 -3.13 -22.10
C SER A 218 27.04 -1.83 -21.35
N TYR A 219 27.72 -0.87 -21.99
CA TYR A 219 28.21 0.39 -21.32
C TYR A 219 28.63 0.05 -19.87
N ALA A 220 28.16 0.63 -18.79
CA ALA A 220 28.76 0.22 -17.51
C ALA A 220 28.34 -1.16 -16.92
N GLY A 221 27.62 -1.99 -17.71
CA GLY A 221 27.25 -3.33 -17.27
C GLY A 221 26.03 -3.43 -16.33
N GLY A 222 25.22 -2.38 -16.31
CA GLY A 222 24.03 -2.39 -15.48
C GLY A 222 23.09 -3.55 -15.75
N PHE A 223 22.73 -3.78 -17.01
CA PHE A 223 21.84 -4.90 -17.33
C PHE A 223 22.52 -6.21 -16.97
N ALA A 224 23.81 -6.30 -17.25
CA ALA A 224 24.57 -7.52 -16.94
C ALA A 224 24.55 -7.88 -15.45
N LEU A 225 24.60 -6.88 -14.58
CA LEU A 225 24.59 -7.13 -13.13
C LEU A 225 23.33 -7.83 -12.68
N HIS A 226 22.19 -7.40 -13.20
CA HIS A 226 20.91 -8.00 -12.85
C HIS A 226 20.73 -9.37 -13.49
N LEU A 227 21.24 -9.53 -14.71
CA LEU A 227 21.13 -10.81 -15.41
C LEU A 227 22.01 -11.87 -14.73
N ALA A 228 23.10 -11.41 -14.13
CA ALA A 228 24.03 -12.33 -13.45
C ALA A 228 23.38 -13.06 -12.28
N LEU A 229 22.31 -12.48 -11.74
CA LEU A 229 21.62 -13.09 -10.62
C LEU A 229 20.84 -14.33 -11.04
N GLY A 230 20.34 -14.32 -12.27
CA GLY A 230 19.55 -15.46 -12.74
C GLY A 230 20.12 -16.29 -13.89
N PHE A 231 21.26 -15.87 -14.43
CA PHE A 231 21.89 -16.60 -15.53
C PHE A 231 23.27 -17.12 -15.14
N ARG A 232 23.61 -18.30 -15.64
CA ARG A 232 24.90 -18.93 -15.34
C ARG A 232 26.05 -18.16 -15.97
N GLU A 233 25.85 -17.72 -17.21
CA GLU A 233 26.87 -16.99 -17.93
C GLU A 233 26.29 -15.72 -18.54
N VAL A 234 26.94 -14.60 -18.27
CA VAL A 234 26.49 -13.32 -18.82
C VAL A 234 27.65 -12.69 -19.56
N VAL A 235 27.48 -12.42 -20.84
CA VAL A 235 28.55 -11.81 -21.62
C VAL A 235 28.21 -10.34 -21.86
N ALA A 236 29.05 -9.45 -21.34
CA ALA A 236 28.84 -8.01 -21.50
C ALA A 236 29.73 -7.49 -22.63
N VAL A 237 29.12 -7.06 -23.72
CA VAL A 237 29.86 -6.57 -24.87
C VAL A 237 29.79 -5.06 -25.03
N ASP A 238 30.93 -4.45 -25.37
CA ASP A 238 31.00 -3.01 -25.58
C ASP A 238 32.32 -2.66 -26.26
N SER A 239 32.32 -1.60 -27.05
CA SER A 239 33.54 -1.19 -27.74
C SER A 239 34.39 -0.25 -26.89
N SER A 240 33.88 0.13 -25.72
CA SER A 240 34.60 1.02 -24.82
C SER A 240 35.32 0.28 -23.71
N ALA A 241 36.64 0.29 -23.75
CA ALA A 241 37.44 -0.39 -22.73
C ALA A 241 37.17 0.24 -21.36
N GLU A 242 37.06 1.56 -21.33
CA GLU A 242 36.81 2.28 -20.09
C GLU A 242 35.47 1.88 -19.47
N ALA A 243 34.45 1.72 -20.32
CA ALA A 243 33.13 1.33 -19.85
C ALA A 243 33.17 -0.09 -19.28
N LEU A 244 33.87 -0.99 -19.95
CA LEU A 244 33.97 -2.37 -19.50
C LEU A 244 34.77 -2.49 -18.19
N ARG A 245 35.62 -1.51 -17.92
CA ARG A 245 36.39 -1.52 -16.68
C ARG A 245 35.41 -1.27 -15.54
N ARG A 246 34.50 -0.32 -15.75
CA ARG A 246 33.51 -0.01 -14.73
C ARG A 246 32.64 -1.26 -14.54
N ALA A 247 32.27 -1.88 -15.66
CA ALA A 247 31.43 -3.08 -15.63
C ALA A 247 32.07 -4.15 -14.76
N GLU A 248 33.37 -4.37 -14.96
CA GLU A 248 34.07 -5.40 -14.19
C GLU A 248 34.15 -5.02 -12.71
N GLU A 249 34.33 -3.73 -12.44
CA GLU A 249 34.41 -3.26 -11.06
C GLU A 249 33.07 -3.44 -10.36
N ASN A 250 31.97 -3.14 -11.04
CA ASN A 250 30.65 -3.30 -10.44
C ASN A 250 30.33 -4.78 -10.22
N ALA A 251 30.80 -5.64 -11.12
CA ALA A 251 30.54 -7.06 -10.96
C ALA A 251 31.29 -7.53 -9.71
N ARG A 252 32.53 -7.07 -9.57
CA ARG A 252 33.37 -7.44 -8.43
C ARG A 252 32.73 -6.97 -7.12
N LEU A 253 32.17 -5.76 -7.14
CA LEU A 253 31.51 -5.20 -5.96
C LEU A 253 30.39 -6.10 -5.47
N ASN A 254 29.72 -6.75 -6.41
CA ASN A 254 28.60 -7.63 -6.10
C ASN A 254 29.01 -9.09 -5.97
N GLY A 255 30.29 -9.36 -6.16
CA GLY A 255 30.78 -10.73 -6.09
C GLY A 255 30.20 -11.59 -7.19
N LEU A 256 29.88 -10.97 -8.33
CA LEU A 256 29.31 -11.68 -9.47
C LEU A 256 30.37 -12.05 -10.49
N GLY A 257 31.06 -13.16 -10.24
CA GLY A 257 32.10 -13.60 -11.15
C GLY A 257 31.61 -14.24 -12.43
N ASN A 258 30.29 -14.44 -12.54
CA ASN A 258 29.74 -15.04 -13.74
C ASN A 258 29.50 -14.04 -14.86
N VAL A 259 30.00 -12.83 -14.70
CA VAL A 259 29.88 -11.81 -15.74
C VAL A 259 31.25 -11.66 -16.41
N ARG A 260 31.31 -11.90 -17.71
CA ARG A 260 32.58 -11.72 -18.42
C ARG A 260 32.43 -10.64 -19.47
N VAL A 261 33.38 -9.71 -19.51
CA VAL A 261 33.34 -8.61 -20.47
C VAL A 261 34.08 -8.95 -21.75
N LEU A 262 33.62 -8.35 -22.84
CA LEU A 262 34.21 -8.59 -24.15
C LEU A 262 34.27 -7.28 -24.92
N GLU A 263 35.48 -6.83 -25.23
CA GLU A 263 35.65 -5.59 -25.97
C GLU A 263 35.57 -5.90 -27.46
N ALA A 264 34.50 -5.44 -28.11
CA ALA A 264 34.32 -5.70 -29.52
C ALA A 264 33.24 -4.83 -30.16
N ASN A 265 33.17 -4.89 -31.48
CA ASN A 265 32.17 -4.15 -32.23
C ASN A 265 30.92 -5.03 -32.18
N ALA A 266 29.84 -4.47 -31.65
CA ALA A 266 28.59 -5.22 -31.51
C ALA A 266 28.10 -5.87 -32.79
N PHE A 267 28.11 -5.12 -33.89
CA PHE A 267 27.64 -5.63 -35.17
C PHE A 267 28.44 -6.84 -35.65
N ASP A 268 29.77 -6.74 -35.61
CA ASP A 268 30.62 -7.84 -36.04
C ASP A 268 30.45 -9.06 -35.14
N LEU A 269 30.50 -8.83 -33.83
CA LEU A 269 30.36 -9.93 -32.88
C LEU A 269 29.10 -10.76 -33.08
N LEU A 270 27.95 -10.10 -33.18
CA LEU A 270 26.67 -10.79 -33.35
C LEU A 270 26.67 -11.75 -34.54
N ARG A 271 27.13 -11.27 -35.68
CA ARG A 271 27.17 -12.11 -36.88
C ARG A 271 28.17 -13.23 -36.67
N ARG A 272 29.31 -12.90 -36.07
CA ARG A 272 30.36 -13.87 -35.83
C ARG A 272 29.89 -14.98 -34.87
N LEU A 273 29.21 -14.58 -33.79
CA LEU A 273 28.73 -15.56 -32.81
C LEU A 273 27.73 -16.52 -33.45
N GLU A 274 26.88 -15.98 -34.32
CA GLU A 274 25.88 -16.79 -35.00
C GLU A 274 26.55 -17.74 -35.99
N LYS A 275 27.62 -17.26 -36.61
CA LYS A 275 28.35 -18.05 -37.58
C LYS A 275 28.91 -19.32 -36.93
N GLU A 276 29.42 -19.19 -35.72
CA GLU A 276 29.99 -20.33 -35.01
C GLU A 276 28.97 -21.09 -34.18
N GLY A 277 27.69 -20.92 -34.52
CA GLY A 277 26.62 -21.62 -33.83
C GLY A 277 26.35 -21.35 -32.37
N GLU A 278 26.75 -20.18 -31.86
CA GLU A 278 26.48 -19.88 -30.46
C GLU A 278 25.01 -19.50 -30.27
N ARG A 279 24.43 -20.00 -29.18
CA ARG A 279 23.04 -19.73 -28.86
C ARG A 279 22.90 -19.19 -27.44
N PHE A 280 21.91 -18.31 -27.25
CA PHE A 280 21.67 -17.72 -25.94
C PHE A 280 20.22 -17.84 -25.54
N ASP A 281 19.98 -17.76 -24.23
CA ASP A 281 18.64 -17.82 -23.71
C ASP A 281 18.07 -16.43 -23.54
N LEU A 282 18.94 -15.42 -23.62
CA LEU A 282 18.50 -14.04 -23.50
C LEU A 282 19.52 -13.06 -24.07
N VAL A 283 19.01 -12.10 -24.82
CA VAL A 283 19.85 -11.06 -25.41
C VAL A 283 19.24 -9.70 -25.10
N VAL A 284 20.05 -8.77 -24.61
CA VAL A 284 19.60 -7.42 -24.32
C VAL A 284 20.32 -6.49 -25.29
N LEU A 285 19.55 -5.67 -26.00
CA LEU A 285 20.13 -4.71 -26.94
C LEU A 285 19.78 -3.29 -26.45
N ASP A 286 20.78 -2.56 -25.97
CA ASP A 286 20.56 -1.19 -25.48
C ASP A 286 21.58 -0.29 -26.17
N PRO A 287 21.52 -0.19 -27.50
CA PRO A 287 22.44 0.63 -28.27
C PRO A 287 22.36 2.14 -28.06
N PRO A 288 23.44 2.86 -28.36
CA PRO A 288 23.43 4.31 -28.21
C PRO A 288 22.51 4.80 -29.33
N ALA A 289 22.10 6.06 -29.29
CA ALA A 289 21.22 6.59 -30.33
C ALA A 289 21.81 6.45 -31.73
N PHE A 290 21.17 5.63 -32.57
CA PHE A 290 21.64 5.44 -33.94
C PHE A 290 21.25 6.63 -34.80
N ALA A 291 20.12 7.27 -34.45
CA ALA A 291 19.64 8.42 -35.22
C ALA A 291 19.74 9.71 -34.42
N LYS A 292 20.64 10.59 -34.83
CA LYS A 292 20.81 11.88 -34.17
C LYS A 292 19.77 12.86 -34.69
N GLY A 293 19.84 13.12 -36.00
CA GLY A 293 18.90 14.04 -36.62
C GLY A 293 17.75 13.31 -37.28
N LYS A 294 16.76 14.07 -37.73
CA LYS A 294 15.58 13.49 -38.36
C LYS A 294 15.93 12.93 -39.75
N LYS A 295 17.08 13.32 -40.27
CA LYS A 295 17.51 12.86 -41.59
C LYS A 295 18.31 11.54 -41.52
N ASP A 296 18.61 11.10 -40.31
CA ASP A 296 19.35 9.86 -40.12
C ASP A 296 18.43 8.65 -39.93
N VAL A 297 17.14 8.91 -39.82
CA VAL A 297 16.16 7.85 -39.59
C VAL A 297 16.25 6.65 -40.54
N GLU A 298 16.10 6.89 -41.84
CA GLU A 298 16.15 5.79 -42.80
C GLU A 298 17.35 4.87 -42.60
N ARG A 299 18.53 5.46 -42.46
CA ARG A 299 19.74 4.68 -42.25
C ARG A 299 19.74 4.00 -40.88
N ALA A 300 19.25 4.72 -39.87
CA ALA A 300 19.20 4.17 -38.51
C ALA A 300 18.27 2.97 -38.46
N TYR A 301 17.10 3.09 -39.09
CA TYR A 301 16.12 2.01 -39.12
C TYR A 301 16.76 0.70 -39.62
N ARG A 302 17.56 0.80 -40.67
CA ARG A 302 18.23 -0.37 -41.22
C ARG A 302 19.25 -0.94 -40.25
N ALA A 303 19.95 -0.07 -39.53
CA ALA A 303 20.95 -0.48 -38.55
C ALA A 303 20.29 -1.21 -37.38
N TYR A 304 19.18 -0.64 -36.90
CA TYR A 304 18.44 -1.25 -35.79
C TYR A 304 17.91 -2.61 -36.22
N LYS A 305 17.31 -2.67 -37.41
CA LYS A 305 16.74 -3.92 -37.90
C LYS A 305 17.79 -5.02 -38.02
N GLU A 306 18.99 -4.65 -38.47
CA GLU A 306 20.06 -5.64 -38.61
C GLU A 306 20.52 -6.19 -37.27
N VAL A 307 20.77 -5.32 -36.30
CA VAL A 307 21.22 -5.80 -35.00
C VAL A 307 20.12 -6.62 -34.33
N ASN A 308 18.87 -6.23 -34.51
CA ASN A 308 17.77 -6.98 -33.91
C ASN A 308 17.58 -8.32 -34.61
N LEU A 309 17.74 -8.35 -35.92
CA LEU A 309 17.61 -9.59 -36.67
C LEU A 309 18.69 -10.58 -36.21
N ARG A 310 19.91 -10.10 -36.04
CA ARG A 310 20.99 -10.98 -35.62
C ARG A 310 20.79 -11.49 -34.19
N ALA A 311 20.26 -10.63 -33.32
CA ALA A 311 20.01 -11.01 -31.94
C ALA A 311 18.96 -12.11 -31.85
N ILE A 312 17.87 -11.96 -32.62
CA ILE A 312 16.80 -12.94 -32.64
C ILE A 312 17.29 -14.31 -33.14
N LYS A 313 18.20 -14.32 -34.10
CA LYS A 313 18.72 -15.56 -34.64
C LYS A 313 19.61 -16.31 -33.65
N LEU A 314 20.05 -15.61 -32.61
CA LEU A 314 20.90 -16.23 -31.59
C LEU A 314 20.07 -16.88 -30.48
N LEU A 315 18.77 -16.60 -30.47
CA LEU A 315 17.88 -17.13 -29.43
C LEU A 315 17.26 -18.50 -29.66
N LYS A 316 17.21 -19.28 -28.59
CA LYS A 316 16.64 -20.62 -28.60
C LYS A 316 15.14 -20.46 -28.31
N GLU A 317 14.37 -21.53 -28.48
CA GLU A 317 12.94 -21.45 -28.21
C GLU A 317 12.80 -21.14 -26.73
N GLY A 318 11.96 -20.17 -26.39
CA GLY A 318 11.79 -19.77 -25.00
C GLY A 318 12.76 -18.65 -24.68
N GLY A 319 13.57 -18.28 -25.66
CA GLY A 319 14.53 -17.21 -25.45
C GLY A 319 13.88 -15.85 -25.24
N ILE A 320 14.59 -14.96 -24.56
CA ILE A 320 14.06 -13.63 -24.29
C ILE A 320 14.85 -12.55 -25.02
N LEU A 321 14.12 -11.63 -25.65
CA LEU A 321 14.73 -10.50 -26.33
C LEU A 321 14.30 -9.21 -25.65
N ALA A 322 15.27 -8.46 -25.13
CA ALA A 322 15.00 -7.18 -24.49
C ALA A 322 15.70 -6.21 -25.42
N THR A 323 14.92 -5.38 -26.11
CA THR A 323 15.51 -4.47 -27.07
C THR A 323 15.03 -3.04 -26.87
N ALA A 324 15.93 -2.08 -27.10
CA ALA A 324 15.61 -0.68 -26.90
C ALA A 324 16.22 0.26 -27.93
N SER A 325 15.78 1.51 -27.87
CA SER A 325 16.28 2.58 -28.72
C SER A 325 16.11 3.84 -27.91
N CYS A 326 17.14 4.68 -27.88
CA CYS A 326 17.06 5.93 -27.14
C CYS A 326 17.10 7.12 -28.09
N SER A 327 16.73 6.89 -29.36
CA SER A 327 16.70 7.93 -30.38
C SER A 327 15.27 8.45 -30.44
N HIS A 328 15.02 9.70 -30.06
CA HIS A 328 13.64 10.16 -30.12
C HIS A 328 13.11 10.21 -31.57
N HIS A 329 14.01 10.25 -32.55
CA HIS A 329 13.58 10.28 -33.95
C HIS A 329 13.16 8.88 -34.41
N MSE A 330 13.62 7.86 -33.70
CA MSE A 330 13.22 6.49 -34.03
C MSE A 330 11.97 6.37 -33.17
O MSE A 330 12.00 5.82 -32.07
CB MSE A 330 14.28 5.48 -33.59
CG MSE A 330 13.97 4.04 -34.00
SE MSE A 330 13.99 3.75 -35.92
CE MSE A 330 13.99 1.81 -35.92
N THR A 331 10.88 6.93 -33.67
CA THR A 331 9.59 6.95 -32.98
C THR A 331 9.15 5.57 -32.52
N GLU A 332 8.26 5.53 -31.53
CA GLU A 332 7.78 4.26 -31.02
C GLU A 332 7.14 3.43 -32.14
N PRO A 333 6.36 4.07 -33.04
CA PRO A 333 5.75 3.32 -34.13
C PRO A 333 6.81 2.69 -35.03
N LEU A 334 7.84 3.45 -35.35
CA LEU A 334 8.92 2.94 -36.20
C LEU A 334 9.67 1.82 -35.48
N PHE A 335 9.92 2.00 -34.18
CA PHE A 335 10.62 1.00 -33.39
C PHE A 335 9.93 -0.35 -33.43
N TYR A 336 8.65 -0.38 -33.07
CA TYR A 336 7.92 -1.64 -33.08
C TYR A 336 7.71 -2.23 -34.48
N ALA A 337 7.67 -1.39 -35.50
CA ALA A 337 7.52 -1.89 -36.86
C ALA A 337 8.83 -2.60 -37.22
N MSE A 338 9.94 -2.03 -36.76
CA MSE A 338 11.27 -2.57 -37.01
C MSE A 338 11.49 -3.93 -36.36
O MSE A 338 12.04 -4.84 -36.97
CB MSE A 338 12.33 -1.56 -36.55
CG MSE A 338 13.77 -2.01 -36.67
SE MSE A 338 14.38 -3.07 -35.16
CE MSE A 338 14.14 -1.75 -33.79
N VAL A 339 11.07 -4.08 -35.10
CA VAL A 339 11.25 -5.36 -34.43
C VAL A 339 10.37 -6.41 -35.10
N ALA A 340 9.18 -6.01 -35.54
CA ALA A 340 8.28 -6.95 -36.21
C ALA A 340 8.93 -7.44 -37.51
N GLU A 341 9.56 -6.53 -38.24
CA GLU A 341 10.22 -6.89 -39.49
C GLU A 341 11.37 -7.86 -39.23
N ALA A 342 12.15 -7.61 -38.19
CA ALA A 342 13.28 -8.47 -37.86
C ALA A 342 12.81 -9.86 -37.48
N ALA A 343 11.74 -9.92 -36.68
CA ALA A 343 11.20 -11.21 -36.27
C ALA A 343 10.67 -11.99 -37.46
N GLN A 344 9.96 -11.31 -38.36
CA GLN A 344 9.43 -11.97 -39.55
C GLN A 344 10.57 -12.49 -40.41
N ASP A 345 11.62 -11.69 -40.56
CA ASP A 345 12.77 -12.09 -41.39
C ASP A 345 13.54 -13.24 -40.78
N ALA A 346 13.50 -13.34 -39.46
CA ALA A 346 14.21 -14.40 -38.74
C ALA A 346 13.33 -15.65 -38.64
N HIS A 347 12.08 -15.56 -39.10
CA HIS A 347 11.14 -16.67 -39.04
C HIS A 347 10.92 -17.16 -37.60
N ARG A 348 10.88 -16.21 -36.67
CA ARG A 348 10.66 -16.53 -35.26
C ARG A 348 9.41 -15.82 -34.76
N LEU A 349 8.56 -16.56 -34.07
CA LEU A 349 7.33 -16.03 -33.51
C LEU A 349 7.64 -15.43 -32.14
N LEU A 350 7.36 -14.14 -31.96
CA LEU A 350 7.63 -13.49 -30.69
C LEU A 350 6.38 -13.05 -29.95
N ARG A 351 6.29 -13.44 -28.68
CA ARG A 351 5.18 -13.04 -27.84
C ARG A 351 5.60 -11.78 -27.10
N VAL A 352 4.70 -10.82 -26.97
CA VAL A 352 5.03 -9.59 -26.27
C VAL A 352 4.94 -9.82 -24.77
N VAL A 353 6.08 -9.69 -24.08
CA VAL A 353 6.08 -9.86 -22.63
C VAL A 353 5.71 -8.52 -22.01
N GLU A 354 6.39 -7.46 -22.44
CA GLU A 354 6.11 -6.14 -21.91
C GLU A 354 6.66 -5.00 -22.75
N LYS A 355 5.85 -3.96 -22.92
CA LYS A 355 6.23 -2.77 -23.65
C LYS A 355 6.46 -1.70 -22.59
N ARG A 356 7.69 -1.22 -22.49
CA ARG A 356 8.03 -0.22 -21.49
C ARG A 356 8.71 0.98 -22.13
N GLY A 357 9.20 1.87 -21.28
CA GLY A 357 9.86 3.05 -21.77
C GLY A 357 10.54 3.77 -20.63
N GLN A 358 10.33 5.07 -20.54
CA GLN A 358 10.95 5.88 -19.50
C GLN A 358 10.20 5.73 -18.19
N PRO A 359 10.96 5.70 -17.08
CA PRO A 359 10.41 5.57 -15.72
C PRO A 359 9.74 6.88 -15.28
N PHE A 360 9.00 6.81 -14.18
CA PHE A 360 8.25 7.97 -13.68
C PHE A 360 9.09 9.23 -13.43
N ASP A 361 10.35 9.05 -13.03
CA ASP A 361 11.22 10.20 -12.74
C ASP A 361 11.85 10.84 -13.98
N HIS A 362 11.51 10.32 -15.15
CA HIS A 362 11.99 10.86 -16.43
C HIS A 362 10.71 11.07 -17.25
N PRO A 363 9.81 11.94 -16.76
CA PRO A 363 8.52 12.30 -17.35
C PRO A 363 8.49 12.68 -18.82
N VAL A 364 7.45 12.20 -19.49
CA VAL A 364 7.22 12.46 -20.91
C VAL A 364 5.97 13.33 -21.03
N LEU A 365 6.02 14.29 -21.95
CA LEU A 365 4.88 15.17 -22.20
C LEU A 365 4.29 14.78 -23.56
N LEU A 366 2.99 14.49 -23.58
CA LEU A 366 2.36 14.12 -24.83
C LEU A 366 2.48 15.22 -25.89
N ASN A 367 2.33 16.47 -25.47
CA ASN A 367 2.37 17.63 -26.36
C ASN A 367 3.77 18.08 -26.81
N HIS A 368 4.80 17.48 -26.22
CA HIS A 368 6.19 17.84 -26.54
C HIS A 368 6.92 16.53 -26.86
N PRO A 369 6.76 16.01 -28.08
CA PRO A 369 7.36 14.76 -28.58
C PRO A 369 8.81 14.51 -28.23
N GLU A 370 9.64 15.56 -28.29
CA GLU A 370 11.05 15.41 -27.98
C GLU A 370 11.33 14.87 -26.58
N THR A 371 10.35 14.95 -25.67
CA THR A 371 10.54 14.43 -24.32
C THR A 371 10.47 12.91 -24.29
N HIS A 372 9.90 12.29 -25.32
CA HIS A 372 9.82 10.83 -25.37
C HIS A 372 10.94 10.29 -26.27
N TYR A 373 11.99 9.75 -25.66
CA TYR A 373 13.11 9.25 -26.44
C TYR A 373 13.43 7.77 -26.25
N LEU A 374 13.04 7.20 -25.11
CA LEU A 374 13.35 5.81 -24.82
C LEU A 374 12.20 4.81 -24.98
N LYS A 375 12.47 3.74 -25.73
CA LYS A 375 11.53 2.66 -25.94
C LYS A 375 12.27 1.42 -25.45
N PHE A 376 11.58 0.56 -24.71
CA PHE A 376 12.18 -0.67 -24.21
C PHE A 376 11.11 -1.74 -24.28
N ALA A 377 11.39 -2.83 -24.99
CA ALA A 377 10.42 -3.91 -25.12
C ALA A 377 11.05 -5.27 -24.86
N VAL A 378 10.26 -6.17 -24.28
CA VAL A 378 10.73 -7.52 -23.98
C VAL A 378 9.82 -8.52 -24.69
N PHE A 379 10.43 -9.46 -25.38
CA PHE A 379 9.68 -10.48 -26.12
C PHE A 379 10.21 -11.86 -25.80
N GLN A 380 9.40 -12.88 -26.09
CA GLN A 380 9.80 -14.25 -25.85
C GLN A 380 9.59 -15.07 -27.12
N VAL A 381 10.61 -15.84 -27.49
CA VAL A 381 10.53 -16.67 -28.70
C VAL A 381 9.66 -17.89 -28.42
N LEU A 382 8.65 -18.09 -29.26
CA LEU A 382 7.74 -19.24 -29.09
C LEU A 382 8.15 -20.39 -30.01
N MSE B 1 -3.20 -36.97 -44.98
CA MSE B 1 -3.85 -35.82 -45.64
C MSE B 1 -3.15 -34.51 -45.24
O MSE B 1 -2.86 -34.29 -44.06
CB MSE B 1 -5.32 -35.76 -45.25
CG MSE B 1 -6.14 -34.79 -46.06
SE MSE B 1 -5.97 -35.12 -47.95
CE MSE B 1 -7.53 -36.26 -48.17
N ARG B 2 -2.89 -33.66 -46.23
CA ARG B 2 -2.18 -32.40 -45.98
C ARG B 2 -2.86 -31.19 -46.61
N ILE B 3 -2.45 -30.01 -46.15
CA ILE B 3 -2.95 -28.74 -46.66
C ILE B 3 -1.79 -28.20 -47.51
N GLN B 4 -2.07 -27.84 -48.76
CA GLN B 4 -1.02 -27.29 -49.62
C GLN B 4 -1.34 -25.82 -49.88
N VAL B 5 -0.36 -24.95 -49.62
CA VAL B 5 -0.57 -23.52 -49.83
C VAL B 5 0.31 -23.01 -50.99
N ASN B 6 -0.05 -21.87 -51.55
CA ASN B 6 0.75 -21.29 -52.63
C ASN B 6 1.90 -20.51 -52.01
N ALA B 7 2.71 -19.86 -52.85
CA ALA B 7 3.86 -19.08 -52.38
C ALA B 7 3.48 -17.97 -51.39
N LYS B 8 2.39 -17.26 -51.67
CA LYS B 8 1.98 -16.18 -50.77
C LYS B 8 1.60 -16.73 -49.40
N GLY B 9 0.80 -17.79 -49.39
CA GLY B 9 0.40 -18.40 -48.12
C GLY B 9 1.61 -18.89 -47.34
N ALA B 10 2.58 -19.45 -48.07
CA ALA B 10 3.80 -19.95 -47.46
C ALA B 10 4.59 -18.82 -46.80
N ALA B 11 4.68 -17.68 -47.49
CA ALA B 11 5.43 -16.55 -46.95
C ALA B 11 4.76 -16.02 -45.68
N ARG B 12 3.43 -16.12 -45.61
CA ARG B 12 2.73 -15.65 -44.42
C ARG B 12 3.09 -16.53 -43.23
N LEU B 13 3.06 -17.84 -43.43
CA LEU B 13 3.39 -18.79 -42.36
C LEU B 13 4.86 -18.70 -41.97
N LEU B 14 5.74 -18.47 -42.94
CA LEU B 14 7.17 -18.37 -42.64
C LEU B 14 7.47 -17.09 -41.83
N SER B 15 6.63 -16.07 -41.98
CA SER B 15 6.82 -14.82 -41.23
C SER B 15 6.19 -15.00 -39.85
N ARG B 16 5.58 -16.16 -39.65
CA ARG B 16 4.92 -16.55 -38.42
C ARG B 16 3.57 -15.90 -38.10
N HIS B 17 2.83 -15.53 -39.15
CA HIS B 17 1.48 -15.04 -38.93
C HIS B 17 0.78 -16.39 -38.84
N LEU B 18 -0.33 -16.49 -38.13
CA LEU B 18 -0.97 -17.80 -38.00
C LEU B 18 -2.11 -18.07 -38.98
N TRP B 19 -2.45 -17.08 -39.81
CA TRP B 19 -3.57 -17.26 -40.74
C TRP B 19 -3.23 -17.30 -42.22
N VAL B 20 -3.92 -18.18 -42.92
CA VAL B 20 -3.79 -18.30 -44.37
C VAL B 20 -5.22 -18.39 -44.86
N PHE B 21 -5.61 -17.49 -45.76
CA PHE B 21 -6.97 -17.49 -46.27
C PHE B 21 -7.20 -18.43 -47.45
N ARG B 22 -8.46 -18.81 -47.63
CA ARG B 22 -8.86 -19.73 -48.68
C ARG B 22 -8.24 -19.42 -50.04
N ARG B 23 -8.07 -18.13 -50.35
CA ARG B 23 -7.49 -17.75 -51.63
C ARG B 23 -6.08 -18.31 -51.83
N ASP B 24 -5.34 -18.52 -50.75
CA ASP B 24 -3.98 -19.04 -50.86
C ASP B 24 -3.81 -20.53 -50.59
N VAL B 25 -4.92 -21.25 -50.52
CA VAL B 25 -4.85 -22.70 -50.31
C VAL B 25 -5.03 -23.36 -51.67
N VAL B 26 -4.04 -24.14 -52.08
CA VAL B 26 -4.04 -24.84 -53.37
C VAL B 26 -4.90 -26.08 -53.30
N SER B 27 -4.80 -26.80 -52.19
CA SER B 27 -5.57 -28.01 -51.99
C SER B 27 -5.61 -28.37 -50.51
N GLY B 28 -6.63 -29.13 -50.12
CA GLY B 28 -6.76 -29.52 -48.74
C GLY B 28 -7.79 -30.61 -48.58
N PRO B 29 -7.94 -31.15 -47.35
CA PRO B 29 -8.89 -32.21 -47.01
C PRO B 29 -10.33 -31.83 -47.35
N GLU B 30 -11.18 -32.84 -47.47
CA GLU B 30 -12.59 -32.62 -47.80
C GLU B 30 -13.39 -32.17 -46.58
N THR B 31 -12.88 -32.44 -45.37
CA THR B 31 -13.58 -32.05 -44.15
C THR B 31 -12.68 -31.29 -43.18
N PRO B 32 -13.29 -30.50 -42.27
CA PRO B 32 -12.52 -29.72 -41.29
C PRO B 32 -11.75 -30.66 -40.38
N GLY B 33 -10.64 -30.16 -39.81
CA GLY B 33 -9.84 -30.98 -38.91
C GLY B 33 -8.49 -30.36 -38.64
N LEU B 34 -7.59 -31.17 -38.09
CA LEU B 34 -6.24 -30.73 -37.77
C LEU B 34 -5.31 -31.43 -38.76
N TYR B 35 -4.58 -30.65 -39.54
CA TYR B 35 -3.68 -31.21 -40.55
C TYR B 35 -2.40 -30.41 -40.70
N PRO B 36 -1.34 -31.04 -41.22
CA PRO B 36 -0.09 -30.31 -41.41
C PRO B 36 -0.24 -29.48 -42.68
N VAL B 37 0.48 -28.36 -42.76
CA VAL B 37 0.43 -27.48 -43.91
C VAL B 37 1.78 -27.52 -44.60
N TYR B 38 1.75 -27.67 -45.92
CA TYR B 38 2.97 -27.74 -46.72
C TYR B 38 3.01 -26.77 -47.88
N TRP B 39 4.21 -26.37 -48.26
CA TRP B 39 4.43 -25.52 -49.43
C TRP B 39 5.26 -26.49 -50.27
N GLY B 40 4.64 -27.11 -51.26
CA GLY B 40 5.36 -28.10 -52.05
C GLY B 40 5.60 -29.26 -51.11
N ARG B 41 6.84 -29.73 -51.00
CA ARG B 41 7.13 -30.85 -50.11
C ARG B 41 7.68 -30.36 -48.78
N ARG B 42 7.72 -29.04 -48.60
CA ARG B 42 8.24 -28.46 -47.38
C ARG B 42 7.21 -28.22 -46.28
N PHE B 43 7.40 -28.88 -45.14
CA PHE B 43 6.51 -28.74 -44.00
C PHE B 43 6.57 -27.30 -43.48
N LEU B 44 5.41 -26.72 -43.19
CA LEU B 44 5.36 -25.36 -42.67
C LEU B 44 4.77 -25.29 -41.25
N ALA B 45 3.67 -26.00 -41.01
CA ALA B 45 3.05 -25.96 -39.69
C ALA B 45 1.89 -26.95 -39.54
N LEU B 46 1.38 -27.03 -38.31
CA LEU B 46 0.21 -27.86 -38.00
C LEU B 46 -0.89 -26.80 -37.88
N ALA B 47 -2.09 -27.08 -38.36
CA ALA B 47 -3.15 -26.09 -38.29
C ALA B 47 -4.55 -26.64 -38.19
N LEU B 48 -5.46 -25.78 -37.75
CA LEU B 48 -6.87 -26.13 -37.70
C LEU B 48 -7.29 -25.72 -39.10
N TYR B 49 -8.05 -26.58 -39.77
CA TYR B 49 -8.46 -26.33 -41.13
C TYR B 49 -9.95 -26.50 -41.35
N ASN B 50 -10.50 -25.68 -42.25
CA ASN B 50 -11.91 -25.80 -42.61
C ASN B 50 -11.96 -25.45 -44.09
N PRO B 51 -12.34 -26.43 -44.93
CA PRO B 51 -12.43 -26.24 -46.38
C PRO B 51 -13.62 -25.42 -46.85
N HIS B 52 -14.47 -24.98 -45.92
CA HIS B 52 -15.65 -24.22 -46.28
C HIS B 52 -15.66 -22.76 -45.82
N THR B 53 -14.55 -22.31 -45.25
CA THR B 53 -14.48 -20.94 -44.74
C THR B 53 -13.42 -20.06 -45.41
N ASP B 54 -13.60 -18.75 -45.31
CA ASP B 54 -12.64 -17.81 -45.89
C ASP B 54 -11.32 -17.92 -45.14
N LEU B 55 -11.39 -18.01 -43.81
CA LEU B 55 -10.19 -18.16 -42.99
C LEU B 55 -10.01 -19.66 -42.87
N ALA B 56 -9.38 -20.24 -43.88
CA ALA B 56 -9.17 -21.67 -43.98
C ALA B 56 -8.14 -22.29 -43.05
N VAL B 57 -7.02 -21.61 -42.87
CA VAL B 57 -5.92 -22.13 -42.07
C VAL B 57 -5.56 -21.30 -40.83
N ARG B 58 -5.53 -21.96 -39.68
CA ARG B 58 -5.17 -21.31 -38.41
C ARG B 58 -4.04 -22.16 -37.80
N ALA B 59 -2.80 -21.69 -37.93
CA ALA B 59 -1.67 -22.46 -37.42
C ALA B 59 -1.54 -22.44 -35.91
N TYR B 60 -1.07 -23.55 -35.34
CA TYR B 60 -0.86 -23.64 -33.90
C TYR B 60 0.51 -24.19 -33.51
N ARG B 61 1.28 -24.64 -34.51
CA ARG B 61 2.62 -25.11 -34.27
C ARG B 61 3.43 -25.03 -35.56
N PHE B 62 4.70 -24.66 -35.45
CA PHE B 62 5.56 -24.54 -36.63
C PHE B 62 6.63 -25.61 -36.65
N ALA B 63 6.28 -26.78 -36.12
CA ALA B 63 7.17 -27.93 -36.08
C ALA B 63 6.27 -29.15 -36.27
N PRO B 64 6.79 -30.21 -36.92
CA PRO B 64 5.96 -31.40 -37.14
C PRO B 64 5.66 -32.20 -35.86
N ALA B 65 4.63 -33.02 -35.93
CA ALA B 65 4.23 -33.84 -34.80
C ALA B 65 3.46 -35.06 -35.29
N GLU B 66 3.80 -36.23 -34.76
CA GLU B 66 3.14 -37.47 -35.12
C GLU B 66 1.63 -37.39 -34.95
N ASP B 67 1.22 -36.90 -33.78
CA ASP B 67 -0.20 -36.78 -33.45
C ASP B 67 -0.62 -35.30 -33.35
N PRO B 68 -1.30 -34.77 -34.38
CA PRO B 68 -1.75 -33.38 -34.38
C PRO B 68 -2.69 -33.05 -33.23
N VAL B 69 -3.55 -33.99 -32.86
CA VAL B 69 -4.48 -33.75 -31.76
C VAL B 69 -3.71 -33.65 -30.44
N ALA B 70 -2.73 -34.54 -30.26
CA ALA B 70 -1.92 -34.54 -29.06
C ALA B 70 -1.13 -33.23 -28.97
N ALA B 71 -0.67 -32.73 -30.11
CA ALA B 71 0.09 -31.48 -30.15
C ALA B 71 -0.78 -30.30 -29.73
N LEU B 72 -2.01 -30.28 -30.22
CA LEU B 72 -2.94 -29.20 -29.89
C LEU B 72 -3.28 -29.20 -28.39
N LEU B 73 -3.58 -30.38 -27.84
CA LEU B 73 -3.91 -30.48 -26.42
C LEU B 73 -2.70 -30.19 -25.54
N GLU B 74 -1.51 -30.33 -26.12
CA GLU B 74 -0.26 -30.04 -25.42
C GLU B 74 -0.20 -28.51 -25.29
N ASN B 75 -0.57 -27.82 -26.36
CA ASN B 75 -0.59 -26.37 -26.36
C ASN B 75 -1.59 -25.90 -25.28
N LEU B 76 -2.69 -26.64 -25.13
CA LEU B 76 -3.68 -26.30 -24.12
C LEU B 76 -3.08 -26.43 -22.72
N ALA B 77 -2.39 -27.54 -22.48
CA ALA B 77 -1.76 -27.76 -21.18
C ALA B 77 -0.77 -26.65 -20.83
N GLN B 78 -0.04 -26.18 -21.84
CA GLN B 78 0.95 -25.13 -21.62
C GLN B 78 0.30 -23.78 -21.34
N ALA B 79 -0.84 -23.51 -21.98
CA ALA B 79 -1.54 -22.26 -21.76
C ALA B 79 -2.07 -22.22 -20.33
N LEU B 80 -2.63 -23.34 -19.87
CA LEU B 80 -3.14 -23.42 -18.52
C LEU B 80 -2.01 -23.30 -17.50
N ALA B 81 -0.86 -23.90 -17.81
CA ALA B 81 0.28 -23.83 -16.90
C ALA B 81 0.71 -22.40 -16.64
N ARG B 82 0.54 -21.52 -17.64
CA ARG B 82 0.92 -20.13 -17.48
C ARG B 82 0.04 -19.36 -16.50
N ARG B 83 -1.12 -19.92 -16.16
CA ARG B 83 -2.04 -19.28 -15.21
C ARG B 83 -2.09 -19.99 -13.85
N GLU B 84 -1.37 -21.10 -13.72
CA GLU B 84 -1.36 -21.86 -12.47
C GLU B 84 -0.97 -21.04 -11.24
N ALA B 85 0.06 -20.21 -11.37
CA ALA B 85 0.53 -19.41 -10.24
C ALA B 85 -0.55 -18.44 -9.73
N VAL B 86 -1.18 -17.69 -10.63
CA VAL B 86 -2.20 -16.76 -10.18
C VAL B 86 -3.45 -17.47 -9.67
N LEU B 87 -3.82 -18.60 -10.27
CA LEU B 87 -5.00 -19.32 -9.81
C LEU B 87 -4.74 -19.88 -8.41
N ARG B 88 -3.49 -20.26 -8.16
CA ARG B 88 -3.12 -20.82 -6.85
C ARG B 88 -3.20 -19.77 -5.75
N GLN B 89 -2.74 -18.55 -6.05
CA GLN B 89 -2.75 -17.50 -5.04
C GLN B 89 -4.06 -16.71 -4.97
N ASP B 90 -4.80 -16.67 -6.08
CA ASP B 90 -6.03 -15.89 -6.16
C ASP B 90 -7.17 -16.70 -6.78
N PRO B 91 -7.62 -17.76 -6.10
CA PRO B 91 -8.70 -18.64 -6.59
C PRO B 91 -10.03 -17.94 -6.88
N GLU B 92 -10.32 -16.86 -6.16
CA GLU B 92 -11.60 -16.19 -6.37
C GLU B 92 -11.52 -15.05 -7.38
N GLY B 93 -10.40 -14.94 -8.10
CA GLY B 93 -10.27 -13.89 -9.08
C GLY B 93 -10.84 -14.23 -10.45
N GLY B 94 -10.68 -13.32 -11.40
CA GLY B 94 -11.18 -13.54 -12.75
C GLY B 94 -10.02 -13.44 -13.73
N TYR B 95 -9.74 -14.53 -14.42
CA TYR B 95 -8.63 -14.59 -15.37
C TYR B 95 -8.99 -15.32 -16.65
N ARG B 96 -8.35 -14.94 -17.75
CA ARG B 96 -8.55 -15.65 -18.99
C ARG B 96 -7.50 -16.75 -19.00
N LEU B 97 -7.93 -17.99 -19.20
CA LEU B 97 -7.02 -19.14 -19.23
C LEU B 97 -6.48 -19.46 -20.61
N VAL B 98 -7.27 -19.14 -21.64
CA VAL B 98 -6.86 -19.40 -23.01
C VAL B 98 -7.31 -18.23 -23.87
N HIS B 99 -6.37 -17.63 -24.59
CA HIS B 99 -6.63 -16.47 -25.42
C HIS B 99 -6.41 -16.72 -26.92
N ALA B 100 -7.06 -17.76 -27.43
CA ALA B 100 -7.01 -18.11 -28.85
C ALA B 100 -5.60 -18.07 -29.46
N GLU B 101 -5.47 -17.36 -30.59
CA GLU B 101 -4.18 -17.26 -31.30
C GLU B 101 -3.01 -16.89 -30.39
N GLY B 102 -3.25 -15.97 -29.47
CA GLY B 102 -2.22 -15.53 -28.55
C GLY B 102 -1.56 -16.66 -27.75
N ASP B 103 -2.31 -17.73 -27.52
CA ASP B 103 -1.79 -18.90 -26.78
C ASP B 103 -1.56 -20.06 -27.75
N LEU B 104 -1.50 -19.75 -29.04
CA LEU B 104 -1.33 -20.77 -30.06
C LEU B 104 -2.45 -21.81 -29.94
N LEU B 105 -3.65 -21.34 -29.67
CA LEU B 105 -4.84 -22.19 -29.56
C LEU B 105 -5.94 -21.49 -30.35
N PRO B 106 -5.72 -21.30 -31.66
CA PRO B 106 -6.70 -20.63 -32.53
C PRO B 106 -8.13 -21.17 -32.38
N GLY B 107 -9.09 -20.28 -32.33
CA GLY B 107 -10.47 -20.71 -32.23
C GLY B 107 -10.96 -21.12 -30.86
N LEU B 108 -10.15 -20.91 -29.84
CA LEU B 108 -10.54 -21.29 -28.48
C LEU B 108 -10.22 -20.21 -27.47
N VAL B 109 -11.22 -19.89 -26.65
CA VAL B 109 -11.08 -18.90 -25.59
C VAL B 109 -11.69 -19.53 -24.34
N VAL B 110 -11.02 -19.35 -23.20
CA VAL B 110 -11.54 -19.89 -21.94
C VAL B 110 -11.33 -18.87 -20.85
N ASP B 111 -12.40 -18.50 -20.16
CA ASP B 111 -12.31 -17.55 -19.07
C ASP B 111 -12.61 -18.24 -17.75
N TYR B 112 -12.01 -17.73 -16.69
CA TYR B 112 -12.15 -18.28 -15.35
C TYR B 112 -12.75 -17.23 -14.42
N TYR B 113 -13.89 -17.56 -13.82
CA TYR B 113 -14.56 -16.64 -12.90
C TYR B 113 -14.71 -17.33 -11.56
N ALA B 114 -13.79 -17.04 -10.65
CA ALA B 114 -13.82 -17.60 -9.30
C ALA B 114 -14.16 -19.09 -9.29
N GLY B 115 -13.39 -19.88 -10.04
CA GLY B 115 -13.59 -21.32 -10.07
C GLY B 115 -14.51 -21.88 -11.14
N HIS B 116 -15.17 -21.02 -11.89
CA HIS B 116 -16.09 -21.44 -12.94
C HIS B 116 -15.56 -21.01 -14.30
N ALA B 117 -15.24 -22.00 -15.14
CA ALA B 117 -14.70 -21.72 -16.46
C ALA B 117 -15.80 -21.65 -17.50
N VAL B 118 -15.60 -20.78 -18.48
CA VAL B 118 -16.54 -20.62 -19.57
C VAL B 118 -15.73 -20.74 -20.88
N VAL B 119 -16.06 -21.77 -21.66
CA VAL B 119 -15.41 -22.08 -22.93
C VAL B 119 -16.21 -21.58 -24.13
N GLN B 120 -15.52 -20.93 -25.07
CA GLN B 120 -16.14 -20.43 -26.29
C GLN B 120 -15.26 -20.88 -27.45
N ALA B 121 -15.78 -21.74 -28.32
CA ALA B 121 -15.01 -22.22 -29.47
C ALA B 121 -15.59 -21.63 -30.75
N THR B 122 -14.71 -21.31 -31.70
CA THR B 122 -15.15 -20.73 -32.97
C THR B 122 -14.57 -21.44 -34.19
N ALA B 123 -13.88 -22.55 -33.96
CA ALA B 123 -13.29 -23.31 -35.05
C ALA B 123 -13.81 -24.74 -34.95
N HIS B 124 -14.18 -25.32 -36.08
CA HIS B 124 -14.75 -26.65 -36.13
C HIS B 124 -14.03 -27.76 -35.35
N ALA B 125 -12.71 -27.85 -35.49
CA ALA B 125 -11.96 -28.90 -34.81
C ALA B 125 -12.20 -28.96 -33.29
N TRP B 126 -12.47 -27.81 -32.67
CA TRP B 126 -12.69 -27.80 -31.22
C TRP B 126 -13.98 -28.45 -30.75
N GLU B 127 -14.99 -28.50 -31.63
CA GLU B 127 -16.27 -29.08 -31.25
C GLU B 127 -16.09 -30.53 -30.77
N GLY B 128 -15.39 -31.34 -31.56
CA GLY B 128 -15.19 -32.73 -31.17
C GLY B 128 -14.25 -32.93 -29.99
N LEU B 129 -13.47 -31.90 -29.65
CA LEU B 129 -12.52 -31.99 -28.54
C LEU B 129 -13.01 -31.37 -27.25
N LEU B 130 -14.25 -30.88 -27.23
CA LEU B 130 -14.79 -30.26 -26.03
C LEU B 130 -14.66 -31.10 -24.77
N PRO B 131 -14.93 -32.42 -24.86
CA PRO B 131 -14.80 -33.21 -23.63
C PRO B 131 -13.36 -33.21 -23.11
N GLN B 132 -12.39 -33.27 -24.02
CA GLN B 132 -10.98 -33.25 -23.62
C GLN B 132 -10.59 -31.88 -23.04
N VAL B 133 -11.21 -30.82 -23.54
CA VAL B 133 -10.92 -29.49 -23.04
C VAL B 133 -11.41 -29.45 -21.59
N ALA B 134 -12.62 -29.96 -21.36
CA ALA B 134 -13.18 -30.00 -20.02
C ALA B 134 -12.29 -30.78 -19.06
N GLU B 135 -11.79 -31.94 -19.50
CA GLU B 135 -10.92 -32.73 -18.65
C GLU B 135 -9.61 -32.01 -18.32
N ALA B 136 -9.09 -31.26 -19.29
CA ALA B 136 -7.84 -30.51 -19.07
C ALA B 136 -8.07 -29.41 -18.03
N LEU B 137 -9.29 -28.89 -17.98
CA LEU B 137 -9.62 -27.82 -17.03
C LEU B 137 -9.99 -28.34 -15.65
N ARG B 138 -10.45 -29.59 -15.58
CA ARG B 138 -10.89 -30.19 -14.32
C ARG B 138 -10.04 -29.88 -13.07
N PRO B 139 -8.70 -30.02 -13.17
CA PRO B 139 -7.84 -29.74 -12.01
C PRO B 139 -7.87 -28.30 -11.51
N HIS B 140 -8.29 -27.38 -12.38
CA HIS B 140 -8.31 -25.96 -12.04
C HIS B 140 -9.65 -25.32 -11.69
N VAL B 141 -10.75 -26.03 -11.95
CA VAL B 141 -12.06 -25.45 -11.72
C VAL B 141 -13.10 -26.33 -11.05
N GLN B 142 -14.21 -25.70 -10.67
CA GLN B 142 -15.33 -26.37 -10.04
C GLN B 142 -16.30 -26.79 -11.14
N SER B 143 -16.46 -25.94 -12.16
CA SER B 143 -17.37 -26.24 -13.25
C SER B 143 -16.87 -25.66 -14.58
N VAL B 144 -17.44 -26.17 -15.67
CA VAL B 144 -17.08 -25.72 -17.01
C VAL B 144 -18.35 -25.58 -17.84
N LEU B 145 -18.53 -24.40 -18.42
CA LEU B 145 -19.69 -24.12 -19.24
C LEU B 145 -19.25 -23.92 -20.69
N ALA B 146 -20.01 -24.50 -21.63
CA ALA B 146 -19.70 -24.33 -23.04
C ALA B 146 -20.64 -23.24 -23.53
N LYS B 147 -20.11 -22.03 -23.70
CA LYS B 147 -20.91 -20.91 -24.19
C LYS B 147 -20.60 -20.80 -25.69
N ASN B 148 -21.30 -21.61 -26.49
CA ASN B 148 -21.06 -21.64 -27.93
C ASN B 148 -22.19 -21.08 -28.77
N ASP B 149 -22.61 -19.86 -28.46
CA ASP B 149 -23.69 -19.23 -29.19
C ASP B 149 -23.25 -18.06 -30.07
N ALA B 150 -21.95 -17.78 -30.13
CA ALA B 150 -21.45 -16.69 -30.95
C ALA B 150 -21.78 -16.97 -32.42
N ARG B 151 -22.34 -15.97 -33.09
CA ARG B 151 -22.72 -16.10 -34.50
C ARG B 151 -21.57 -16.40 -35.45
N THR B 152 -20.34 -16.12 -35.02
CA THR B 152 -19.17 -16.39 -35.85
C THR B 152 -19.06 -17.89 -36.11
N ARG B 153 -19.64 -18.69 -35.22
CA ARG B 153 -19.61 -20.13 -35.38
C ARG B 153 -20.35 -20.57 -36.64
N GLU B 154 -21.30 -19.76 -37.09
CA GLU B 154 -22.06 -20.09 -38.30
C GLU B 154 -21.16 -20.17 -39.52
N LEU B 155 -20.09 -19.39 -39.53
CA LEU B 155 -19.15 -19.40 -40.65
C LEU B 155 -18.49 -20.77 -40.77
N GLU B 156 -18.26 -21.43 -39.64
CA GLU B 156 -17.62 -22.74 -39.60
C GLU B 156 -18.64 -23.86 -39.75
N GLY B 157 -19.91 -23.52 -39.86
CA GLY B 157 -20.96 -24.52 -40.00
C GLY B 157 -21.23 -25.27 -38.71
N LEU B 158 -21.05 -24.59 -37.58
CA LEU B 158 -21.26 -25.19 -36.27
C LEU B 158 -22.58 -24.77 -35.62
N PRO B 159 -23.14 -25.64 -34.78
CA PRO B 159 -24.41 -25.31 -34.11
C PRO B 159 -24.20 -24.29 -33.00
N LEU B 160 -25.25 -23.53 -32.69
CA LEU B 160 -25.19 -22.51 -31.65
C LEU B 160 -25.92 -23.03 -30.40
N TYR B 161 -25.23 -23.00 -29.26
CA TYR B 161 -25.82 -23.50 -28.02
C TYR B 161 -24.99 -23.12 -26.79
N VAL B 162 -25.60 -23.31 -25.62
CA VAL B 162 -24.93 -23.05 -24.35
C VAL B 162 -25.27 -24.27 -23.49
N ARG B 163 -24.25 -24.99 -23.02
CA ARG B 163 -24.50 -26.17 -22.19
C ARG B 163 -23.33 -26.45 -21.26
N PRO B 164 -23.59 -27.09 -20.11
CA PRO B 164 -22.54 -27.40 -19.14
C PRO B 164 -21.70 -28.59 -19.62
N LEU B 165 -20.40 -28.55 -19.34
CA LEU B 165 -19.48 -29.62 -19.74
C LEU B 165 -18.93 -30.38 -18.54
N LEU B 166 -18.93 -29.71 -17.39
CA LEU B 166 -18.38 -30.32 -16.18
C LEU B 166 -18.93 -29.64 -14.93
N GLY B 167 -19.29 -30.44 -13.94
CA GLY B 167 -19.81 -29.92 -12.69
C GLY B 167 -21.17 -29.25 -12.80
N GLU B 168 -21.48 -28.41 -11.82
CA GLU B 168 -22.76 -27.69 -11.80
C GLU B 168 -22.48 -26.21 -11.98
N VAL B 169 -22.86 -25.68 -13.14
CA VAL B 169 -22.67 -24.28 -13.48
C VAL B 169 -23.72 -23.39 -12.81
N PRO B 170 -23.30 -22.43 -11.97
CA PRO B 170 -24.23 -21.53 -11.29
C PRO B 170 -24.77 -20.47 -12.24
N GLU B 171 -25.85 -19.80 -11.86
CA GLU B 171 -26.42 -18.76 -12.70
C GLU B 171 -25.52 -17.54 -12.60
N ARG B 172 -25.02 -17.28 -11.40
CA ARG B 172 -24.15 -16.14 -11.17
C ARG B 172 -23.10 -16.45 -10.11
N VAL B 173 -21.99 -15.72 -10.17
CA VAL B 173 -20.92 -15.92 -9.21
C VAL B 173 -20.22 -14.59 -8.95
N GLN B 174 -19.74 -14.44 -7.72
CA GLN B 174 -19.03 -13.24 -7.33
C GLN B 174 -17.54 -13.42 -7.60
N VAL B 175 -16.91 -12.37 -8.11
CA VAL B 175 -15.48 -12.40 -8.40
C VAL B 175 -14.80 -11.29 -7.60
N GLN B 176 -13.66 -11.62 -6.98
CA GLN B 176 -12.92 -10.63 -6.19
C GLN B 176 -11.84 -10.02 -7.08
N GLU B 177 -11.76 -8.70 -7.07
CA GLU B 177 -10.76 -8.00 -7.88
C GLU B 177 -10.24 -6.85 -7.03
N GLY B 178 -9.06 -7.04 -6.46
CA GLY B 178 -8.50 -6.00 -5.61
C GLY B 178 -9.40 -5.81 -4.41
N ARG B 179 -9.79 -4.57 -4.14
CA ARG B 179 -10.64 -4.28 -2.99
C ARG B 179 -12.14 -4.30 -3.27
N VAL B 180 -12.54 -4.78 -4.44
CA VAL B 180 -13.95 -4.84 -4.78
C VAL B 180 -14.36 -6.20 -5.31
N ARG B 181 -15.67 -6.46 -5.32
CA ARG B 181 -16.21 -7.71 -5.83
C ARG B 181 -17.25 -7.33 -6.86
N TYR B 182 -17.46 -8.18 -7.86
CA TYR B 182 -18.48 -7.89 -8.85
C TYR B 182 -19.20 -9.18 -9.23
N LEU B 183 -20.42 -9.04 -9.72
CA LEU B 183 -21.23 -10.19 -10.09
C LEU B 183 -21.17 -10.55 -11.55
N VAL B 184 -20.89 -11.83 -11.82
CA VAL B 184 -20.82 -12.35 -13.17
C VAL B 184 -22.06 -13.18 -13.41
N ASP B 185 -22.72 -12.97 -14.56
CA ASP B 185 -23.92 -13.74 -14.88
C ASP B 185 -23.56 -14.75 -15.96
N LEU B 186 -23.63 -16.03 -15.62
CA LEU B 186 -23.29 -17.09 -16.57
C LEU B 186 -24.46 -17.57 -17.40
N ARG B 187 -25.63 -16.98 -17.20
CA ARG B 187 -26.82 -17.36 -17.95
C ARG B 187 -26.76 -16.87 -19.40
N ALA B 188 -27.14 -17.74 -20.32
CA ALA B 188 -27.13 -17.46 -21.76
C ALA B 188 -27.80 -16.15 -22.20
N GLY B 189 -28.79 -15.67 -21.45
CA GLY B 189 -29.47 -14.45 -21.85
C GLY B 189 -29.06 -13.16 -21.16
N GLN B 190 -28.17 -13.25 -20.18
CA GLN B 190 -27.72 -12.08 -19.44
C GLN B 190 -26.30 -11.68 -19.82
N LYS B 191 -25.94 -10.43 -19.53
CA LYS B 191 -24.60 -9.97 -19.82
C LYS B 191 -23.66 -10.51 -18.76
N THR B 192 -22.57 -11.14 -19.20
CA THR B 192 -21.60 -11.72 -18.28
C THR B 192 -21.09 -10.65 -17.32
N GLY B 193 -20.71 -9.49 -17.87
CA GLY B 193 -20.24 -8.37 -17.07
C GLY B 193 -18.90 -8.45 -16.34
N ALA B 194 -17.94 -9.17 -16.91
CA ALA B 194 -16.63 -9.30 -16.29
C ALA B 194 -15.55 -8.42 -16.94
N TYR B 195 -15.51 -8.42 -18.28
CA TYR B 195 -14.54 -7.62 -19.05
C TYR B 195 -13.14 -7.78 -18.46
N LEU B 196 -12.65 -9.01 -18.47
CA LEU B 196 -11.35 -9.32 -17.90
C LEU B 196 -10.13 -8.65 -18.54
N ASP B 197 -10.23 -8.27 -19.82
CA ASP B 197 -9.08 -7.63 -20.44
C ASP B 197 -8.74 -6.28 -19.79
N GLN B 198 -9.67 -5.74 -19.01
CA GLN B 198 -9.45 -4.47 -18.32
C GLN B 198 -9.17 -4.66 -16.83
N ARG B 199 -9.06 -5.90 -16.37
CA ARG B 199 -8.80 -6.18 -14.95
C ARG B 199 -7.63 -5.39 -14.31
N GLU B 200 -6.45 -5.47 -14.92
CA GLU B 200 -5.30 -4.79 -14.35
C GLU B 200 -5.39 -3.28 -14.46
N ASN B 201 -6.07 -2.80 -15.50
CA ASN B 201 -6.21 -1.38 -15.70
C ASN B 201 -7.18 -0.81 -14.67
N ARG B 202 -8.21 -1.59 -14.32
CA ARG B 202 -9.15 -1.16 -13.30
C ARG B 202 -8.40 -1.11 -11.96
N LEU B 203 -7.59 -2.14 -11.70
CA LEU B 203 -6.83 -2.19 -10.46
C LEU B 203 -5.83 -1.03 -10.37
N TYR B 204 -5.26 -0.65 -11.50
CA TYR B 204 -4.29 0.44 -11.52
C TYR B 204 -4.94 1.74 -11.04
N MSE B 205 -6.24 1.89 -11.28
CA MSE B 205 -6.96 3.10 -10.87
C MSE B 205 -7.21 3.29 -9.38
O MSE B 205 -7.60 4.36 -8.95
CB MSE B 205 -8.27 3.19 -11.65
CG MSE B 205 -8.08 3.10 -13.18
SE MSE B 205 -6.90 4.47 -13.93
CE MSE B 205 -5.28 3.98 -13.15
N GLU B 206 -6.96 2.25 -8.58
CA GLU B 206 -7.17 2.35 -7.15
C GLU B 206 -6.18 3.28 -6.44
N ARG B 207 -5.12 3.67 -7.14
CA ARG B 207 -4.11 4.53 -6.52
C ARG B 207 -4.48 6.01 -6.51
N PHE B 208 -5.39 6.42 -7.39
CA PHE B 208 -5.78 7.82 -7.48
C PHE B 208 -6.77 8.27 -6.41
N ARG B 209 -6.69 9.56 -6.07
CA ARG B 209 -7.55 10.17 -5.07
C ARG B 209 -8.05 11.50 -5.61
N GLY B 210 -9.24 11.91 -5.18
CA GLY B 210 -9.79 13.17 -5.64
C GLY B 210 -11.20 13.37 -5.14
N GLU B 211 -11.86 14.41 -5.63
CA GLU B 211 -13.21 14.70 -5.21
C GLU B 211 -14.24 14.01 -6.09
N ARG B 212 -14.29 14.40 -7.36
CA ARG B 212 -15.24 13.79 -8.28
C ARG B 212 -14.58 13.09 -9.46
N ALA B 213 -15.07 11.90 -9.76
CA ALA B 213 -14.57 11.10 -10.87
C ALA B 213 -15.74 10.78 -11.78
N LEU B 214 -15.48 10.70 -13.09
CA LEU B 214 -16.49 10.41 -14.07
C LEU B 214 -16.08 9.18 -14.87
N ASP B 215 -16.93 8.16 -14.88
CA ASP B 215 -16.67 6.90 -15.58
C ASP B 215 -17.62 6.82 -16.78
N VAL B 216 -17.10 7.17 -17.96
CA VAL B 216 -17.88 7.17 -19.19
C VAL B 216 -17.83 5.81 -19.89
N PHE B 217 -18.96 5.41 -20.46
CA PHE B 217 -19.05 4.11 -21.07
C PHE B 217 -18.78 3.06 -20.04
N SER B 218 -19.36 3.32 -18.92
CA SER B 218 -19.16 2.52 -17.72
C SER B 218 -19.39 0.98 -17.83
N TYR B 219 -20.32 0.55 -18.65
CA TYR B 219 -20.77 -0.86 -18.75
C TYR B 219 -21.05 -1.45 -17.39
N ALA B 220 -20.45 -2.51 -16.99
CA ALA B 220 -20.99 -2.95 -15.72
C ALA B 220 -20.53 -2.14 -14.52
N GLY B 221 -19.80 -1.05 -14.72
CA GLY B 221 -19.34 -0.18 -13.62
C GLY B 221 -18.03 -0.61 -12.91
N GLY B 222 -17.25 -1.46 -13.57
CA GLY B 222 -15.99 -1.92 -13.03
C GLY B 222 -15.04 -0.81 -12.60
N PHE B 223 -14.81 0.16 -13.47
CA PHE B 223 -13.90 1.26 -13.13
C PHE B 223 -14.44 2.09 -11.98
N ALA B 224 -15.74 2.38 -11.99
CA ALA B 224 -16.35 3.18 -10.93
C ALA B 224 -16.19 2.53 -9.56
N LEU B 225 -16.28 1.20 -9.50
CA LEU B 225 -16.15 0.48 -8.23
C LEU B 225 -14.79 0.71 -7.58
N HIS B 226 -13.74 0.67 -8.39
CA HIS B 226 -12.39 0.88 -7.89
C HIS B 226 -12.12 2.33 -7.53
N LEU B 227 -12.80 3.25 -8.21
CA LEU B 227 -12.62 4.67 -7.95
C LEU B 227 -13.36 5.13 -6.68
N ALA B 228 -14.42 4.42 -6.34
CA ALA B 228 -15.24 4.75 -5.17
C ALA B 228 -14.46 4.88 -3.86
N LEU B 229 -13.45 4.04 -3.70
CA LEU B 229 -12.65 4.04 -2.48
C LEU B 229 -11.63 5.18 -2.41
N GLY B 230 -11.49 5.92 -3.51
CA GLY B 230 -10.54 7.01 -3.52
C GLY B 230 -11.12 8.38 -3.80
N PHE B 231 -12.36 8.42 -4.29
CA PHE B 231 -13.01 9.68 -4.60
C PHE B 231 -14.26 9.88 -3.76
N ARG B 232 -14.59 11.15 -3.49
CA ARG B 232 -15.78 11.48 -2.70
C ARG B 232 -17.03 11.04 -3.44
N GLU B 233 -17.13 11.44 -4.71
CA GLU B 233 -18.27 11.06 -5.53
C GLU B 233 -17.81 10.50 -6.88
N VAL B 234 -18.49 9.46 -7.34
CA VAL B 234 -18.17 8.86 -8.63
C VAL B 234 -19.46 8.76 -9.43
N VAL B 235 -19.40 9.24 -10.67
CA VAL B 235 -20.58 9.20 -11.55
C VAL B 235 -20.29 8.24 -12.70
N ALA B 236 -21.10 7.20 -12.80
CA ALA B 236 -20.97 6.19 -13.84
C ALA B 236 -22.00 6.49 -14.92
N VAL B 237 -21.54 6.60 -16.16
CA VAL B 237 -22.41 6.94 -17.27
C VAL B 237 -22.44 5.85 -18.35
N ASP B 238 -23.65 5.52 -18.82
CA ASP B 238 -23.82 4.53 -19.86
C ASP B 238 -25.20 4.71 -20.48
N SER B 239 -25.33 4.29 -21.74
CA SER B 239 -26.61 4.39 -22.43
C SER B 239 -27.52 3.21 -22.09
N SER B 240 -26.93 2.11 -21.62
CA SER B 240 -27.68 0.91 -21.29
C SER B 240 -28.19 0.88 -19.84
N ALA B 241 -29.51 0.98 -19.69
CA ALA B 241 -30.13 0.94 -18.38
C ALA B 241 -29.85 -0.40 -17.71
N GLU B 242 -29.83 -1.46 -18.52
CA GLU B 242 -29.56 -2.80 -18.01
C GLU B 242 -28.15 -2.86 -17.44
N ALA B 243 -27.20 -2.24 -18.15
CA ALA B 243 -25.81 -2.22 -17.70
C ALA B 243 -25.71 -1.47 -16.38
N LEU B 244 -26.39 -0.33 -16.29
CA LEU B 244 -26.36 0.48 -15.08
C LEU B 244 -27.02 -0.26 -13.92
N ARG B 245 -27.96 -1.14 -14.23
CA ARG B 245 -28.63 -1.91 -13.21
C ARG B 245 -27.61 -2.85 -12.56
N ARG B 246 -26.71 -3.39 -13.38
CA ARG B 246 -25.67 -4.27 -12.87
C ARG B 246 -24.70 -3.42 -12.06
N ALA B 247 -24.44 -2.20 -12.54
CA ALA B 247 -23.55 -1.28 -11.85
C ALA B 247 -24.04 -1.00 -10.43
N GLU B 248 -25.31 -0.62 -10.30
CA GLU B 248 -25.87 -0.34 -8.98
C GLU B 248 -25.81 -1.59 -8.10
N GLU B 249 -26.09 -2.74 -8.70
CA GLU B 249 -26.06 -4.01 -8.00
C GLU B 249 -24.65 -4.26 -7.46
N ASN B 250 -23.64 -4.03 -8.29
CA ASN B 250 -22.26 -4.22 -7.86
C ASN B 250 -21.91 -3.21 -6.78
N ALA B 251 -22.32 -1.96 -6.94
CA ALA B 251 -22.02 -0.94 -5.95
C ALA B 251 -22.60 -1.37 -4.61
N ARG B 252 -23.84 -1.86 -4.64
CA ARG B 252 -24.52 -2.29 -3.44
C ARG B 252 -23.81 -3.47 -2.78
N LEU B 253 -23.31 -4.39 -3.60
CA LEU B 253 -22.59 -5.57 -3.09
C LEU B 253 -21.36 -5.17 -2.29
N ASN B 254 -20.77 -4.03 -2.63
CA ASN B 254 -19.57 -3.54 -1.96
C ASN B 254 -19.86 -2.50 -0.89
N GLY B 255 -21.14 -2.18 -0.71
CA GLY B 255 -21.51 -1.18 0.28
C GLY B 255 -21.05 0.20 -0.12
N LEU B 256 -20.95 0.43 -1.43
CA LEU B 256 -20.52 1.73 -1.94
C LEU B 256 -21.72 2.63 -2.15
N GLY B 257 -21.81 3.71 -1.38
CA GLY B 257 -22.93 4.63 -1.51
C GLY B 257 -22.58 5.92 -2.22
N ASN B 258 -21.33 6.05 -2.66
CA ASN B 258 -20.88 7.25 -3.35
C ASN B 258 -20.79 7.09 -4.87
N VAL B 259 -21.50 6.10 -5.41
CA VAL B 259 -21.51 5.86 -6.85
C VAL B 259 -22.90 6.08 -7.42
N ARG B 260 -23.07 7.10 -8.24
CA ARG B 260 -24.38 7.34 -8.82
C ARG B 260 -24.36 7.10 -10.32
N VAL B 261 -25.29 6.28 -10.78
CA VAL B 261 -25.39 5.95 -12.20
C VAL B 261 -26.19 7.01 -12.92
N LEU B 262 -25.83 7.23 -14.18
CA LEU B 262 -26.50 8.24 -14.99
C LEU B 262 -26.72 7.71 -16.39
N GLU B 263 -27.96 7.43 -16.75
CA GLU B 263 -28.25 6.94 -18.08
C GLU B 263 -28.24 8.10 -19.06
N ALA B 264 -27.27 8.10 -19.96
CA ALA B 264 -27.16 9.18 -20.93
C ALA B 264 -26.21 8.81 -22.07
N ASN B 265 -26.30 9.57 -23.15
CA ASN B 265 -25.44 9.36 -24.30
C ASN B 265 -24.13 10.07 -23.96
N ALA B 266 -23.05 9.31 -23.90
CA ALA B 266 -21.73 9.84 -23.56
C ALA B 266 -21.37 11.14 -24.26
N PHE B 267 -21.50 11.17 -25.58
CA PHE B 267 -21.16 12.36 -26.37
C PHE B 267 -21.95 13.59 -25.92
N ASP B 268 -23.26 13.45 -25.84
CA ASP B 268 -24.13 14.55 -25.42
C ASP B 268 -23.80 15.00 -24.00
N LEU B 269 -23.72 14.05 -23.07
CA LEU B 269 -23.42 14.36 -21.68
C LEU B 269 -22.12 15.15 -21.47
N LEU B 270 -21.05 14.70 -22.09
CA LEU B 270 -19.75 15.35 -21.94
C LEU B 270 -19.78 16.81 -22.38
N ARG B 271 -20.53 17.10 -23.44
CA ARG B 271 -20.64 18.47 -23.93
C ARG B 271 -21.44 19.31 -22.95
N ARG B 272 -22.60 18.80 -22.55
CA ARG B 272 -23.45 19.52 -21.61
C ARG B 272 -22.70 19.82 -20.31
N LEU B 273 -22.00 18.82 -19.78
CA LEU B 273 -21.24 19.01 -18.55
C LEU B 273 -20.21 20.12 -18.75
N GLU B 274 -19.64 20.19 -19.94
CA GLU B 274 -18.65 21.21 -20.26
C GLU B 274 -19.29 22.59 -20.23
N LYS B 275 -20.41 22.73 -20.94
CA LYS B 275 -21.12 24.00 -21.00
C LYS B 275 -21.67 24.40 -19.64
N GLU B 276 -22.03 23.40 -18.83
CA GLU B 276 -22.57 23.66 -17.49
C GLU B 276 -21.49 24.15 -16.52
N GLY B 277 -20.24 24.11 -16.97
CA GLY B 277 -19.15 24.56 -16.12
C GLY B 277 -18.62 23.48 -15.19
N GLU B 278 -19.13 22.26 -15.35
CA GLU B 278 -18.70 21.13 -14.53
C GLU B 278 -17.24 20.75 -14.77
N ARG B 279 -16.55 20.37 -13.69
CA ARG B 279 -15.16 19.96 -13.78
C ARG B 279 -14.93 18.76 -12.87
N PHE B 280 -13.99 17.90 -13.24
CA PHE B 280 -13.71 16.71 -12.45
C PHE B 280 -12.22 16.51 -12.20
N ASP B 281 -11.90 15.68 -11.21
CA ASP B 281 -10.52 15.39 -10.87
C ASP B 281 -10.02 14.19 -11.66
N LEU B 282 -10.95 13.41 -12.20
CA LEU B 282 -10.59 12.23 -12.98
C LEU B 282 -11.72 11.80 -13.91
N VAL B 283 -11.35 11.44 -15.13
CA VAL B 283 -12.32 10.97 -16.12
C VAL B 283 -11.79 9.70 -16.77
N VAL B 284 -12.63 8.67 -16.85
CA VAL B 284 -12.26 7.40 -17.47
C VAL B 284 -13.12 7.24 -18.72
N LEU B 285 -12.49 6.97 -19.86
CA LEU B 285 -13.18 6.75 -21.12
C LEU B 285 -12.86 5.33 -21.59
N ASP B 286 -13.87 4.48 -21.63
CA ASP B 286 -13.68 3.10 -22.08
C ASP B 286 -14.78 2.77 -23.07
N PRO B 287 -14.78 3.46 -24.22
CA PRO B 287 -15.79 3.25 -25.25
C PRO B 287 -15.75 1.89 -25.92
N PRO B 288 -16.89 1.46 -26.47
CA PRO B 288 -16.92 0.16 -27.15
C PRO B 288 -16.08 0.39 -28.41
N ALA B 289 -15.75 -0.66 -29.15
CA ALA B 289 -14.94 -0.51 -30.35
C ALA B 289 -15.66 0.29 -31.44
N PHE B 290 -15.09 1.45 -31.78
CA PHE B 290 -15.67 2.30 -32.81
C PHE B 290 -15.30 1.81 -34.21
N ALA B 291 -14.28 0.97 -34.29
CA ALA B 291 -13.85 0.43 -35.57
C ALA B 291 -13.79 -1.09 -35.48
N LYS B 292 -14.34 -1.76 -36.49
CA LYS B 292 -14.35 -3.22 -36.54
C LYS B 292 -13.56 -3.63 -37.78
N GLY B 293 -13.70 -2.82 -38.83
CA GLY B 293 -13.00 -3.08 -40.07
C GLY B 293 -12.04 -1.93 -40.34
N LYS B 294 -11.03 -2.18 -41.15
CA LYS B 294 -10.05 -1.14 -41.45
C LYS B 294 -10.64 0.08 -42.15
N LYS B 295 -11.83 -0.08 -42.72
CA LYS B 295 -12.50 1.01 -43.44
C LYS B 295 -13.23 1.97 -42.50
N ASP B 296 -13.49 1.52 -41.28
CA ASP B 296 -14.20 2.34 -40.29
C ASP B 296 -13.26 3.31 -39.59
N VAL B 297 -11.96 3.11 -39.78
CA VAL B 297 -10.96 3.93 -39.10
C VAL B 297 -11.07 5.45 -39.26
N GLU B 298 -11.20 5.94 -40.48
CA GLU B 298 -11.28 7.38 -40.70
C GLU B 298 -12.36 8.07 -39.85
N ARG B 299 -13.57 7.52 -39.86
CA ARG B 299 -14.65 8.11 -39.07
C ARG B 299 -14.53 7.74 -37.58
N ALA B 300 -13.92 6.59 -37.29
CA ALA B 300 -13.75 6.16 -35.92
C ALA B 300 -12.76 7.07 -35.20
N TYR B 301 -11.71 7.47 -35.91
CA TYR B 301 -10.68 8.36 -35.38
C TYR B 301 -11.32 9.68 -34.95
N ARG B 302 -12.25 10.16 -35.75
CA ARG B 302 -12.96 11.41 -35.48
C ARG B 302 -13.85 11.29 -34.24
N ALA B 303 -14.44 10.12 -34.06
CA ALA B 303 -15.30 9.85 -32.91
C ALA B 303 -14.47 9.80 -31.63
N TYR B 304 -13.34 9.10 -31.71
CA TYR B 304 -12.46 8.98 -30.55
C TYR B 304 -11.96 10.37 -30.18
N LYS B 305 -11.53 11.14 -31.18
CA LYS B 305 -11.03 12.47 -30.91
C LYS B 305 -12.05 13.36 -30.19
N GLU B 306 -13.30 13.33 -30.65
CA GLU B 306 -14.30 14.17 -30.02
C GLU B 306 -14.54 13.82 -28.55
N VAL B 307 -14.69 12.54 -28.25
CA VAL B 307 -14.93 12.16 -26.86
C VAL B 307 -13.71 12.45 -25.99
N ASN B 308 -12.51 12.27 -26.53
CA ASN B 308 -11.31 12.54 -25.76
C ASN B 308 -11.12 14.06 -25.57
N LEU B 309 -11.48 14.83 -26.60
CA LEU B 309 -11.36 16.29 -26.51
C LEU B 309 -12.31 16.81 -25.44
N ARG B 310 -13.54 16.29 -25.43
CA ARG B 310 -14.53 16.71 -24.43
C ARG B 310 -14.11 16.33 -23.02
N ALA B 311 -13.58 15.12 -22.86
CA ALA B 311 -13.14 14.66 -21.54
C ALA B 311 -12.01 15.53 -21.01
N ILE B 312 -11.05 15.84 -21.88
CA ILE B 312 -9.91 16.66 -21.47
C ILE B 312 -10.37 18.03 -20.97
N LYS B 313 -11.37 18.60 -21.62
CA LYS B 313 -11.89 19.91 -21.24
C LYS B 313 -12.60 19.92 -19.89
N LEU B 314 -13.03 18.74 -19.44
CA LEU B 314 -13.73 18.61 -18.16
C LEU B 314 -12.80 18.48 -16.96
N LEU B 315 -11.52 18.27 -17.21
CA LEU B 315 -10.56 18.09 -16.13
C LEU B 315 -9.94 19.34 -15.54
N LYS B 316 -9.82 19.35 -14.22
CA LYS B 316 -9.21 20.45 -13.50
C LYS B 316 -7.70 20.28 -13.65
N GLU B 317 -6.92 21.29 -13.28
CA GLU B 317 -5.48 21.15 -13.36
C GLU B 317 -5.12 20.00 -12.43
N GLY B 318 -4.20 19.14 -12.86
CA GLY B 318 -3.82 18.01 -12.04
C GLY B 318 -4.77 16.84 -12.27
N GLY B 319 -5.78 17.08 -13.09
CA GLY B 319 -6.77 16.06 -13.40
C GLY B 319 -6.19 14.84 -14.11
N ILE B 320 -6.81 13.69 -13.92
CA ILE B 320 -6.35 12.45 -14.53
C ILE B 320 -7.29 11.97 -15.61
N LEU B 321 -6.74 11.65 -16.77
CA LEU B 321 -7.52 11.11 -17.88
C LEU B 321 -7.04 9.68 -18.15
N ALA B 322 -7.96 8.73 -18.03
CA ALA B 322 -7.65 7.32 -18.32
C ALA B 322 -8.48 7.07 -19.57
N THR B 323 -7.82 6.83 -20.68
CA THR B 323 -8.53 6.65 -21.93
C THR B 323 -8.12 5.36 -22.66
N ALA B 324 -9.09 4.72 -23.31
CA ALA B 324 -8.81 3.48 -23.99
C ALA B 324 -9.56 3.27 -25.30
N SER B 325 -9.11 2.26 -26.04
CA SER B 325 -9.74 1.85 -27.30
C SER B 325 -9.52 0.36 -27.44
N CYS B 326 -10.56 -0.37 -27.82
CA CYS B 326 -10.44 -1.81 -27.99
C CYS B 326 -10.64 -2.18 -29.46
N SER B 327 -10.48 -1.18 -30.33
CA SER B 327 -10.60 -1.39 -31.77
C SER B 327 -9.20 -1.76 -32.29
N HIS B 328 -9.05 -2.98 -32.81
CA HIS B 328 -7.75 -3.39 -33.33
C HIS B 328 -7.24 -2.46 -34.43
N HIS B 329 -8.13 -2.05 -35.34
CA HIS B 329 -7.71 -1.19 -36.44
C HIS B 329 -7.38 0.24 -36.04
N MSE B 330 -7.74 0.62 -34.81
CA MSE B 330 -7.38 1.91 -34.27
C MSE B 330 -6.05 1.52 -33.61
O MSE B 330 -5.98 1.29 -32.40
CB MSE B 330 -8.39 2.38 -33.22
CG MSE B 330 -8.19 3.82 -32.72
SE MSE B 330 -8.32 5.18 -34.13
CE MSE B 330 -9.87 4.50 -35.04
N THR B 331 -5.02 1.39 -34.44
CA THR B 331 -3.69 0.99 -33.99
C THR B 331 -3.12 1.86 -32.88
N GLU B 332 -2.11 1.34 -32.20
CA GLU B 332 -1.47 2.08 -31.12
C GLU B 332 -0.97 3.45 -31.63
N PRO B 333 -0.34 3.48 -32.81
CA PRO B 333 0.13 4.78 -33.31
C PRO B 333 -1.01 5.77 -33.53
N LEU B 334 -2.12 5.29 -34.10
CA LEU B 334 -3.26 6.16 -34.35
C LEU B 334 -3.91 6.61 -33.06
N PHE B 335 -3.98 5.72 -32.09
CA PHE B 335 -4.57 6.03 -30.79
C PHE B 335 -3.81 7.16 -30.10
N TYR B 336 -2.49 7.02 -30.01
CA TYR B 336 -1.70 8.07 -29.37
C TYR B 336 -1.62 9.37 -30.16
N ALA B 337 -1.73 9.29 -31.48
CA ALA B 337 -1.70 10.50 -32.30
C ALA B 337 -3.01 11.23 -32.03
N MSE B 338 -4.08 10.44 -31.87
CA MSE B 338 -5.41 10.98 -31.62
C MSE B 338 -5.49 11.69 -30.26
O MSE B 338 -6.01 12.81 -30.17
CB MSE B 338 -6.44 9.85 -31.68
CG MSE B 338 -7.89 10.27 -31.39
SE MSE B 338 -8.30 10.25 -29.50
CE MSE B 338 -7.89 8.41 -29.13
N VAL B 339 -4.98 11.07 -29.20
CA VAL B 339 -5.05 11.71 -27.90
C VAL B 339 -4.22 13.00 -27.94
N ALA B 340 -3.09 12.96 -28.64
CA ALA B 340 -2.24 14.14 -28.75
C ALA B 340 -2.98 15.28 -29.45
N GLU B 341 -3.69 14.95 -30.53
CA GLU B 341 -4.46 15.96 -31.26
C GLU B 341 -5.52 16.58 -30.38
N ALA B 342 -6.20 15.74 -29.61
CA ALA B 342 -7.25 16.20 -28.70
C ALA B 342 -6.68 17.18 -27.66
N ALA B 343 -5.53 16.84 -27.11
CA ALA B 343 -4.89 17.68 -26.10
C ALA B 343 -4.47 19.00 -26.72
N GLN B 344 -3.90 18.94 -27.91
CA GLN B 344 -3.45 20.14 -28.58
C GLN B 344 -4.64 21.07 -28.88
N ASP B 345 -5.75 20.50 -29.36
CA ASP B 345 -6.94 21.29 -29.66
C ASP B 345 -7.57 21.86 -28.41
N ALA B 346 -7.41 21.16 -27.29
CA ALA B 346 -7.97 21.59 -26.02
C ALA B 346 -7.06 22.58 -25.29
N HIS B 347 -5.86 22.79 -25.80
CA HIS B 347 -4.91 23.70 -25.17
C HIS B 347 -4.58 23.22 -23.77
N ARG B 348 -4.42 21.90 -23.65
CA ARG B 348 -4.10 21.30 -22.36
C ARG B 348 -2.84 20.45 -22.48
N LEU B 349 -1.90 20.66 -21.56
CA LEU B 349 -0.65 19.92 -21.55
C LEU B 349 -0.82 18.64 -20.75
N LEU B 350 -0.57 17.50 -21.39
CA LEU B 350 -0.72 16.22 -20.70
C LEU B 350 0.59 15.49 -20.43
N ARG B 351 0.79 15.09 -19.18
CA ARG B 351 1.98 14.31 -18.81
C ARG B 351 1.55 12.86 -18.97
N VAL B 352 2.41 12.03 -19.56
CA VAL B 352 2.06 10.62 -19.73
C VAL B 352 2.34 9.89 -18.42
N VAL B 353 1.29 9.42 -17.74
CA VAL B 353 1.48 8.73 -16.48
C VAL B 353 1.84 7.27 -16.73
N GLU B 354 1.08 6.62 -17.61
CA GLU B 354 1.34 5.24 -17.95
C GLU B 354 0.68 4.80 -19.24
N LYS B 355 1.40 3.98 -20.00
CA LYS B 355 0.91 3.45 -21.26
C LYS B 355 0.77 1.94 -21.03
N ARG B 356 -0.46 1.46 -21.07
CA ARG B 356 -0.73 0.04 -20.82
C ARG B 356 -1.56 -0.55 -21.94
N GLY B 357 -2.01 -1.78 -21.73
CA GLY B 357 -2.81 -2.45 -22.73
C GLY B 357 -3.39 -3.72 -22.16
N GLN B 358 -3.19 -4.83 -22.88
CA GLN B 358 -3.69 -6.11 -22.46
C GLN B 358 -2.80 -6.73 -21.42
N PRO B 359 -3.39 -7.35 -20.38
CA PRO B 359 -2.66 -8.01 -19.31
C PRO B 359 -2.06 -9.34 -19.77
N PHE B 360 -1.21 -9.93 -18.95
CA PHE B 360 -0.52 -11.17 -19.31
C PHE B 360 -1.40 -12.32 -19.76
N ASP B 361 -2.62 -12.42 -19.24
CA ASP B 361 -3.50 -13.51 -19.60
C ASP B 361 -4.24 -13.33 -20.93
N HIS B 362 -3.96 -12.22 -21.62
CA HIS B 362 -4.53 -11.91 -22.93
C HIS B 362 -3.30 -11.64 -23.80
N PRO B 363 -2.45 -12.66 -24.01
CA PRO B 363 -1.21 -12.56 -24.80
C PRO B 363 -1.28 -12.00 -26.22
N VAL B 364 -0.26 -11.21 -26.54
CA VAL B 364 -0.13 -10.58 -27.85
C VAL B 364 1.10 -11.16 -28.57
N LEU B 365 0.96 -11.42 -29.86
CA LEU B 365 2.03 -11.95 -30.69
C LEU B 365 2.45 -10.82 -31.63
N LEU B 366 3.74 -10.55 -31.69
CA LEU B 366 4.26 -9.48 -32.54
C LEU B 366 4.01 -9.77 -34.02
N ASN B 367 4.14 -11.04 -34.39
CA ASN B 367 3.97 -11.49 -35.78
C ASN B 367 2.53 -11.64 -36.23
N HIS B 368 1.59 -11.59 -35.28
CA HIS B 368 0.17 -11.73 -35.60
C HIS B 368 -0.57 -10.54 -34.97
N PRO B 369 -0.50 -9.37 -35.63
CA PRO B 369 -1.10 -8.09 -35.24
C PRO B 369 -2.53 -8.13 -34.69
N GLU B 370 -3.39 -8.94 -35.29
CA GLU B 370 -4.78 -9.02 -34.84
C GLU B 370 -4.93 -9.42 -33.38
N THR B 371 -3.86 -9.91 -32.76
CA THR B 371 -3.92 -10.31 -31.36
C THR B 371 -3.87 -9.10 -30.42
N HIS B 372 -3.44 -7.96 -30.94
CA HIS B 372 -3.35 -6.74 -30.14
C HIS B 372 -4.50 -5.79 -30.50
N TYR B 373 -5.41 -5.58 -29.56
CA TYR B 373 -6.55 -4.72 -29.82
C TYR B 373 -6.82 -3.67 -28.73
N LEU B 374 -6.31 -3.91 -27.52
CA LEU B 374 -6.57 -2.97 -26.43
C LEU B 374 -5.44 -2.01 -26.09
N LYS B 375 -5.79 -0.72 -26.03
CA LYS B 375 -4.85 0.32 -25.65
C LYS B 375 -5.48 1.02 -24.46
N PHE B 376 -4.68 1.30 -23.44
CA PHE B 376 -5.15 1.96 -22.25
C PHE B 376 -4.02 2.87 -21.79
N ALA B 377 -4.30 4.16 -21.68
CA ALA B 377 -3.27 5.10 -21.26
C ALA B 377 -3.82 6.06 -20.23
N VAL B 378 -2.93 6.50 -19.34
CA VAL B 378 -3.31 7.42 -18.29
C VAL B 378 -2.45 8.67 -18.42
N PHE B 379 -3.08 9.83 -18.35
CA PHE B 379 -2.39 11.11 -18.46
C PHE B 379 -2.81 12.04 -17.32
N GLN B 380 -2.02 13.07 -17.08
CA GLN B 380 -2.35 14.04 -16.05
C GLN B 380 -2.26 15.43 -16.67
N VAL B 381 -3.25 16.27 -16.36
CA VAL B 381 -3.26 17.64 -16.88
C VAL B 381 -2.32 18.49 -16.06
N LEU B 382 -1.40 19.19 -16.72
CA LEU B 382 -0.44 20.05 -16.05
C LEU B 382 -0.84 21.52 -16.07
N MSE C 1 -3.17 43.81 21.92
CA MSE C 1 -3.20 43.12 20.61
C MSE C 1 -3.92 41.78 20.67
O MSE C 1 -3.75 41.01 21.61
CB MSE C 1 -1.78 42.90 20.09
CG MSE C 1 -1.20 44.12 19.38
SE MSE C 1 -2.27 44.58 17.82
CE MSE C 1 -3.48 45.84 18.65
N ARG C 2 -4.74 41.52 19.66
CA ARG C 2 -5.51 40.29 19.56
C ARG C 2 -5.37 39.69 18.18
N ILE C 3 -5.54 38.38 18.09
CA ILE C 3 -5.50 37.66 16.82
C ILE C 3 -6.98 37.48 16.48
N GLN C 4 -7.37 37.86 15.28
CA GLN C 4 -8.77 37.71 14.88
C GLN C 4 -8.83 36.66 13.77
N VAL C 5 -9.64 35.63 13.96
CA VAL C 5 -9.76 34.56 12.97
C VAL C 5 -11.14 34.59 12.31
N ASN C 6 -11.27 33.92 11.17
CA ASN C 6 -12.56 33.86 10.50
C ASN C 6 -13.37 32.71 11.07
N ALA C 7 -14.55 32.49 10.51
CA ALA C 7 -15.45 31.43 10.96
C ALA C 7 -14.84 30.03 10.94
N LYS C 8 -14.07 29.71 9.89
CA LYS C 8 -13.46 28.39 9.79
C LYS C 8 -12.37 28.19 10.84
N GLY C 9 -11.57 29.23 11.07
CA GLY C 9 -10.53 29.14 12.06
C GLY C 9 -11.14 28.99 13.43
N ALA C 10 -12.25 29.69 13.66
CA ALA C 10 -12.97 29.63 14.92
C ALA C 10 -13.44 28.21 15.16
N ALA C 11 -14.00 27.60 14.12
CA ALA C 11 -14.50 26.24 14.23
C ALA C 11 -13.41 25.25 14.60
N ARG C 12 -12.20 25.46 14.07
CA ARG C 12 -11.08 24.57 14.39
C ARG C 12 -10.75 24.66 15.87
N LEU C 13 -10.62 25.89 16.37
CA LEU C 13 -10.30 26.09 17.78
C LEU C 13 -11.41 25.61 18.70
N LEU C 14 -12.66 25.81 18.29
CA LEU C 14 -13.78 25.34 19.11
C LEU C 14 -13.82 23.81 19.19
N SER C 15 -13.29 23.14 18.17
CA SER C 15 -13.27 21.67 18.16
C SER C 15 -12.04 21.21 18.94
N ARG C 16 -11.25 22.19 19.36
CA ARG C 16 -10.03 22.00 20.13
C ARG C 16 -8.78 21.50 19.41
N HIS C 17 -8.68 21.81 18.13
CA HIS C 17 -7.45 21.48 17.39
C HIS C 17 -6.62 22.68 17.83
N LEU C 18 -5.30 22.57 17.85
CA LEU C 18 -4.49 23.70 18.31
C LEU C 18 -3.96 24.62 17.21
N TRP C 19 -4.16 24.23 15.96
CA TRP C 19 -3.63 25.04 14.87
C TRP C 19 -4.64 25.77 14.00
N VAL C 20 -4.27 26.99 13.64
CA VAL C 20 -5.07 27.81 12.72
C VAL C 20 -4.04 28.34 11.74
N PHE C 21 -4.25 28.10 10.45
CA PHE C 21 -3.30 28.56 9.44
C PHE C 21 -3.57 29.99 8.97
N ARG C 22 -2.53 30.60 8.42
CA ARG C 22 -2.57 31.97 7.94
C ARG C 22 -3.80 32.35 7.12
N ARG C 23 -4.25 31.44 6.26
CA ARG C 23 -5.41 31.72 5.41
C ARG C 23 -6.69 32.02 6.22
N ASP C 24 -6.71 31.58 7.48
CA ASP C 24 -7.88 31.79 8.33
C ASP C 24 -7.73 32.91 9.36
N VAL C 25 -6.63 33.64 9.30
CA VAL C 25 -6.40 34.74 10.22
C VAL C 25 -6.77 36.02 9.46
N VAL C 26 -7.76 36.76 9.98
CA VAL C 26 -8.18 37.99 9.32
C VAL C 26 -7.29 39.17 9.69
N SER C 27 -6.78 39.16 10.91
CA SER C 27 -5.89 40.23 11.39
C SER C 27 -5.11 39.78 12.63
N GLY C 28 -3.93 40.36 12.81
CA GLY C 28 -3.10 40.03 13.96
C GLY C 28 -1.95 40.99 14.14
N PRO C 29 -1.20 40.86 15.24
CA PRO C 29 -0.05 41.71 15.57
C PRO C 29 1.01 41.74 14.46
N GLU C 30 1.83 42.79 14.47
CA GLU C 30 2.87 42.96 13.46
C GLU C 30 4.10 42.11 13.76
N THR C 31 4.22 41.64 15.00
CA THR C 31 5.37 40.82 15.36
C THR C 31 4.93 39.54 16.08
N PRO C 32 5.77 38.49 16.03
CA PRO C 32 5.45 37.22 16.69
C PRO C 32 5.30 37.44 18.19
N GLY C 33 4.64 36.51 18.87
CA GLY C 33 4.46 36.64 20.30
C GLY C 33 3.33 35.79 20.83
N LEU C 34 2.94 36.05 22.07
CA LEU C 34 1.84 35.32 22.72
C LEU C 34 0.65 36.27 22.79
N TYR C 35 -0.45 35.91 22.15
CA TYR C 35 -1.63 36.76 22.13
C TYR C 35 -2.92 35.95 22.21
N PRO C 36 -4.02 36.60 22.62
CA PRO C 36 -5.32 35.93 22.72
C PRO C 36 -5.86 35.83 21.30
N VAL C 37 -6.70 34.84 21.05
CA VAL C 37 -7.31 34.65 19.74
C VAL C 37 -8.80 34.88 19.89
N TYR C 38 -9.36 35.70 19.01
CA TYR C 38 -10.77 35.99 19.05
C TYR C 38 -11.50 35.74 17.73
N TRP C 39 -12.80 35.49 17.84
CA TRP C 39 -13.66 35.32 16.68
C TRP C 39 -14.65 36.44 16.96
N GLY C 40 -14.47 37.56 16.28
CA GLY C 40 -15.35 38.69 16.55
C GLY C 40 -14.97 39.15 17.96
N ARG C 41 -15.94 39.26 18.85
CA ARG C 41 -15.67 39.70 20.21
C ARG C 41 -15.55 38.53 21.18
N ARG C 42 -15.71 37.31 20.67
CA ARG C 42 -15.64 36.11 21.50
C ARG C 42 -14.23 35.55 21.67
N PHE C 43 -13.78 35.45 22.92
CA PHE C 43 -12.46 34.90 23.20
C PHE C 43 -12.45 33.41 22.88
N LEU C 44 -11.40 32.94 22.21
CA LEU C 44 -11.28 31.52 21.87
C LEU C 44 -10.12 30.84 22.57
N ALA C 45 -8.95 31.47 22.60
CA ALA C 45 -7.78 30.86 23.23
C ALA C 45 -6.56 31.78 23.29
N LEU C 46 -5.51 31.30 23.94
CA LEU C 46 -4.24 32.02 24.03
C LEU C 46 -3.35 31.24 23.05
N ALA C 47 -2.51 31.92 22.29
CA ALA C 47 -1.67 31.20 21.34
C ALA C 47 -0.35 31.84 21.02
N LEU C 48 0.57 31.02 20.50
CA LEU C 48 1.86 31.52 20.07
C LEU C 48 1.50 31.95 18.66
N TYR C 49 1.93 33.14 18.28
CA TYR C 49 1.61 33.68 16.97
C TYR C 49 2.82 34.16 16.21
N ASN C 50 2.75 34.05 14.88
CA ASN C 50 3.81 34.52 14.00
C ASN C 50 3.13 35.00 12.72
N PRO C 51 3.23 36.31 12.43
CA PRO C 51 2.61 36.90 11.24
C PRO C 51 3.31 36.60 9.93
N HIS C 52 4.43 35.87 9.98
CA HIS C 52 5.17 35.55 8.76
C HIS C 52 5.16 34.09 8.33
N THR C 53 4.40 33.25 9.03
CA THR C 53 4.37 31.83 8.71
C THR C 53 3.02 31.28 8.29
N ASP C 54 3.04 30.14 7.59
CA ASP C 54 1.80 29.51 7.15
C ASP C 54 1.04 29.00 8.37
N LEU C 55 1.75 28.41 9.32
CA LEU C 55 1.14 27.94 10.56
C LEU C 55 1.25 29.15 11.48
N ALA C 56 0.26 30.03 11.40
CA ALA C 56 0.24 31.26 12.16
C ALA C 56 -0.11 31.16 13.64
N VAL C 57 -1.11 30.33 13.95
CA VAL C 57 -1.60 30.19 15.32
C VAL C 57 -1.42 28.81 15.93
N ARG C 58 -0.83 28.76 17.13
CA ARG C 58 -0.62 27.51 17.86
C ARG C 58 -1.16 27.76 19.27
N ALA C 59 -2.38 27.29 19.54
CA ALA C 59 -3.02 27.50 20.82
C ALA C 59 -2.43 26.65 21.95
N TYR C 60 -2.45 27.20 23.16
CA TYR C 60 -1.94 26.49 24.33
C TYR C 60 -2.86 26.62 25.55
N ARG C 61 -3.92 27.41 25.40
CA ARG C 61 -4.90 27.61 26.48
C ARG C 61 -6.25 27.94 25.83
N PHE C 62 -7.32 27.40 26.40
CA PHE C 62 -8.65 27.69 25.87
C PHE C 62 -9.49 28.46 26.88
N ALA C 63 -8.81 29.27 27.67
CA ALA C 63 -9.43 30.11 28.69
C ALA C 63 -8.55 31.36 28.82
N PRO C 64 -9.17 32.52 29.08
CA PRO C 64 -8.41 33.77 29.21
C PRO C 64 -7.40 33.82 30.35
N ALA C 65 -6.39 34.67 30.18
CA ALA C 65 -5.35 34.84 31.19
C ALA C 65 -4.83 36.27 31.15
N GLU C 66 -4.65 36.87 32.32
CA GLU C 66 -4.15 38.24 32.43
C GLU C 66 -2.75 38.35 31.86
N ASP C 67 -1.93 37.34 32.16
CA ASP C 67 -0.54 37.30 31.71
C ASP C 67 -0.32 36.08 30.81
N PRO C 68 -0.24 36.29 29.48
CA PRO C 68 -0.04 35.19 28.53
C PRO C 68 1.26 34.42 28.80
N VAL C 69 2.32 35.14 29.12
CA VAL C 69 3.61 34.50 29.39
C VAL C 69 3.52 33.63 30.64
N ALA C 70 2.89 34.16 31.69
CA ALA C 70 2.75 33.41 32.94
C ALA C 70 1.94 32.13 32.69
N ALA C 71 0.93 32.23 31.84
CA ALA C 71 0.09 31.06 31.53
C ALA C 71 0.88 30.00 30.78
N LEU C 72 1.71 30.44 29.83
CA LEU C 72 2.51 29.50 29.06
C LEU C 72 3.52 28.80 29.98
N LEU C 73 4.18 29.58 30.84
CA LEU C 73 5.16 29.01 31.77
C LEU C 73 4.49 28.13 32.82
N GLU C 74 3.20 28.34 33.04
CA GLU C 74 2.45 27.52 33.98
C GLU C 74 2.26 26.15 33.32
N ASN C 75 1.99 26.15 32.01
CA ASN C 75 1.82 24.90 31.27
C ASN C 75 3.13 24.12 31.33
N LEU C 76 4.26 24.84 31.26
CA LEU C 76 5.56 24.19 31.33
C LEU C 76 5.73 23.52 32.68
N ALA C 77 5.39 24.23 33.75
CA ALA C 77 5.51 23.66 35.10
C ALA C 77 4.69 22.39 35.24
N GLN C 78 3.49 22.39 34.67
CA GLN C 78 2.63 21.21 34.75
C GLN C 78 3.17 20.03 33.95
N ALA C 79 3.78 20.31 32.80
CA ALA C 79 4.35 19.24 31.98
C ALA C 79 5.48 18.57 32.74
N LEU C 80 6.36 19.37 33.34
CA LEU C 80 7.47 18.83 34.10
C LEU C 80 6.98 18.05 35.33
N ALA C 81 5.89 18.50 35.94
CA ALA C 81 5.36 17.82 37.11
C ALA C 81 4.89 16.40 36.77
N ARG C 82 4.45 16.21 35.53
CA ARG C 82 3.98 14.89 35.10
C ARG C 82 5.11 13.88 35.02
N ARG C 83 6.35 14.37 34.97
CA ARG C 83 7.50 13.47 34.89
C ARG C 83 8.30 13.41 36.20
N GLU C 84 7.86 14.14 37.22
CA GLU C 84 8.57 14.16 38.50
C GLU C 84 8.73 12.78 39.12
N ALA C 85 7.68 11.97 39.05
CA ALA C 85 7.72 10.63 39.62
C ALA C 85 8.80 9.74 39.00
N VAL C 86 8.85 9.67 37.67
CA VAL C 86 9.85 8.82 37.02
C VAL C 86 11.26 9.37 37.20
N LEU C 87 11.42 10.68 37.22
CA LEU C 87 12.76 11.25 37.40
C LEU C 87 13.26 10.95 38.80
N ARG C 88 12.35 10.95 39.76
CA ARG C 88 12.72 10.67 41.15
C ARG C 88 13.17 9.22 41.33
N GLN C 89 12.48 8.28 40.70
CA GLN C 89 12.83 6.87 40.85
C GLN C 89 13.90 6.37 39.88
N ASP C 90 13.97 6.98 38.70
CA ASP C 90 14.91 6.57 37.65
C ASP C 90 15.70 7.76 37.09
N PRO C 91 16.50 8.40 37.94
CA PRO C 91 17.28 9.56 37.48
C PRO C 91 18.24 9.32 36.32
N GLU C 92 18.72 8.10 36.15
CA GLU C 92 19.65 7.83 35.07
C GLU C 92 18.95 7.34 33.79
N GLY C 93 17.63 7.44 33.77
CA GLY C 93 16.88 7.00 32.60
C GLY C 93 16.75 8.08 31.53
N GLY C 94 16.03 7.74 30.46
CA GLY C 94 15.82 8.67 29.38
C GLY C 94 14.33 8.94 29.19
N TYR C 95 13.93 10.19 29.37
CA TYR C 95 12.52 10.58 29.25
C TYR C 95 12.31 11.90 28.54
N ARG C 96 11.16 12.02 27.87
CA ARG C 96 10.84 13.30 27.24
C ARG C 96 10.07 14.09 28.31
N LEU C 97 10.54 15.30 28.61
CA LEU C 97 9.91 16.16 29.61
C LEU C 97 8.83 17.05 29.02
N VAL C 98 9.01 17.45 27.77
CA VAL C 98 8.04 18.31 27.10
C VAL C 98 7.85 17.84 25.68
N HIS C 99 6.60 17.56 25.31
CA HIS C 99 6.27 17.06 23.99
C HIS C 99 5.38 18.01 23.15
N ALA C 100 5.85 19.23 22.98
CA ALA C 100 5.14 20.24 22.18
C ALA C 100 3.62 20.28 22.37
N GLU C 101 2.89 20.20 21.26
CA GLU C 101 1.42 20.24 21.28
C GLU C 101 0.78 19.32 22.33
N GLY C 102 1.27 18.09 22.40
CA GLY C 102 0.75 17.13 23.36
C GLY C 102 0.72 17.59 24.81
N ASP C 103 1.62 18.50 25.17
CA ASP C 103 1.71 19.05 26.52
C ASP C 103 1.19 20.49 26.53
N LEU C 104 0.50 20.89 25.48
CA LEU C 104 -0.01 22.25 25.35
C LEU C 104 1.14 23.25 25.43
N LEU C 105 2.26 22.86 24.85
CA LEU C 105 3.45 23.70 24.80
C LEU C 105 3.95 23.69 23.35
N PRO C 106 3.09 24.11 22.40
CA PRO C 106 3.44 24.14 20.98
C PRO C 106 4.79 24.78 20.69
N GLY C 107 5.59 24.14 19.86
CA GLY C 107 6.89 24.70 19.51
C GLY C 107 8.03 24.43 20.45
N LEU C 108 7.78 23.62 21.48
CA LEU C 108 8.84 23.30 22.44
C LEU C 108 8.91 21.81 22.72
N VAL C 109 10.13 21.28 22.70
CA VAL C 109 10.38 19.89 23.00
C VAL C 109 11.58 19.87 23.94
N VAL C 110 11.54 18.99 24.94
CA VAL C 110 12.64 18.88 25.89
C VAL C 110 12.83 17.40 26.23
N ASP C 111 14.04 16.90 26.01
CA ASP C 111 14.35 15.52 26.34
C ASP C 111 15.34 15.48 27.49
N TYR C 112 15.26 14.42 28.28
CA TYR C 112 16.12 14.24 29.45
C TYR C 112 16.93 12.95 29.29
N TYR C 113 18.25 13.07 29.36
CA TYR C 113 19.13 11.92 29.22
C TYR C 113 20.02 11.84 30.46
N ALA C 114 19.63 10.98 31.39
CA ALA C 114 20.38 10.78 32.63
C ALA C 114 20.88 12.08 33.27
N GLY C 115 19.98 13.03 33.46
CA GLY C 115 20.34 14.29 34.09
C GLY C 115 20.66 15.45 33.17
N HIS C 116 20.80 15.19 31.87
CA HIS C 116 21.12 16.23 30.91
C HIS C 116 19.94 16.49 29.97
N ALA C 117 19.40 17.69 30.02
CA ALA C 117 18.26 18.06 29.20
C ALA C 117 18.67 18.72 27.89
N VAL C 118 17.93 18.42 26.83
CA VAL C 118 18.18 18.99 25.53
C VAL C 118 16.90 19.65 25.05
N VAL C 119 16.95 20.96 24.88
CA VAL C 119 15.80 21.77 24.49
C VAL C 119 15.82 22.13 22.99
N GLN C 120 14.66 22.06 22.37
CA GLN C 120 14.52 22.41 20.95
C GLN C 120 13.30 23.33 20.84
N ALA C 121 13.54 24.58 20.45
CA ALA C 121 12.46 25.55 20.30
C ALA C 121 12.27 25.77 18.80
N THR C 122 11.02 25.68 18.34
CA THR C 122 10.74 25.86 16.92
C THR C 122 9.63 26.89 16.64
N ALA C 123 9.28 27.67 17.67
CA ALA C 123 8.26 28.71 17.54
C ALA C 123 8.93 29.97 18.07
N HIS C 124 8.86 31.06 17.30
CA HIS C 124 9.53 32.30 17.69
C HIS C 124 9.40 32.74 19.14
N ALA C 125 8.17 32.74 19.66
CA ALA C 125 7.91 33.18 21.03
C ALA C 125 8.78 32.50 22.09
N TRP C 126 9.17 31.25 21.85
CA TRP C 126 9.99 30.51 22.81
C TRP C 126 11.43 31.00 22.92
N GLU C 127 11.96 31.59 21.85
CA GLU C 127 13.34 32.04 21.87
C GLU C 127 13.66 32.98 23.03
N GLY C 128 12.79 33.98 23.26
CA GLY C 128 13.03 34.92 24.34
C GLY C 128 12.76 34.34 25.72
N LEU C 129 12.11 33.18 25.77
CA LEU C 129 11.79 32.55 27.04
C LEU C 129 12.75 31.42 27.40
N LEU C 130 13.75 31.17 26.56
CA LEU C 130 14.70 30.09 26.84
C LEU C 130 15.33 30.21 28.23
N PRO C 131 15.65 31.43 28.67
CA PRO C 131 16.25 31.58 30.02
C PRO C 131 15.28 31.06 31.08
N GLN C 132 13.99 31.36 30.91
CA GLN C 132 12.98 30.89 31.85
C GLN C 132 12.79 29.38 31.75
N VAL C 133 12.92 28.84 30.54
CA VAL C 133 12.79 27.40 30.37
C VAL C 133 13.94 26.71 31.12
N ALA C 134 15.14 27.28 30.99
CA ALA C 134 16.30 26.74 31.67
C ALA C 134 16.10 26.79 33.18
N GLU C 135 15.50 27.87 33.67
CA GLU C 135 15.24 28.05 35.10
C GLU C 135 14.25 27.01 35.62
N ALA C 136 13.23 26.71 34.82
CA ALA C 136 12.23 25.72 35.20
C ALA C 136 12.85 24.33 35.29
N LEU C 137 13.83 24.06 34.43
CA LEU C 137 14.49 22.76 34.41
C LEU C 137 15.59 22.57 35.45
N ARG C 138 16.24 23.66 35.82
CA ARG C 138 17.36 23.62 36.76
C ARG C 138 17.26 22.66 37.95
N PRO C 139 16.12 22.66 38.66
CA PRO C 139 15.99 21.76 39.80
C PRO C 139 15.78 20.27 39.46
N HIS C 140 15.66 19.95 38.17
CA HIS C 140 15.44 18.58 37.74
C HIS C 140 16.61 18.00 36.97
N VAL C 141 17.57 18.85 36.60
CA VAL C 141 18.71 18.41 35.80
C VAL C 141 20.07 18.95 36.22
N GLN C 142 21.11 18.39 35.61
CA GLN C 142 22.48 18.82 35.87
C GLN C 142 22.88 19.87 34.84
N SER C 143 22.40 19.69 33.60
CA SER C 143 22.72 20.63 32.53
C SER C 143 21.58 20.75 31.53
N VAL C 144 21.62 21.81 30.72
CA VAL C 144 20.62 22.06 29.70
C VAL C 144 21.29 22.55 28.41
N LEU C 145 21.03 21.85 27.33
CA LEU C 145 21.59 22.18 26.03
C LEU C 145 20.49 22.72 25.12
N ALA C 146 20.79 23.79 24.39
CA ALA C 146 19.83 24.34 23.45
C ALA C 146 20.17 23.80 22.07
N LYS C 147 19.47 22.75 21.64
CA LYS C 147 19.71 22.16 20.34
C LYS C 147 18.70 22.82 19.39
N ASN C 148 19.08 23.99 18.88
CA ASN C 148 18.20 24.74 17.99
C ASN C 148 18.71 24.85 16.56
N ASP C 149 18.99 23.69 15.96
CA ASP C 149 19.48 23.67 14.59
C ASP C 149 18.45 23.05 13.63
N ALA C 150 17.27 22.73 14.13
CA ALA C 150 16.24 22.15 13.27
C ALA C 150 15.89 23.18 12.20
N ARG C 151 15.92 22.75 10.95
CA ARG C 151 15.64 23.63 9.82
C ARG C 151 14.25 24.28 9.89
N THR C 152 13.33 23.69 10.66
CA THR C 152 12.00 24.26 10.78
C THR C 152 12.07 25.67 11.39
N ARG C 153 13.14 25.94 12.11
CA ARG C 153 13.31 27.26 12.73
C ARG C 153 13.43 28.37 11.70
N GLU C 154 13.97 28.04 10.53
CA GLU C 154 14.12 29.04 9.47
C GLU C 154 12.77 29.66 9.11
N LEU C 155 11.73 28.84 9.12
CA LEU C 155 10.38 29.31 8.80
C LEU C 155 9.92 30.40 9.76
N GLU C 156 10.33 30.28 11.02
CA GLU C 156 9.96 31.23 12.06
C GLU C 156 10.93 32.40 12.10
N GLY C 157 11.93 32.38 11.23
CA GLY C 157 12.90 33.47 11.21
C GLY C 157 13.88 33.41 12.37
N LEU C 158 14.13 32.20 12.86
CA LEU C 158 15.04 31.99 13.97
C LEU C 158 16.37 31.44 13.48
N PRO C 159 17.48 31.87 14.10
CA PRO C 159 18.80 31.39 13.68
C PRO C 159 19.05 29.94 14.11
N LEU C 160 19.98 29.28 13.44
CA LEU C 160 20.32 27.90 13.73
C LEU C 160 21.60 27.80 14.56
N TYR C 161 21.53 27.08 15.66
CA TYR C 161 22.69 26.92 16.55
C TYR C 161 22.44 25.84 17.59
N VAL C 162 23.52 25.37 18.20
CA VAL C 162 23.46 24.37 19.26
C VAL C 162 24.44 24.84 20.34
N ARG C 163 23.92 25.23 21.50
CA ARG C 163 24.77 25.72 22.57
C ARG C 163 24.15 25.54 23.94
N PRO C 164 24.99 25.53 24.99
CA PRO C 164 24.56 25.38 26.39
C PRO C 164 23.65 26.48 26.90
N LEU C 165 22.74 26.12 27.81
CA LEU C 165 21.82 27.07 28.43
C LEU C 165 22.06 27.05 29.94
N LEU C 166 22.52 25.91 30.45
CA LEU C 166 22.75 25.79 31.89
C LEU C 166 23.73 24.67 32.22
N GLY C 167 24.53 24.90 33.26
CA GLY C 167 25.51 23.92 33.71
C GLY C 167 26.49 23.50 32.63
N GLU C 168 27.23 22.43 32.90
CA GLU C 168 28.21 21.90 31.96
C GLU C 168 27.61 20.75 31.14
N VAL C 169 27.45 20.97 29.85
CA VAL C 169 26.89 19.95 28.97
C VAL C 169 28.00 19.03 28.48
N PRO C 170 27.85 17.72 28.74
CA PRO C 170 28.86 16.75 28.31
C PRO C 170 28.71 16.44 26.82
N GLU C 171 29.70 15.76 26.26
CA GLU C 171 29.64 15.39 24.84
C GLU C 171 28.85 14.10 24.72
N ARG C 172 29.00 13.23 25.72
CA ARG C 172 28.31 11.95 25.74
C ARG C 172 27.87 11.57 27.13
N VAL C 173 26.81 10.78 27.22
CA VAL C 173 26.32 10.32 28.51
C VAL C 173 25.64 8.96 28.34
N GLN C 174 25.73 8.15 29.39
CA GLN C 174 25.14 6.83 29.39
C GLN C 174 23.73 6.92 29.99
N VAL C 175 22.81 6.17 29.40
CA VAL C 175 21.44 6.14 29.88
C VAL C 175 21.07 4.71 30.20
N GLN C 176 20.46 4.49 31.36
CA GLN C 176 20.06 3.15 31.77
C GLN C 176 18.62 2.93 31.33
N GLU C 177 18.35 1.80 30.69
CA GLU C 177 17.02 1.47 30.21
C GLU C 177 16.79 0.00 30.47
N GLY C 178 16.07 -0.30 31.56
CA GLY C 178 15.84 -1.69 31.88
C GLY C 178 17.17 -2.32 32.22
N ARG C 179 17.46 -3.47 31.58
CA ARG C 179 18.70 -4.17 31.85
C ARG C 179 19.86 -3.82 30.92
N VAL C 180 19.70 -2.75 30.15
CA VAL C 180 20.78 -2.34 29.24
C VAL C 180 21.07 -0.85 29.36
N ARG C 181 22.24 -0.45 28.88
CA ARG C 181 22.65 0.95 28.90
C ARG C 181 23.02 1.31 27.46
N TYR C 182 22.85 2.58 27.11
CA TYR C 182 23.23 3.01 25.77
C TYR C 182 23.87 4.39 25.83
N LEU C 183 24.65 4.72 24.82
CA LEU C 183 25.35 5.99 24.79
C LEU C 183 24.64 7.03 23.95
N VAL C 184 24.43 8.19 24.55
CA VAL C 184 23.79 9.31 23.88
C VAL C 184 24.87 10.31 23.54
N ASP C 185 24.89 10.79 22.30
CA ASP C 185 25.89 11.77 21.89
C ASP C 185 25.19 13.12 21.78
N LEU C 186 25.60 14.08 22.61
CA LEU C 186 24.99 15.40 22.62
C LEU C 186 25.66 16.40 21.69
N ARG C 187 26.75 15.99 21.03
CA ARG C 187 27.45 16.88 20.11
C ARG C 187 26.58 17.15 18.88
N ALA C 188 26.60 18.39 18.40
CA ALA C 188 25.81 18.78 17.24
C ALA C 188 26.07 17.93 15.99
N GLY C 189 27.31 17.51 15.78
CA GLY C 189 27.64 16.72 14.61
C GLY C 189 27.52 15.21 14.74
N GLN C 190 26.86 14.72 15.78
CA GLN C 190 26.71 13.29 15.98
C GLN C 190 25.25 12.89 16.21
N LYS C 191 24.93 11.64 15.93
CA LYS C 191 23.58 11.13 16.13
C LYS C 191 23.35 11.01 17.64
N THR C 192 22.24 11.56 18.12
CA THR C 192 21.94 11.48 19.55
C THR C 192 21.81 10.01 19.95
N GLY C 193 21.10 9.24 19.12
CA GLY C 193 20.93 7.81 19.37
C GLY C 193 20.08 7.36 20.54
N ALA C 194 19.08 8.15 20.93
CA ALA C 194 18.22 7.78 22.05
C ALA C 194 16.86 7.19 21.63
N TYR C 195 16.18 7.87 20.70
CA TYR C 195 14.87 7.42 20.21
C TYR C 195 13.94 7.05 21.35
N LEU C 196 13.72 8.02 22.24
CA LEU C 196 12.89 7.82 23.42
C LEU C 196 11.45 7.37 23.20
N ASP C 197 10.86 7.69 22.05
CA ASP C 197 9.48 7.29 21.83
C ASP C 197 9.31 5.77 21.78
N GLN C 198 10.42 5.05 21.60
CA GLN C 198 10.38 3.59 21.57
C GLN C 198 10.87 2.97 22.89
N ARG C 199 11.18 3.81 23.88
CA ARG C 199 11.68 3.31 25.17
C ARG C 199 10.89 2.13 25.76
N GLU C 200 9.60 2.34 25.97
CA GLU C 200 8.78 1.30 26.57
C GLU C 200 8.52 0.09 25.66
N ASN C 201 8.54 0.31 24.35
CA ASN C 201 8.34 -0.79 23.42
C ASN C 201 9.60 -1.67 23.41
N ARG C 202 10.77 -1.05 23.57
CA ARG C 202 12.01 -1.82 23.61
C ARG C 202 12.00 -2.65 24.90
N LEU C 203 11.57 -2.04 25.99
CA LEU C 203 11.52 -2.73 27.27
C LEU C 203 10.54 -3.89 27.20
N TYR C 204 9.45 -3.69 26.47
CA TYR C 204 8.45 -4.75 26.35
C TYR C 204 9.08 -6.02 25.78
N MSE C 205 10.03 -5.85 24.86
CA MSE C 205 10.68 -6.99 24.23
C MSE C 205 11.57 -7.86 25.09
O MSE C 205 12.00 -8.92 24.64
CB MSE C 205 11.42 -6.52 22.98
CG MSE C 205 10.55 -5.66 22.05
SE MSE C 205 8.95 -6.55 21.35
CE MSE C 205 8.15 -7.16 22.94
N GLU C 206 11.86 -7.42 26.31
CA GLU C 206 12.72 -8.21 27.19
C GLU C 206 12.05 -9.49 27.68
N ARG C 207 10.75 -9.63 27.45
CA ARG C 207 10.03 -10.81 27.93
C ARG C 207 10.12 -12.01 27.00
N PHE C 208 10.51 -11.78 25.76
CA PHE C 208 10.60 -12.87 24.79
C PHE C 208 11.90 -13.66 24.84
N ARG C 209 11.81 -14.93 24.47
CA ARG C 209 12.95 -15.84 24.46
C ARG C 209 12.95 -16.63 23.15
N GLY C 210 14.14 -17.06 22.72
CA GLY C 210 14.22 -17.83 21.49
C GLY C 210 15.64 -18.03 21.04
N GLU C 211 15.81 -18.62 19.86
CA GLU C 211 17.14 -18.87 19.33
C GLU C 211 17.71 -17.66 18.61
N ARG C 212 17.11 -17.30 17.48
CA ARG C 212 17.58 -16.15 16.69
C ARG C 212 16.54 -15.05 16.54
N ALA C 213 16.99 -13.82 16.66
CA ALA C 213 16.12 -12.65 16.50
C ALA C 213 16.74 -11.76 15.44
N LEU C 214 15.90 -11.09 14.66
CA LEU C 214 16.35 -10.19 13.60
C LEU C 214 15.80 -8.79 13.90
N ASP C 215 16.69 -7.81 13.98
CA ASP C 215 16.31 -6.42 14.26
C ASP C 215 16.55 -5.58 13.00
N VAL C 216 15.48 -5.36 12.23
CA VAL C 216 15.56 -4.60 10.98
C VAL C 216 15.36 -3.10 11.21
N PHE C 217 16.13 -2.29 10.46
CA PHE C 217 16.11 -0.85 10.65
C PHE C 217 16.54 -0.59 12.04
N SER C 218 17.56 -1.33 12.42
CA SER C 218 18.07 -1.29 13.76
C SER C 218 18.39 0.12 14.29
N TYR C 219 18.90 0.98 13.40
CA TYR C 219 19.44 2.30 13.72
C TYR C 219 20.48 2.09 14.87
N ALA C 220 20.46 2.71 16.04
CA ALA C 220 21.56 2.52 17.02
C ALA C 220 21.61 1.19 17.75
N GLY C 221 20.64 0.33 17.46
CA GLY C 221 20.61 -1.01 18.02
C GLY C 221 19.83 -1.18 19.33
N GLY C 222 18.98 -0.22 19.67
CA GLY C 222 18.21 -0.29 20.89
C GLY C 222 17.43 -1.60 21.09
N PHE C 223 16.66 -2.00 20.08
CA PHE C 223 15.89 -3.23 20.21
C PHE C 223 16.80 -4.44 20.38
N ALA C 224 17.84 -4.51 19.56
CA ALA C 224 18.79 -5.62 19.63
C ALA C 224 19.38 -5.79 21.03
N LEU C 225 19.73 -4.68 21.68
CA LEU C 225 20.31 -4.74 23.02
C LEU C 225 19.41 -5.46 24.02
N HIS C 226 18.11 -5.14 23.96
CA HIS C 226 17.14 -5.76 24.86
C HIS C 226 16.87 -7.23 24.50
N LEU C 227 17.00 -7.56 23.23
CA LEU C 227 16.76 -8.93 22.75
C LEU C 227 17.95 -9.87 23.03
N ALA C 228 19.14 -9.30 23.17
CA ALA C 228 20.35 -10.09 23.42
C ALA C 228 20.30 -10.94 24.69
N LEU C 229 19.58 -10.45 25.70
CA LEU C 229 19.49 -11.17 26.97
C LEU C 229 18.63 -12.42 26.86
N GLY C 230 17.65 -12.40 25.96
CA GLY C 230 16.76 -13.53 25.82
C GLY C 230 16.97 -14.45 24.63
N PHE C 231 17.77 -14.03 23.66
CA PHE C 231 18.02 -14.85 22.48
C PHE C 231 19.48 -15.27 22.37
N ARG C 232 19.70 -16.44 21.77
CA ARG C 232 21.06 -16.96 21.61
C ARG C 232 21.83 -16.04 20.68
N GLU C 233 21.21 -15.69 19.54
CA GLU C 233 21.84 -14.79 18.58
C GLU C 233 20.89 -13.71 18.12
N VAL C 234 21.41 -12.49 18.00
CA VAL C 234 20.61 -11.36 17.52
C VAL C 234 21.33 -10.69 16.36
N VAL C 235 20.63 -10.52 15.25
CA VAL C 235 21.21 -9.89 14.08
C VAL C 235 20.58 -8.51 13.88
N ALA C 236 21.40 -7.46 13.97
CA ALA C 236 20.95 -6.09 13.79
C ALA C 236 21.30 -5.63 12.39
N VAL C 237 20.28 -5.18 11.64
CA VAL C 237 20.46 -4.75 10.27
C VAL C 237 20.10 -3.29 10.05
N ASP C 238 20.97 -2.58 9.35
CA ASP C 238 20.75 -1.17 9.02
C ASP C 238 21.67 -0.80 7.85
N SER C 239 21.22 0.13 7.02
CA SER C 239 22.01 0.55 5.87
C SER C 239 23.06 1.60 6.22
N SER C 240 22.99 2.15 7.43
CA SER C 240 23.93 3.18 7.86
C SER C 240 25.10 2.64 8.67
N ALA C 241 26.31 2.78 8.11
CA ALA C 241 27.53 2.31 8.77
C ALA C 241 27.73 3.02 10.10
N GLU C 242 27.42 4.31 10.13
CA GLU C 242 27.56 5.12 11.34
C GLU C 242 26.67 4.57 12.44
N ALA C 243 25.40 4.35 12.10
CA ALA C 243 24.44 3.82 13.07
C ALA C 243 24.94 2.49 13.63
N LEU C 244 25.40 1.61 12.74
CA LEU C 244 25.89 0.31 13.15
C LEU C 244 27.11 0.41 14.06
N ARG C 245 27.86 1.51 13.95
CA ARG C 245 29.03 1.69 14.81
C ARG C 245 28.53 1.95 16.23
N ARG C 246 27.49 2.78 16.35
CA ARG C 246 26.91 3.08 17.65
C ARG C 246 26.37 1.78 18.23
N ALA C 247 25.75 0.97 17.37
CA ALA C 247 25.19 -0.31 17.80
C ALA C 247 26.26 -1.22 18.40
N GLU C 248 27.38 -1.35 17.71
CA GLU C 248 28.46 -2.20 18.20
C GLU C 248 29.03 -1.63 19.49
N GLU C 249 29.11 -0.30 19.57
CA GLU C 249 29.63 0.36 20.74
C GLU C 249 28.70 0.10 21.93
N ASN C 250 27.39 0.16 21.69
CA ASN C 250 26.42 -0.08 22.75
C ASN C 250 26.49 -1.55 23.21
N ALA C 251 26.60 -2.47 22.26
CA ALA C 251 26.68 -3.89 22.60
C ALA C 251 27.89 -4.11 23.50
N ARG C 252 29.01 -3.49 23.13
CA ARG C 252 30.25 -3.59 23.87
C ARG C 252 30.12 -3.05 25.29
N LEU C 253 29.42 -1.93 25.44
CA LEU C 253 29.23 -1.31 26.75
C LEU C 253 28.49 -2.25 27.71
N ASN C 254 27.61 -3.09 27.15
CA ASN C 254 26.84 -4.04 27.96
C ASN C 254 27.49 -5.42 28.02
N GLY C 255 28.65 -5.55 27.40
CA GLY C 255 29.35 -6.83 27.39
C GLY C 255 28.57 -7.90 26.66
N LEU C 256 27.81 -7.50 25.66
CA LEU C 256 27.00 -8.44 24.87
C LEU C 256 27.80 -8.89 23.65
N GLY C 257 28.07 -10.19 23.57
CA GLY C 257 28.82 -10.70 22.44
C GLY C 257 27.99 -11.48 21.44
N ASN C 258 26.68 -11.58 21.68
CA ASN C 258 25.80 -12.32 20.77
C ASN C 258 25.01 -11.43 19.80
N VAL C 259 25.46 -10.20 19.64
CA VAL C 259 24.80 -9.28 18.71
C VAL C 259 25.71 -9.06 17.51
N ARG C 260 25.22 -9.48 16.35
CA ARG C 260 25.96 -9.36 15.10
C ARG C 260 25.33 -8.27 14.22
N VAL C 261 26.13 -7.30 13.82
CA VAL C 261 25.65 -6.22 12.98
C VAL C 261 25.81 -6.58 11.52
N LEU C 262 24.90 -6.11 10.69
CA LEU C 262 24.95 -6.41 9.27
C LEU C 262 24.55 -5.16 8.49
N GLU C 263 25.47 -4.63 7.70
CA GLU C 263 25.17 -3.45 6.91
C GLU C 263 24.56 -3.91 5.60
N ALA C 264 23.31 -3.53 5.37
CA ALA C 264 22.63 -3.92 4.15
C ALA C 264 21.27 -3.25 4.04
N ASN C 265 20.74 -3.26 2.82
CA ASN C 265 19.43 -2.68 2.56
C ASN C 265 18.40 -3.69 3.10
N ALA C 266 17.51 -3.21 3.96
CA ALA C 266 16.50 -4.06 4.58
C ALA C 266 15.64 -4.87 3.61
N PHE C 267 15.07 -4.21 2.59
CA PHE C 267 14.22 -4.89 1.62
C PHE C 267 14.97 -6.03 0.93
N ASP C 268 16.19 -5.74 0.47
CA ASP C 268 17.02 -6.73 -0.21
C ASP C 268 17.32 -7.91 0.72
N LEU C 269 17.78 -7.60 1.92
CA LEU C 269 18.14 -8.64 2.89
C LEU C 269 17.00 -9.59 3.26
N LEU C 270 15.82 -9.04 3.53
CA LEU C 270 14.68 -9.85 3.89
C LEU C 270 14.30 -10.84 2.80
N ARG C 271 14.46 -10.42 1.55
CA ARG C 271 14.14 -11.29 0.42
C ARG C 271 15.20 -12.40 0.35
N ARG C 272 16.47 -12.02 0.40
CA ARG C 272 17.54 -12.99 0.34
C ARG C 272 17.45 -14.02 1.46
N LEU C 273 17.34 -13.55 2.71
CA LEU C 273 17.25 -14.46 3.85
C LEU C 273 16.17 -15.52 3.66
N GLU C 274 15.00 -15.10 3.18
CA GLU C 274 13.90 -16.03 2.97
C GLU C 274 14.27 -17.13 1.97
N LYS C 275 14.66 -16.71 0.77
CA LYS C 275 15.02 -17.65 -0.27
C LYS C 275 16.23 -18.51 0.07
N GLU C 276 16.99 -18.09 1.08
CA GLU C 276 18.15 -18.85 1.52
C GLU C 276 17.71 -19.86 2.57
N GLY C 277 16.41 -19.85 2.87
CA GLY C 277 15.85 -20.77 3.85
C GLY C 277 16.02 -20.34 5.30
N GLU C 278 16.37 -19.08 5.51
CA GLU C 278 16.56 -18.55 6.86
C GLU C 278 15.25 -18.39 7.62
N ARG C 279 15.26 -18.79 8.89
CA ARG C 279 14.08 -18.68 9.75
C ARG C 279 14.50 -18.10 11.09
N PHE C 280 13.61 -17.34 11.72
CA PHE C 280 13.89 -16.71 13.00
C PHE C 280 12.73 -16.86 13.98
N ASP C 281 13.02 -16.75 15.27
CA ASP C 281 11.97 -16.86 16.28
C ASP C 281 11.35 -15.50 16.57
N LEU C 282 12.01 -14.44 16.10
CA LEU C 282 11.51 -13.08 16.33
C LEU C 282 12.11 -12.11 15.32
N VAL C 283 11.27 -11.21 14.84
CA VAL C 283 11.71 -10.18 13.90
C VAL C 283 11.11 -8.85 14.33
N VAL C 284 11.95 -7.82 14.43
CA VAL C 284 11.50 -6.49 14.79
C VAL C 284 11.65 -5.60 13.55
N LEU C 285 10.59 -4.87 13.20
CA LEU C 285 10.62 -3.96 12.06
C LEU C 285 10.33 -2.56 12.60
N ASP C 286 11.29 -1.66 12.50
CA ASP C 286 11.10 -0.29 12.98
C ASP C 286 11.64 0.67 11.92
N PRO C 287 11.02 0.66 10.74
CA PRO C 287 11.44 1.53 9.65
C PRO C 287 11.26 3.02 9.91
N PRO C 288 12.01 3.85 9.17
CA PRO C 288 11.89 5.31 9.33
C PRO C 288 10.54 5.64 8.71
N ALA C 289 10.05 6.86 8.87
CA ALA C 289 8.75 7.23 8.31
C ALA C 289 8.71 7.15 6.79
N PHE C 290 7.89 6.25 6.25
CA PHE C 290 7.77 6.10 4.80
C PHE C 290 6.87 7.18 4.21
N ALA C 291 6.07 7.81 5.06
CA ALA C 291 5.16 8.86 4.60
C ALA C 291 5.27 10.08 5.49
N LYS C 292 5.42 11.25 4.89
CA LYS C 292 5.50 12.47 5.67
C LYS C 292 4.33 13.38 5.31
N GLY C 293 3.81 13.19 4.11
CA GLY C 293 2.66 13.96 3.65
C GLY C 293 1.57 13.02 3.20
N LYS C 294 0.33 13.49 3.25
CA LYS C 294 -0.82 12.67 2.85
C LYS C 294 -0.67 12.00 1.49
N LYS C 295 -0.07 12.69 0.54
CA LYS C 295 0.11 12.16 -0.81
C LYS C 295 1.08 10.98 -0.91
N ASP C 296 1.90 10.79 0.12
CA ASP C 296 2.87 9.71 0.15
C ASP C 296 2.26 8.38 0.56
N VAL C 297 1.11 8.45 1.23
CA VAL C 297 0.43 7.26 1.75
C VAL C 297 0.22 6.06 0.84
N GLU C 298 -0.41 6.28 -0.32
CA GLU C 298 -0.68 5.19 -1.25
C GLU C 298 0.58 4.36 -1.55
N ARG C 299 1.68 5.03 -1.83
CA ARG C 299 2.94 4.33 -2.12
C ARG C 299 3.63 3.82 -0.85
N ALA C 300 3.48 4.56 0.25
CA ALA C 300 4.09 4.15 1.52
C ALA C 300 3.44 2.86 2.03
N TYR C 301 2.13 2.75 1.85
CA TYR C 301 1.39 1.57 2.28
C TYR C 301 1.97 0.33 1.60
N ARG C 302 2.30 0.49 0.32
CA ARG C 302 2.87 -0.58 -0.50
C ARG C 302 4.22 -1.02 0.06
N ALA C 303 5.04 -0.05 0.46
CA ALA C 303 6.36 -0.31 1.01
C ALA C 303 6.28 -1.00 2.37
N TYR C 304 5.35 -0.56 3.20
CA TYR C 304 5.17 -1.16 4.53
C TYR C 304 4.70 -2.61 4.36
N LYS C 305 3.76 -2.83 3.45
CA LYS C 305 3.24 -4.17 3.23
C LYS C 305 4.33 -5.14 2.79
N GLU C 306 5.20 -4.68 1.89
CA GLU C 306 6.28 -5.53 1.41
C GLU C 306 7.27 -5.95 2.50
N VAL C 307 7.68 -5.02 3.34
CA VAL C 307 8.63 -5.38 4.38
C VAL C 307 7.97 -6.26 5.44
N ASN C 308 6.69 -5.98 5.74
CA ASN C 308 5.96 -6.79 6.72
C ASN C 308 5.68 -8.20 6.17
N LEU C 309 5.37 -8.29 4.89
CA LEU C 309 5.11 -9.59 4.27
C LEU C 309 6.38 -10.44 4.31
N ARG C 310 7.51 -9.85 3.96
CA ARG C 310 8.76 -10.62 3.97
C ARG C 310 9.17 -11.02 5.38
N ALA C 311 8.96 -10.15 6.36
CA ALA C 311 9.30 -10.45 7.74
C ALA C 311 8.43 -11.62 8.23
N ILE C 312 7.15 -11.60 7.91
CA ILE C 312 6.25 -12.66 8.35
C ILE C 312 6.67 -14.02 7.80
N LYS C 313 7.12 -14.03 6.55
CA LYS C 313 7.55 -15.27 5.91
C LYS C 313 8.84 -15.86 6.52
N LEU C 314 9.61 -15.02 7.20
CA LEU C 314 10.85 -15.46 7.82
C LEU C 314 10.64 -16.07 9.21
N LEU C 315 9.42 -15.95 9.74
CA LEU C 315 9.14 -16.46 11.08
C LEU C 315 8.73 -17.92 11.17
N LYS C 316 9.26 -18.60 12.19
CA LYS C 316 8.94 -19.99 12.45
C LYS C 316 7.57 -20.00 13.15
N GLU C 317 6.93 -21.16 13.23
CA GLU C 317 5.66 -21.26 13.91
C GLU C 317 5.92 -20.81 15.35
N GLY C 318 5.03 -19.99 15.89
CA GLY C 318 5.22 -19.50 17.25
C GLY C 318 6.13 -18.27 17.27
N GLY C 319 6.57 -17.87 16.08
CA GLY C 319 7.46 -16.72 15.95
C GLY C 319 6.77 -15.42 16.30
N ILE C 320 7.57 -14.46 16.75
CA ILE C 320 7.06 -13.16 17.16
C ILE C 320 7.42 -12.07 16.17
N LEU C 321 6.41 -11.29 15.76
CA LEU C 321 6.64 -10.16 14.88
C LEU C 321 6.32 -8.87 15.63
N ALA C 322 7.31 -7.99 15.75
CA ALA C 322 7.10 -6.70 16.41
C ALA C 322 7.26 -5.73 15.24
N THR C 323 6.18 -5.01 14.90
CA THR C 323 6.24 -4.10 13.77
C THR C 323 5.70 -2.72 14.12
N ALA C 324 6.28 -1.70 13.48
CA ALA C 324 5.88 -0.34 13.76
C ALA C 324 5.95 0.60 12.57
N SER C 325 5.35 1.77 12.75
CA SER C 325 5.38 2.83 11.76
C SER C 325 5.34 4.12 12.54
N CYS C 326 6.18 5.08 12.16
CA CYS C 326 6.20 6.35 12.84
C CYS C 326 5.71 7.43 11.88
N SER C 327 4.98 7.01 10.86
CA SER C 327 4.41 7.94 9.86
C SER C 327 3.01 8.37 10.32
N HIS C 328 2.84 9.64 10.65
CA HIS C 328 1.53 10.11 11.08
C HIS C 328 0.43 9.80 10.08
N HIS C 329 0.70 9.98 8.80
CA HIS C 329 -0.32 9.74 7.78
C HIS C 329 -0.62 8.27 7.50
N MSE C 330 0.21 7.38 8.03
CA MSE C 330 -0.06 5.94 7.92
C MSE C 330 -0.85 5.78 9.22
O MSE C 330 -0.29 5.37 10.25
CB MSE C 330 1.24 5.14 7.96
CG MSE C 330 1.09 3.65 7.65
SE MSE C 330 0.38 3.29 5.87
CE MSE C 330 1.01 4.88 4.96
N THR C 331 -2.11 6.18 9.17
CA THR C 331 -2.98 6.13 10.36
C THR C 331 -3.04 4.75 10.99
N GLU C 332 -3.57 4.71 12.21
CA GLU C 332 -3.68 3.42 12.89
C GLU C 332 -4.56 2.45 12.11
N PRO C 333 -5.67 2.94 11.51
CA PRO C 333 -6.52 2.02 10.75
C PRO C 333 -5.77 1.44 9.53
N LEU C 334 -5.03 2.29 8.83
CA LEU C 334 -4.28 1.84 7.66
C LEU C 334 -3.17 0.88 8.06
N PHE C 335 -2.52 1.16 9.18
CA PHE C 335 -1.43 0.33 9.67
C PHE C 335 -1.91 -1.09 9.96
N TYR C 336 -3.00 -1.23 10.71
CA TYR C 336 -3.49 -2.57 11.00
C TYR C 336 -4.12 -3.27 9.81
N ALA C 337 -4.63 -2.49 8.85
CA ALA C 337 -5.21 -3.09 7.66
C ALA C 337 -4.05 -3.65 6.83
N MSE C 338 -2.93 -2.91 6.85
CA MSE C 338 -1.74 -3.31 6.11
C MSE C 338 -1.13 -4.59 6.67
O MSE C 338 -0.79 -5.51 5.92
CB MSE C 338 -0.72 -2.17 6.14
CG MSE C 338 0.61 -2.46 5.47
SE MSE C 338 1.87 -3.39 6.63
CE MSE C 338 2.18 -2.00 7.94
N VAL C 339 -0.98 -4.67 7.99
CA VAL C 339 -0.41 -5.87 8.57
C VAL C 339 -1.33 -7.06 8.28
N ALA C 340 -2.64 -6.85 8.38
CA ALA C 340 -3.60 -7.94 8.10
C ALA C 340 -3.44 -8.43 6.66
N GLU C 341 -3.31 -7.49 5.71
CA GLU C 341 -3.15 -7.86 4.31
C GLU C 341 -1.90 -8.69 4.11
N ALA C 342 -0.81 -8.27 4.75
CA ALA C 342 0.45 -8.98 4.65
C ALA C 342 0.33 -10.39 5.19
N ALA C 343 -0.34 -10.55 6.32
CA ALA C 343 -0.52 -11.86 6.93
C ALA C 343 -1.37 -12.74 6.01
N GLN C 344 -2.42 -12.16 5.45
CA GLN C 344 -3.29 -12.91 4.56
C GLN C 344 -2.54 -13.36 3.31
N ASP C 345 -1.71 -12.49 2.74
CA ASP C 345 -0.95 -12.86 1.55
C ASP C 345 0.12 -13.90 1.86
N ALA C 346 0.65 -13.87 3.07
CA ALA C 346 1.68 -14.81 3.49
C ALA C 346 1.09 -16.14 3.95
N HIS C 347 -0.24 -16.22 4.04
CA HIS C 347 -0.90 -17.44 4.48
C HIS C 347 -0.47 -17.79 5.91
N ARG C 348 -0.32 -16.77 6.74
CA ARG C 348 0.09 -16.98 8.13
C ARG C 348 -0.95 -16.39 9.05
N LEU C 349 -1.36 -17.18 10.05
CA LEU C 349 -2.34 -16.75 11.03
C LEU C 349 -1.60 -16.06 12.18
N LEU C 350 -1.97 -14.82 12.47
CA LEU C 350 -1.30 -14.07 13.53
C LEU C 350 -2.20 -13.76 14.73
N ARG C 351 -1.72 -14.07 15.92
CA ARG C 351 -2.45 -13.76 17.15
C ARG C 351 -1.96 -12.37 17.52
N VAL C 352 -2.88 -11.50 17.96
CA VAL C 352 -2.48 -10.15 18.36
C VAL C 352 -1.99 -10.21 19.79
N VAL C 353 -0.69 -9.99 20.00
CA VAL C 353 -0.14 -10.05 21.35
C VAL C 353 -0.37 -8.75 22.10
N GLU C 354 -0.03 -7.63 21.47
CA GLU C 354 -0.22 -6.34 22.10
C GLU C 354 -0.21 -5.24 21.05
N LYS C 355 -1.07 -4.26 21.24
CA LYS C 355 -1.16 -3.11 20.34
C LYS C 355 -0.72 -1.94 21.20
N ARG C 356 0.38 -1.31 20.81
CA ARG C 356 0.93 -0.21 21.59
C ARG C 356 1.17 1.03 20.74
N GLY C 357 1.80 2.03 21.34
CA GLY C 357 2.08 3.25 20.63
C GLY C 357 3.09 4.09 21.39
N GLN C 358 2.79 5.38 21.51
CA GLN C 358 3.67 6.30 22.21
C GLN C 358 3.48 6.17 23.71
N PRO C 359 4.59 6.26 24.47
CA PRO C 359 4.54 6.15 25.93
C PRO C 359 3.94 7.41 26.55
N PHE C 360 3.73 7.41 27.86
CA PHE C 360 3.11 8.54 28.53
C PHE C 360 3.80 9.89 28.37
N ASP C 361 5.13 9.88 28.24
CA ASP C 361 5.87 11.12 28.10
C ASP C 361 5.87 11.73 26.69
N HIS C 362 5.13 11.10 25.78
CA HIS C 362 4.96 11.60 24.41
C HIS C 362 3.44 11.60 24.23
N PRO C 363 2.74 12.43 25.02
CA PRO C 363 1.27 12.57 25.01
C PRO C 363 0.59 12.80 23.67
N VAL C 364 -0.57 12.15 23.52
CA VAL C 364 -1.40 12.24 22.32
C VAL C 364 -2.72 12.92 22.67
N LEU C 365 -3.17 13.83 21.80
CA LEU C 365 -4.43 14.55 21.98
C LEU C 365 -5.40 14.03 20.93
N LEU C 366 -6.58 13.62 21.38
CA LEU C 366 -7.59 13.10 20.47
C LEU C 366 -8.05 14.15 19.46
N ASN C 367 -8.17 15.40 19.91
CA ASN C 367 -8.63 16.50 19.06
C ASN C 367 -7.60 17.07 18.10
N HIS C 368 -6.33 16.72 18.30
CA HIS C 368 -5.24 17.19 17.46
C HIS C 368 -4.50 15.96 16.94
N PRO C 369 -5.08 15.30 15.93
CA PRO C 369 -4.55 14.08 15.28
C PRO C 369 -3.05 14.05 15.03
N GLU C 370 -2.49 15.18 14.58
CA GLU C 370 -1.06 15.23 14.28
C GLU C 370 -0.14 14.84 15.45
N THR C 371 -0.69 14.78 16.67
CA THR C 371 0.12 14.40 17.83
C THR C 371 0.37 12.89 17.88
N HIS C 372 -0.45 12.12 17.17
CA HIS C 372 -0.30 10.66 17.15
C HIS C 372 0.42 10.23 15.88
N TYR C 373 1.63 9.69 16.01
CA TYR C 373 2.39 9.27 14.85
C TYR C 373 2.95 7.85 14.95
N LEU C 374 3.11 7.35 16.17
CA LEU C 374 3.72 6.03 16.36
C LEU C 374 2.76 4.88 16.67
N LYS C 375 2.89 3.81 15.90
CA LYS C 375 2.11 2.59 16.10
C LYS C 375 3.14 1.48 16.29
N PHE C 376 2.94 0.65 17.32
CA PHE C 376 3.85 -0.45 17.59
C PHE C 376 2.96 -1.63 17.93
N ALA C 377 3.11 -2.73 17.19
CA ALA C 377 2.28 -3.91 17.44
C ALA C 377 3.10 -5.19 17.48
N VAL C 378 2.67 -6.13 18.30
CA VAL C 378 3.34 -7.40 18.44
C VAL C 378 2.35 -8.51 18.11
N PHE C 379 2.78 -9.47 17.29
CA PHE C 379 1.94 -10.58 16.88
C PHE C 379 2.71 -11.89 17.01
N GLN C 380 1.98 -12.98 17.04
CA GLN C 380 2.60 -14.30 17.11
C GLN C 380 2.03 -15.19 16.01
N VAL C 381 2.92 -15.89 15.30
CA VAL C 381 2.52 -16.79 14.23
C VAL C 381 1.95 -18.07 14.84
N LEU C 382 0.76 -18.47 14.41
CA LEU C 382 0.13 -19.67 14.93
C LEU C 382 0.25 -20.85 13.97
N MSE D 1 -13.47 -39.29 3.90
CA MSE D 1 -14.46 -38.24 3.52
C MSE D 1 -13.80 -36.87 3.57
O MSE D 1 -13.00 -36.57 4.46
CB MSE D 1 -15.65 -38.29 4.49
CG MSE D 1 -16.73 -37.24 4.21
SE MSE D 1 -17.59 -37.43 2.49
CE MSE D 1 -18.89 -38.79 2.95
N ARG D 2 -14.15 -36.02 2.60
CA ARG D 2 -13.58 -34.68 2.50
C ARG D 2 -14.64 -33.61 2.31
N ILE D 3 -14.32 -32.40 2.77
CA ILE D 3 -15.22 -31.27 2.59
C ILE D 3 -14.63 -30.51 1.40
N GLN D 4 -15.45 -30.23 0.39
CA GLN D 4 -14.97 -29.50 -0.78
C GLN D 4 -15.59 -28.11 -0.76
N VAL D 5 -14.74 -27.08 -0.77
CA VAL D 5 -15.26 -25.72 -0.77
C VAL D 5 -15.11 -25.12 -2.15
N ASN D 6 -15.79 -24.00 -2.41
CA ASN D 6 -15.65 -23.34 -3.69
C ASN D 6 -14.46 -22.37 -3.60
N ALA D 7 -14.22 -21.61 -4.66
CA ALA D 7 -13.10 -20.67 -4.70
C ALA D 7 -13.20 -19.63 -3.59
N LYS D 8 -14.43 -19.20 -3.30
CA LYS D 8 -14.65 -18.22 -2.25
C LYS D 8 -14.19 -18.78 -0.90
N GLY D 9 -14.58 -20.02 -0.60
CA GLY D 9 -14.18 -20.64 0.64
C GLY D 9 -12.67 -20.89 0.69
N ALA D 10 -12.11 -21.24 -0.46
CA ALA D 10 -10.68 -21.48 -0.57
C ALA D 10 -9.93 -20.19 -0.24
N ALA D 11 -10.35 -19.07 -0.83
CA ALA D 11 -9.70 -17.79 -0.57
C ALA D 11 -9.75 -17.41 0.91
N ARG D 12 -10.88 -17.70 1.56
CA ARG D 12 -11.02 -17.39 2.97
C ARG D 12 -10.03 -18.19 3.82
N LEU D 13 -9.95 -19.49 3.57
CA LEU D 13 -9.03 -20.34 4.32
C LEU D 13 -7.57 -20.03 4.02
N LEU D 14 -7.26 -19.67 2.78
CA LEU D 14 -5.88 -19.34 2.44
C LEU D 14 -5.47 -18.06 3.19
N SER D 15 -6.44 -17.15 3.38
CA SER D 15 -6.18 -15.89 4.08
C SER D 15 -6.11 -16.13 5.59
N ARG D 16 -6.44 -17.35 6.00
CA ARG D 16 -6.41 -17.79 7.39
C ARG D 16 -7.59 -17.37 8.24
N HIS D 17 -8.74 -17.13 7.61
CA HIS D 17 -9.94 -16.84 8.35
C HIS D 17 -10.34 -18.28 8.72
N LEU D 18 -11.05 -18.48 9.82
CA LEU D 18 -11.39 -19.84 10.22
C LEU D 18 -12.75 -20.34 9.75
N TRP D 19 -13.57 -19.45 9.22
CA TRP D 19 -14.91 -19.84 8.81
C TRP D 19 -15.22 -19.88 7.33
N VAL D 20 -16.06 -20.84 6.96
CA VAL D 20 -16.56 -20.98 5.59
C VAL D 20 -18.03 -21.34 5.79
N PHE D 21 -18.93 -20.51 5.25
CA PHE D 21 -20.35 -20.76 5.39
C PHE D 21 -20.87 -21.75 4.36
N ARG D 22 -22.01 -22.36 4.66
CA ARG D 22 -22.57 -23.40 3.79
C ARG D 22 -22.73 -23.05 2.32
N ARG D 23 -22.99 -21.79 1.99
CA ARG D 23 -23.15 -21.42 0.60
C ARG D 23 -21.87 -21.68 -0.18
N ASP D 24 -20.74 -21.70 0.52
CA ASP D 24 -19.46 -21.92 -0.13
C ASP D 24 -18.90 -23.33 0.04
N VAL D 25 -19.74 -24.26 0.48
CA VAL D 25 -19.35 -25.66 0.61
C VAL D 25 -19.99 -26.37 -0.59
N VAL D 26 -19.15 -26.90 -1.47
CA VAL D 26 -19.63 -27.59 -2.66
C VAL D 26 -20.20 -28.96 -2.31
N SER D 27 -19.48 -29.69 -1.47
CA SER D 27 -19.91 -31.01 -1.03
C SER D 27 -19.25 -31.38 0.29
N GLY D 28 -19.85 -32.30 1.01
CA GLY D 28 -19.29 -32.73 2.28
C GLY D 28 -20.09 -33.83 2.93
N PRO D 29 -19.69 -34.25 4.14
CA PRO D 29 -20.36 -35.31 4.91
C PRO D 29 -21.83 -34.99 5.18
N GLU D 30 -22.61 -36.01 5.49
CA GLU D 30 -24.03 -35.82 5.77
C GLU D 30 -24.30 -35.60 7.25
N THR D 31 -23.26 -35.71 8.07
CA THR D 31 -23.39 -35.52 9.52
C THR D 31 -22.19 -34.72 10.07
N PRO D 32 -22.37 -34.08 11.24
CA PRO D 32 -21.30 -33.28 11.87
C PRO D 32 -20.09 -34.13 12.22
N GLY D 33 -18.91 -33.49 12.31
CA GLY D 33 -17.71 -34.21 12.63
C GLY D 33 -16.43 -33.42 12.37
N LEU D 34 -15.29 -34.11 12.38
CA LEU D 34 -14.00 -33.49 12.10
C LEU D 34 -13.53 -34.00 10.75
N TYR D 35 -13.31 -33.10 9.80
CA TYR D 35 -12.88 -33.51 8.46
C TYR D 35 -11.91 -32.53 7.82
N PRO D 36 -11.09 -33.01 6.88
CA PRO D 36 -10.12 -32.15 6.18
C PRO D 36 -10.89 -31.37 5.12
N VAL D 37 -10.43 -30.16 4.81
CA VAL D 37 -11.08 -29.30 3.83
C VAL D 37 -10.19 -29.12 2.60
N TYR D 38 -10.80 -29.23 1.43
CA TYR D 38 -10.10 -29.11 0.15
C TYR D 38 -10.71 -28.13 -0.84
N TRP D 39 -9.86 -27.63 -1.72
CA TRP D 39 -10.22 -26.75 -2.83
C TRP D 39 -9.69 -27.63 -3.96
N GLY D 40 -10.57 -28.39 -4.60
CA GLY D 40 -10.12 -29.31 -5.63
C GLY D 40 -9.32 -30.40 -4.94
N ARG D 41 -8.13 -30.70 -5.46
CA ARG D 41 -7.27 -31.73 -4.84
C ARG D 41 -6.28 -31.10 -3.86
N ARG D 42 -6.45 -29.81 -3.58
CA ARG D 42 -5.54 -29.10 -2.68
C ARG D 42 -6.01 -29.00 -1.24
N PHE D 43 -5.26 -29.61 -0.33
CA PHE D 43 -5.58 -29.57 1.10
C PHE D 43 -5.50 -28.14 1.61
N LEU D 44 -6.48 -27.73 2.41
CA LEU D 44 -6.48 -26.38 2.98
C LEU D 44 -6.44 -26.37 4.51
N ALA D 45 -7.21 -27.25 5.13
CA ALA D 45 -7.23 -27.26 6.60
C ALA D 45 -8.02 -28.40 7.20
N LEU D 46 -7.93 -28.53 8.52
CA LEU D 46 -8.67 -29.53 9.28
C LEU D 46 -9.74 -28.68 9.94
N ALA D 47 -10.97 -29.19 9.99
CA ALA D 47 -12.02 -28.38 10.58
C ALA D 47 -13.11 -29.18 11.28
N LEU D 48 -13.89 -28.46 12.09
CA LEU D 48 -15.05 -29.05 12.75
C LEU D 48 -16.13 -28.72 11.73
N TYR D 49 -16.97 -29.68 11.40
CA TYR D 49 -17.98 -29.48 10.38
C TYR D 49 -19.42 -29.78 10.80
N ASN D 50 -20.35 -29.01 10.26
CA ASN D 50 -21.77 -29.19 10.51
C ASN D 50 -22.49 -28.87 9.20
N PRO D 51 -23.04 -29.90 8.54
CA PRO D 51 -23.75 -29.72 7.27
C PRO D 51 -25.17 -29.17 7.40
N HIS D 52 -25.56 -28.79 8.61
CA HIS D 52 -26.92 -28.30 8.85
C HIS D 52 -27.03 -26.82 9.20
N THR D 53 -25.91 -26.19 9.52
CA THR D 53 -25.93 -24.78 9.91
C THR D 53 -25.32 -23.84 8.87
N ASP D 54 -25.66 -22.55 8.98
CA ASP D 54 -25.14 -21.55 8.07
C ASP D 54 -23.61 -21.53 8.13
N LEU D 55 -23.06 -21.60 9.34
CA LEU D 55 -21.61 -21.62 9.52
C LEU D 55 -21.25 -23.10 9.54
N ALA D 56 -20.87 -23.62 8.38
CA ALA D 56 -20.57 -25.03 8.24
C ALA D 56 -19.17 -25.46 8.60
N VAL D 57 -18.19 -24.64 8.27
CA VAL D 57 -16.80 -24.99 8.52
C VAL D 57 -16.08 -24.09 9.52
N ARG D 58 -15.46 -24.69 10.52
CA ARG D 58 -14.69 -23.98 11.54
C ARG D 58 -13.32 -24.65 11.61
N ALA D 59 -12.34 -24.05 10.93
CA ALA D 59 -11.00 -24.61 10.88
C ALA D 59 -10.22 -24.47 12.20
N TYR D 60 -9.31 -25.42 12.45
CA TYR D 60 -8.49 -25.39 13.65
C TYR D 60 -7.01 -25.73 13.39
N ARG D 61 -6.69 -26.12 12.15
CA ARG D 61 -5.32 -26.43 11.74
C ARG D 61 -5.21 -26.18 10.24
N PHE D 62 -4.07 -25.68 9.78
CA PHE D 62 -3.90 -25.42 8.36
C PHE D 62 -2.80 -26.29 7.75
N ALA D 63 -2.65 -27.48 8.32
CA ALA D 63 -1.69 -28.48 7.89
C ALA D 63 -2.31 -29.84 8.22
N PRO D 64 -2.04 -30.86 7.41
CA PRO D 64 -2.62 -32.17 7.69
C PRO D 64 -2.13 -32.80 8.99
N ALA D 65 -2.92 -33.72 9.53
CA ALA D 65 -2.58 -34.42 10.75
C ALA D 65 -3.07 -35.85 10.62
N GLU D 66 -2.25 -36.80 11.05
CA GLU D 66 -2.63 -38.20 10.94
C GLU D 66 -3.85 -38.50 11.82
N ASP D 67 -3.90 -37.84 12.97
CA ASP D 67 -5.02 -38.03 13.92
C ASP D 67 -5.66 -36.69 14.24
N PRO D 68 -6.76 -36.34 13.55
CA PRO D 68 -7.49 -35.08 13.74
C PRO D 68 -7.91 -34.82 15.19
N VAL D 69 -8.31 -35.86 15.90
CA VAL D 69 -8.72 -35.70 17.30
C VAL D 69 -7.52 -35.33 18.15
N ALA D 70 -6.42 -36.08 17.99
CA ALA D 70 -5.21 -35.81 18.75
C ALA D 70 -4.74 -34.38 18.49
N ALA D 71 -4.94 -33.90 17.26
CA ALA D 71 -4.53 -32.55 16.89
C ALA D 71 -5.35 -31.52 17.65
N LEU D 72 -6.66 -31.73 17.70
CA LEU D 72 -7.55 -30.82 18.38
C LEU D 72 -7.21 -30.77 19.89
N LEU D 73 -6.89 -31.93 20.46
CA LEU D 73 -6.53 -32.01 21.87
C LEU D 73 -5.17 -31.36 22.13
N GLU D 74 -4.30 -31.35 21.13
CA GLU D 74 -3.01 -30.70 21.28
C GLU D 74 -3.28 -29.20 21.40
N ASN D 75 -4.23 -28.71 20.61
CA ASN D 75 -4.61 -27.30 20.63
C ASN D 75 -5.14 -26.92 22.01
N LEU D 76 -5.89 -27.83 22.63
CA LEU D 76 -6.44 -27.58 23.95
C LEU D 76 -5.30 -27.45 24.97
N ALA D 77 -4.31 -28.34 24.88
CA ALA D 77 -3.18 -28.30 25.80
C ALA D 77 -2.41 -27.00 25.64
N GLN D 78 -2.24 -26.57 24.39
CA GLN D 78 -1.51 -25.33 24.12
C GLN D 78 -2.27 -24.13 24.68
N ALA D 79 -3.60 -24.17 24.61
CA ALA D 79 -4.42 -23.09 25.14
C ALA D 79 -4.28 -23.02 26.66
N LEU D 80 -4.40 -24.16 27.34
CA LEU D 80 -4.28 -24.18 28.79
C LEU D 80 -2.88 -23.74 29.20
N ALA D 81 -1.88 -24.13 28.43
CA ALA D 81 -0.50 -23.77 28.73
C ALA D 81 -0.31 -22.27 28.81
N ARG D 82 -1.09 -21.52 28.04
CA ARG D 82 -0.97 -20.06 28.05
C ARG D 82 -1.49 -19.43 29.35
N ARG D 83 -2.35 -20.15 30.07
CA ARG D 83 -2.90 -19.63 31.32
C ARG D 83 -2.24 -20.22 32.57
N GLU D 84 -1.41 -21.25 32.40
CA GLU D 84 -0.74 -21.90 33.53
C GLU D 84 -0.08 -20.96 34.53
N ALA D 85 0.77 -20.07 34.02
CA ALA D 85 1.47 -19.13 34.87
C ALA D 85 0.55 -18.30 35.76
N VAL D 86 -0.49 -17.73 35.18
CA VAL D 86 -1.41 -16.89 35.96
C VAL D 86 -2.24 -17.69 36.96
N LEU D 87 -2.51 -18.96 36.68
CA LEU D 87 -3.31 -19.75 37.60
C LEU D 87 -2.54 -20.06 38.89
N ARG D 88 -1.22 -20.19 38.77
CA ARG D 88 -0.38 -20.49 39.92
C ARG D 88 -0.15 -19.28 40.82
N GLN D 89 -0.06 -18.09 40.23
CA GLN D 89 0.16 -16.91 41.04
C GLN D 89 -1.12 -16.17 41.44
N ASP D 90 -2.22 -16.46 40.76
CA ASP D 90 -3.50 -15.82 41.05
C ASP D 90 -4.63 -16.86 41.00
N PRO D 91 -4.53 -17.92 41.81
CA PRO D 91 -5.50 -19.02 41.87
C PRO D 91 -6.94 -18.64 42.22
N GLU D 92 -7.13 -17.52 42.91
CA GLU D 92 -8.49 -17.11 43.27
C GLU D 92 -9.08 -16.12 42.27
N GLY D 93 -8.37 -15.91 41.17
CA GLY D 93 -8.84 -14.98 40.16
C GLY D 93 -9.84 -15.59 39.19
N GLY D 94 -10.24 -14.79 38.21
CA GLY D 94 -11.18 -15.25 37.20
C GLY D 94 -10.54 -15.08 35.83
N TYR D 95 -10.39 -16.18 35.11
CA TYR D 95 -9.77 -16.15 33.80
C TYR D 95 -10.48 -17.07 32.81
N ARG D 96 -10.37 -16.74 31.54
CA ARG D 96 -10.92 -17.58 30.49
C ARG D 96 -9.75 -18.48 30.11
N LEU D 97 -9.97 -19.80 30.13
CA LEU D 97 -8.90 -20.75 29.80
C LEU D 97 -8.92 -21.16 28.34
N VAL D 98 -10.11 -21.14 27.74
CA VAL D 98 -10.29 -21.49 26.32
C VAL D 98 -11.28 -20.49 25.71
N HIS D 99 -10.84 -19.83 24.64
CA HIS D 99 -11.65 -18.81 23.99
C HIS D 99 -12.04 -19.17 22.55
N ALA D 100 -12.57 -20.38 22.37
CA ALA D 100 -13.02 -20.85 21.06
C ALA D 100 -12.04 -20.57 19.91
N GLU D 101 -12.53 -19.90 18.87
CA GLU D 101 -11.74 -19.57 17.69
C GLU D 101 -10.40 -18.90 18.02
N GLY D 102 -10.42 -17.97 18.97
CA GLY D 102 -9.21 -17.28 19.38
C GLY D 102 -8.07 -18.20 19.79
N ASP D 103 -8.41 -19.39 20.27
CA ASP D 103 -7.41 -20.38 20.69
C ASP D 103 -7.40 -21.58 19.73
N LEU D 104 -7.94 -21.37 18.53
CA LEU D 104 -8.03 -22.44 17.53
C LEU D 104 -8.74 -23.65 18.13
N LEU D 105 -9.80 -23.37 18.88
CA LEU D 105 -10.60 -24.41 19.52
C LEU D 105 -12.06 -24.05 19.29
N PRO D 106 -12.47 -23.97 18.02
CA PRO D 106 -13.86 -23.62 17.72
C PRO D 106 -14.82 -24.54 18.45
N GLY D 107 -15.93 -23.98 18.92
CA GLY D 107 -16.92 -24.78 19.61
C GLY D 107 -16.66 -25.08 21.07
N LEU D 108 -15.60 -24.50 21.63
CA LEU D 108 -15.28 -24.73 23.04
C LEU D 108 -14.88 -23.46 23.78
N VAL D 109 -15.50 -23.25 24.93
CA VAL D 109 -15.21 -22.12 25.81
C VAL D 109 -15.06 -22.69 27.22
N VAL D 110 -14.06 -22.22 27.95
CA VAL D 110 -13.85 -22.68 29.32
C VAL D 110 -13.45 -21.48 30.16
N ASP D 111 -14.20 -21.24 31.23
CA ASP D 111 -13.91 -20.14 32.14
C ASP D 111 -13.52 -20.71 33.50
N TYR D 112 -12.67 -19.98 34.20
CA TYR D 112 -12.16 -20.36 35.52
C TYR D 112 -12.54 -19.31 36.55
N TYR D 113 -13.19 -19.76 37.62
CA TYR D 113 -13.61 -18.86 38.68
C TYR D 113 -13.08 -19.37 40.01
N ALA D 114 -11.93 -18.85 40.42
CA ALA D 114 -11.32 -19.24 41.69
C ALA D 114 -11.27 -20.75 41.92
N GLY D 115 -10.81 -21.49 40.90
CA GLY D 115 -10.69 -22.92 41.02
C GLY D 115 -11.85 -23.74 40.48
N HIS D 116 -12.93 -23.08 40.09
CA HIS D 116 -14.09 -23.78 39.56
C HIS D 116 -14.24 -23.40 38.11
N ALA D 117 -14.11 -24.39 37.24
CA ALA D 117 -14.19 -24.18 35.80
C ALA D 117 -15.57 -24.47 35.26
N VAL D 118 -15.95 -23.74 34.21
CA VAL D 118 -17.23 -23.94 33.57
C VAL D 118 -16.95 -24.13 32.09
N VAL D 119 -17.36 -25.29 31.57
CA VAL D 119 -17.14 -25.65 30.18
C VAL D 119 -18.42 -25.50 29.36
N GLN D 120 -18.29 -24.91 28.18
CA GLN D 120 -19.43 -24.73 27.28
C GLN D 120 -19.01 -25.25 25.90
N ALA D 121 -19.61 -26.37 25.51
CA ALA D 121 -19.31 -26.99 24.22
C ALA D 121 -20.47 -26.77 23.25
N THR D 122 -20.14 -26.26 22.06
CA THR D 122 -21.16 -25.99 21.06
C THR D 122 -20.84 -26.63 19.70
N ALA D 123 -19.89 -27.57 19.70
CA ALA D 123 -19.51 -28.28 18.49
C ALA D 123 -19.58 -29.78 18.74
N HIS D 124 -20.23 -30.50 17.83
CA HIS D 124 -20.40 -31.94 17.96
C HIS D 124 -19.15 -32.72 18.39
N ALA D 125 -18.03 -32.44 17.75
CA ALA D 125 -16.79 -33.15 18.07
C ALA D 125 -16.38 -33.10 19.54
N TRP D 126 -16.70 -31.99 20.21
CA TRP D 126 -16.31 -31.86 21.62
C TRP D 126 -17.06 -32.76 22.59
N GLU D 127 -18.32 -33.09 22.26
CA GLU D 127 -19.12 -33.93 23.13
C GLU D 127 -18.39 -35.17 23.65
N GLY D 128 -17.86 -35.97 22.72
CA GLY D 128 -17.16 -37.17 23.12
C GLY D 128 -15.79 -36.91 23.71
N LEU D 129 -15.34 -35.67 23.70
CA LEU D 129 -14.03 -35.34 24.24
C LEU D 129 -14.10 -34.65 25.62
N LEU D 130 -15.31 -34.40 26.10
CA LEU D 130 -15.47 -33.73 27.39
C LEU D 130 -14.69 -34.41 28.51
N PRO D 131 -14.67 -35.75 28.56
CA PRO D 131 -13.90 -36.38 29.63
C PRO D 131 -12.43 -35.97 29.52
N GLN D 132 -11.94 -35.87 28.28
CA GLN D 132 -10.55 -35.48 28.05
C GLN D 132 -10.35 -34.02 28.45
N VAL D 133 -11.37 -33.20 28.22
CA VAL D 133 -11.28 -31.78 28.59
C VAL D 133 -11.19 -31.67 30.11
N ALA D 134 -12.05 -32.38 30.81
CA ALA D 134 -12.06 -32.36 32.27
C ALA D 134 -10.69 -32.77 32.82
N GLU D 135 -10.12 -33.84 32.27
CA GLU D 135 -8.81 -34.32 32.73
C GLU D 135 -7.69 -33.31 32.45
N ALA D 136 -7.80 -32.58 31.34
CA ALA D 136 -6.77 -31.58 31.03
C ALA D 136 -6.86 -30.45 32.05
N LEU D 137 -8.08 -30.17 32.50
CA LEU D 137 -8.31 -29.12 33.48
C LEU D 137 -7.98 -29.56 34.90
N ARG D 138 -8.19 -30.84 35.19
CA ARG D 138 -7.97 -31.39 36.53
C ARG D 138 -6.83 -30.82 37.36
N PRO D 139 -5.59 -30.80 36.82
CA PRO D 139 -4.48 -30.27 37.62
C PRO D 139 -4.62 -28.81 38.02
N HIS D 140 -5.50 -28.08 37.34
CA HIS D 140 -5.67 -26.66 37.63
C HIS D 140 -6.93 -26.31 38.41
N VAL D 141 -7.85 -27.26 38.58
CA VAL D 141 -9.10 -26.94 39.26
C VAL D 141 -9.57 -27.84 40.39
N GLN D 142 -10.63 -27.38 41.05
CA GLN D 142 -11.27 -28.11 42.14
C GLN D 142 -12.49 -28.83 41.56
N SER D 143 -13.21 -28.16 40.66
CA SER D 143 -14.38 -28.76 40.04
C SER D 143 -14.55 -28.23 38.62
N VAL D 144 -15.36 -28.94 37.83
CA VAL D 144 -15.65 -28.55 36.45
C VAL D 144 -17.13 -28.76 36.19
N LEU D 145 -17.78 -27.73 35.67
CA LEU D 145 -19.20 -27.78 35.36
C LEU D 145 -19.43 -27.76 33.85
N ALA D 146 -20.26 -28.67 33.37
CA ALA D 146 -20.57 -28.71 31.96
C ALA D 146 -21.87 -27.91 31.78
N LYS D 147 -21.73 -26.67 31.36
CA LYS D 147 -22.89 -25.81 31.13
C LYS D 147 -23.19 -25.93 29.64
N ASN D 148 -23.87 -27.02 29.27
CA ASN D 148 -24.20 -27.31 27.88
C ASN D 148 -25.67 -27.20 27.53
N ASP D 149 -26.27 -26.05 27.86
CA ASP D 149 -27.68 -25.84 27.56
C ASP D 149 -27.91 -24.84 26.43
N ALA D 150 -26.86 -24.51 25.70
CA ALA D 150 -26.97 -23.58 24.58
C ALA D 150 -27.72 -24.21 23.41
N ARG D 151 -28.78 -23.54 22.96
CA ARG D 151 -29.61 -24.02 21.87
C ARG D 151 -28.80 -24.53 20.67
N THR D 152 -27.70 -23.84 20.38
CA THR D 152 -26.83 -24.19 19.27
C THR D 152 -26.48 -25.68 19.23
N ARG D 153 -26.32 -26.28 20.41
CA ARG D 153 -25.97 -27.70 20.51
C ARG D 153 -26.95 -28.63 19.83
N GLU D 154 -28.20 -28.18 19.72
CA GLU D 154 -29.25 -29.00 19.11
C GLU D 154 -28.97 -29.38 17.66
N LEU D 155 -28.60 -28.41 16.84
CA LEU D 155 -28.32 -28.67 15.44
C LEU D 155 -26.98 -29.39 15.25
N GLU D 156 -26.25 -29.58 16.33
CA GLU D 156 -24.96 -30.27 16.28
C GLU D 156 -25.22 -31.73 16.63
N GLY D 157 -26.50 -32.05 16.88
CA GLY D 157 -26.87 -33.40 17.25
C GLY D 157 -26.44 -33.66 18.69
N LEU D 158 -26.63 -32.64 19.53
CA LEU D 158 -26.25 -32.73 20.93
C LEU D 158 -27.36 -32.29 21.89
N PRO D 159 -27.58 -33.06 22.96
CA PRO D 159 -28.61 -32.75 23.95
C PRO D 159 -28.26 -31.55 24.81
N LEU D 160 -29.27 -30.96 25.45
CA LEU D 160 -29.06 -29.80 26.31
C LEU D 160 -29.05 -30.25 27.77
N TYR D 161 -28.08 -29.77 28.54
CA TYR D 161 -27.98 -30.14 29.94
C TYR D 161 -26.94 -29.33 30.68
N VAL D 162 -27.05 -29.35 32.00
CA VAL D 162 -26.11 -28.65 32.87
C VAL D 162 -25.77 -29.65 33.97
N ARG D 163 -24.52 -30.11 33.99
CA ARG D 163 -24.11 -31.06 35.01
C ARG D 163 -22.62 -31.07 35.26
N PRO D 164 -22.20 -31.46 36.47
CA PRO D 164 -20.80 -31.53 36.85
C PRO D 164 -20.03 -32.50 35.97
N LEU D 165 -18.78 -32.18 35.69
CA LEU D 165 -17.92 -33.05 34.90
C LEU D 165 -16.82 -33.59 35.81
N LEU D 166 -16.50 -32.82 36.84
CA LEU D 166 -15.46 -33.18 37.79
C LEU D 166 -15.70 -32.52 39.14
N GLY D 167 -15.57 -33.32 40.21
CA GLY D 167 -15.75 -32.80 41.56
C GLY D 167 -17.12 -32.25 41.91
N GLU D 168 -17.18 -31.52 43.01
CA GLU D 168 -18.41 -30.94 43.50
C GLU D 168 -18.49 -29.47 43.11
N VAL D 169 -19.49 -29.14 42.31
CA VAL D 169 -19.70 -27.77 41.83
C VAL D 169 -20.51 -26.94 42.84
N PRO D 170 -19.95 -25.84 43.33
CA PRO D 170 -20.64 -24.98 44.30
C PRO D 170 -21.64 -24.06 43.60
N GLU D 171 -22.61 -23.54 44.35
CA GLU D 171 -23.59 -22.63 43.77
C GLU D 171 -23.00 -21.24 43.55
N ARG D 172 -22.21 -20.78 44.51
CA ARG D 172 -21.60 -19.46 44.43
C ARG D 172 -20.09 -19.55 44.68
N VAL D 173 -19.35 -18.62 44.09
CA VAL D 173 -17.91 -18.61 44.24
C VAL D 173 -17.38 -17.18 44.35
N GLN D 174 -16.54 -16.93 45.35
CA GLN D 174 -15.96 -15.62 45.53
C GLN D 174 -14.68 -15.55 44.70
N VAL D 175 -14.58 -14.53 43.85
CA VAL D 175 -13.41 -14.35 42.99
C VAL D 175 -12.65 -13.09 43.41
N GLN D 176 -11.32 -13.19 43.47
CA GLN D 176 -10.49 -12.06 43.84
C GLN D 176 -10.07 -11.35 42.56
N GLU D 177 -10.21 -10.03 42.54
CA GLU D 177 -9.82 -9.26 41.37
C GLU D 177 -9.16 -7.98 41.87
N GLY D 178 -7.84 -8.01 41.98
CA GLY D 178 -7.12 -6.85 42.46
C GLY D 178 -7.45 -6.59 43.92
N ARG D 179 -7.92 -5.38 44.21
CA ARG D 179 -8.25 -5.01 45.58
C ARG D 179 -9.68 -5.34 46.03
N VAL D 180 -10.47 -5.97 45.15
CA VAL D 180 -11.83 -6.33 45.50
C VAL D 180 -12.16 -7.77 45.15
N ARG D 181 -13.30 -8.23 45.65
CA ARG D 181 -13.77 -9.58 45.38
C ARG D 181 -15.22 -9.46 44.89
N TYR D 182 -15.69 -10.44 44.13
CA TYR D 182 -17.07 -10.41 43.65
C TYR D 182 -17.60 -11.83 43.65
N LEU D 183 -18.92 -11.97 43.72
CA LEU D 183 -19.55 -13.29 43.80
C LEU D 183 -20.17 -13.78 42.50
N VAL D 184 -19.63 -14.89 42.00
CA VAL D 184 -20.11 -15.50 40.77
C VAL D 184 -21.19 -16.52 41.13
N ASP D 185 -22.21 -16.64 40.28
CA ASP D 185 -23.29 -17.59 40.53
C ASP D 185 -23.21 -18.66 39.44
N LEU D 186 -22.81 -19.87 39.82
CA LEU D 186 -22.67 -20.95 38.85
C LEU D 186 -23.96 -21.70 38.56
N ARG D 187 -25.05 -21.28 39.19
CA ARG D 187 -26.33 -21.93 38.96
C ARG D 187 -26.87 -21.59 37.58
N ALA D 188 -27.38 -22.62 36.90
CA ALA D 188 -27.92 -22.52 35.55
C ALA D 188 -28.84 -21.32 35.29
N GLY D 189 -29.83 -21.12 36.13
CA GLY D 189 -30.77 -20.02 35.93
C GLY D 189 -30.39 -18.65 36.45
N GLN D 190 -29.20 -18.54 37.05
CA GLN D 190 -28.75 -17.26 37.60
C GLN D 190 -27.66 -16.64 36.75
N LYS D 191 -27.52 -15.32 36.84
CA LYS D 191 -26.50 -14.62 36.09
C LYS D 191 -25.14 -14.93 36.69
N THR D 192 -24.22 -15.39 35.86
CA THR D 192 -22.88 -15.70 36.32
C THR D 192 -22.27 -14.45 36.95
N GLY D 193 -22.39 -13.32 36.26
CA GLY D 193 -21.88 -12.05 36.78
C GLY D 193 -20.39 -11.84 36.92
N ALA D 194 -19.59 -12.42 36.02
CA ALA D 194 -18.14 -12.27 36.08
C ALA D 194 -17.62 -11.27 35.04
N TYR D 195 -18.13 -11.38 33.81
CA TYR D 195 -17.75 -10.50 32.70
C TYR D 195 -16.23 -10.35 32.64
N LEU D 196 -15.56 -11.49 32.50
CA LEU D 196 -14.11 -11.54 32.47
C LEU D 196 -13.40 -10.75 31.37
N ASP D 197 -14.05 -10.54 30.23
CA ASP D 197 -13.35 -9.80 29.17
C ASP D 197 -12.99 -8.37 29.59
N GLN D 198 -13.63 -7.88 30.65
CA GLN D 198 -13.37 -6.53 31.15
C GLN D 198 -12.49 -6.53 32.41
N ARG D 199 -12.04 -7.71 32.85
CA ARG D 199 -11.21 -7.84 34.05
C ARG D 199 -10.05 -6.85 34.15
N GLU D 200 -9.18 -6.83 33.14
CA GLU D 200 -8.03 -5.94 33.17
C GLU D 200 -8.42 -4.47 33.03
N ASN D 201 -9.51 -4.19 32.34
CA ASN D 201 -9.95 -2.81 32.19
C ASN D 201 -10.54 -2.30 33.49
N ARG D 202 -11.15 -3.20 34.27
CA ARG D 202 -11.71 -2.83 35.56
C ARG D 202 -10.55 -2.55 36.53
N LEU D 203 -9.53 -3.39 36.48
CA LEU D 203 -8.36 -3.21 37.35
C LEU D 203 -7.64 -1.91 37.03
N TYR D 204 -7.63 -1.54 35.75
CA TYR D 204 -6.96 -0.33 35.31
C TYR D 204 -7.55 0.90 35.99
N MSE D 205 -8.83 0.81 36.33
CA MSE D 205 -9.56 1.90 36.99
C MSE D 205 -9.02 2.26 38.38
O MSE D 205 -9.25 3.38 38.84
CB MSE D 205 -11.04 1.52 37.14
CG MSE D 205 -11.79 1.32 35.85
SE MSE D 205 -12.07 3.00 34.92
CE MSE D 205 -10.50 2.96 33.85
N GLU D 206 -8.35 1.32 39.02
CA GLU D 206 -7.85 1.56 40.37
C GLU D 206 -6.82 2.68 40.49
N ARG D 207 -6.25 3.11 39.37
CA ARG D 207 -5.24 4.17 39.41
C ARG D 207 -5.84 5.58 39.49
N PHE D 208 -7.15 5.70 39.34
CA PHE D 208 -7.79 7.00 39.38
C PHE D 208 -8.47 7.29 40.72
N ARG D 209 -8.42 8.56 41.11
CA ARG D 209 -9.02 9.02 42.36
C ARG D 209 -9.77 10.32 42.11
N GLY D 210 -10.78 10.57 42.93
CA GLY D 210 -11.55 11.79 42.75
C GLY D 210 -12.74 11.83 43.66
N GLU D 211 -13.60 12.83 43.45
CA GLU D 211 -14.78 12.98 44.29
C GLU D 211 -15.97 12.15 43.80
N ARG D 212 -16.45 12.40 42.59
CA ARG D 212 -17.60 11.66 42.08
C ARG D 212 -17.35 10.92 40.78
N ALA D 213 -17.84 9.67 40.71
CA ALA D 213 -17.69 8.85 39.51
C ALA D 213 -19.05 8.29 39.12
N LEU D 214 -19.27 8.15 37.82
CA LEU D 214 -20.51 7.62 37.29
C LEU D 214 -20.19 6.38 36.47
N ASP D 215 -20.86 5.27 36.77
CA ASP D 215 -20.67 4.01 36.04
C ASP D 215 -21.95 3.72 35.27
N VAL D 216 -21.96 4.07 33.99
CA VAL D 216 -23.13 3.85 33.14
C VAL D 216 -23.10 2.45 32.55
N PHE D 217 -24.24 1.77 32.59
CA PHE D 217 -24.31 0.38 32.12
C PHE D 217 -23.43 -0.46 33.05
N SER D 218 -23.63 -0.27 34.39
CA SER D 218 -22.87 -0.91 35.51
C SER D 218 -22.91 -2.45 35.53
N TYR D 219 -24.05 -2.98 35.12
CA TYR D 219 -24.36 -4.37 35.20
C TYR D 219 -24.01 -4.86 36.60
N ALA D 220 -23.30 -5.93 36.76
CA ALA D 220 -23.09 -6.42 38.09
C ALA D 220 -22.31 -5.46 38.97
N GLY D 221 -21.89 -4.28 38.46
CA GLY D 221 -21.18 -3.32 39.29
C GLY D 221 -19.64 -3.50 39.32
N GLY D 222 -19.12 -4.31 38.38
CA GLY D 222 -17.69 -4.52 38.36
C GLY D 222 -16.86 -3.25 38.37
N PHE D 223 -17.08 -2.36 37.41
CA PHE D 223 -16.31 -1.13 37.38
C PHE D 223 -16.53 -0.30 38.64
N ALA D 224 -17.77 -0.23 39.10
CA ALA D 224 -18.09 0.53 40.31
C ALA D 224 -17.29 0.08 41.54
N LEU D 225 -17.06 -1.22 41.68
CA LEU D 225 -16.32 -1.73 42.83
C LEU D 225 -14.90 -1.16 42.89
N HIS D 226 -14.23 -1.16 41.76
CA HIS D 226 -12.87 -0.64 41.68
C HIS D 226 -12.82 0.87 41.83
N LEU D 227 -13.83 1.55 41.32
CA LEU D 227 -13.89 3.01 41.42
C LEU D 227 -14.15 3.43 42.87
N ALA D 228 -14.92 2.61 43.59
CA ALA D 228 -15.24 2.92 44.98
C ALA D 228 -14.01 2.99 45.88
N LEU D 229 -12.91 2.41 45.42
CA LEU D 229 -11.67 2.43 46.18
C LEU D 229 -11.00 3.80 46.14
N GLY D 230 -11.23 4.54 45.06
CA GLY D 230 -10.60 5.85 44.92
C GLY D 230 -11.52 7.06 44.82
N PHE D 231 -12.82 6.82 44.71
CA PHE D 231 -13.78 7.92 44.62
C PHE D 231 -14.69 7.95 45.83
N ARG D 232 -15.05 9.16 46.26
CA ARG D 232 -15.93 9.34 47.42
C ARG D 232 -17.34 8.85 47.12
N GLU D 233 -17.81 9.14 45.91
CA GLU D 233 -19.16 8.75 45.50
C GLU D 233 -19.12 8.08 44.13
N VAL D 234 -19.71 6.89 44.05
CA VAL D 234 -19.78 6.16 42.78
C VAL D 234 -21.23 5.82 42.51
N VAL D 235 -21.75 6.29 41.39
CA VAL D 235 -23.13 6.01 41.03
C VAL D 235 -23.18 4.95 39.93
N ALA D 236 -23.73 3.79 40.27
CA ALA D 236 -23.86 2.68 39.33
C ALA D 236 -25.25 2.70 38.71
N VAL D 237 -25.31 2.93 37.40
CA VAL D 237 -26.59 3.00 36.70
C VAL D 237 -26.83 1.83 35.74
N ASP D 238 -28.07 1.36 35.70
CA ASP D 238 -28.45 0.28 34.81
C ASP D 238 -29.97 0.13 34.80
N SER D 239 -30.51 -0.39 33.71
CA SER D 239 -31.96 -0.57 33.60
C SER D 239 -32.41 -1.92 34.16
N SER D 240 -31.44 -2.77 34.49
CA SER D 240 -31.76 -4.08 35.04
C SER D 240 -31.73 -4.08 36.56
N ALA D 241 -32.90 -4.23 37.17
CA ALA D 241 -33.00 -4.24 38.63
C ALA D 241 -32.28 -5.47 39.18
N GLU D 242 -32.37 -6.58 38.46
CA GLU D 242 -31.73 -7.82 38.86
C GLU D 242 -30.21 -7.64 38.87
N ALA D 243 -29.70 -6.96 37.86
CA ALA D 243 -28.27 -6.70 37.75
C ALA D 243 -27.79 -5.79 38.87
N LEU D 244 -28.62 -4.83 39.26
CA LEU D 244 -28.26 -3.91 40.33
C LEU D 244 -28.26 -4.59 41.70
N ARG D 245 -29.03 -5.66 41.85
CA ARG D 245 -29.05 -6.36 43.12
C ARG D 245 -27.69 -7.02 43.31
N ARG D 246 -27.16 -7.59 42.23
CA ARG D 246 -25.86 -8.23 42.30
C ARG D 246 -24.81 -7.17 42.63
N ALA D 247 -24.95 -5.99 42.03
CA ALA D 247 -24.02 -4.90 42.27
C ALA D 247 -24.03 -4.51 43.74
N GLU D 248 -25.22 -4.40 44.32
CA GLU D 248 -25.34 -4.03 45.73
C GLU D 248 -24.73 -5.12 46.61
N GLU D 249 -24.95 -6.37 46.25
CA GLU D 249 -24.42 -7.49 47.01
C GLU D 249 -22.90 -7.52 46.97
N ASN D 250 -22.33 -7.28 45.80
CA ASN D 250 -20.88 -7.27 45.67
C ASN D 250 -20.26 -6.10 46.43
N ALA D 251 -20.94 -4.96 46.43
CA ALA D 251 -20.42 -3.79 47.14
C ALA D 251 -20.40 -4.09 48.64
N ARG D 252 -21.45 -4.77 49.12
CA ARG D 252 -21.56 -5.11 50.54
C ARG D 252 -20.47 -6.10 50.91
N LEU D 253 -20.19 -7.05 50.03
CA LEU D 253 -19.16 -8.06 50.26
C LEU D 253 -17.82 -7.40 50.53
N ASN D 254 -17.59 -6.26 49.88
CA ASN D 254 -16.34 -5.51 50.02
C ASN D 254 -16.42 -4.39 51.04
N GLY D 255 -17.59 -4.21 51.65
CA GLY D 255 -17.75 -3.15 52.64
C GLY D 255 -17.66 -1.77 51.99
N LEU D 256 -18.00 -1.69 50.71
CA LEU D 256 -17.96 -0.43 49.97
C LEU D 256 -19.31 0.26 49.95
N GLY D 257 -19.62 0.98 51.03
CA GLY D 257 -20.89 1.68 51.11
C GLY D 257 -20.99 2.94 50.28
N ASN D 258 -19.88 3.37 49.69
CA ASN D 258 -19.89 4.58 48.87
C ASN D 258 -20.38 4.34 47.43
N VAL D 259 -20.90 3.14 47.18
CA VAL D 259 -21.46 2.83 45.87
C VAL D 259 -22.98 2.86 46.00
N ARG D 260 -23.64 3.66 45.17
CA ARG D 260 -25.09 3.69 45.23
C ARG D 260 -25.63 3.37 43.85
N VAL D 261 -26.55 2.42 43.78
CA VAL D 261 -27.12 2.01 42.51
C VAL D 261 -28.32 2.87 42.12
N LEU D 262 -28.56 2.96 40.81
CA LEU D 262 -29.66 3.75 40.30
C LEU D 262 -30.25 3.04 39.09
N GLU D 263 -31.51 2.60 39.23
CA GLU D 263 -32.20 1.91 38.15
C GLU D 263 -32.77 3.00 37.24
N ALA D 264 -32.18 3.15 36.06
CA ALA D 264 -32.64 4.17 35.12
C ALA D 264 -32.19 3.88 33.70
N ASN D 265 -32.74 4.64 32.76
CA ASN D 265 -32.38 4.51 31.35
C ASN D 265 -31.18 5.43 31.17
N ALA D 266 -30.03 4.83 30.87
CA ALA D 266 -28.78 5.57 30.68
C ALA D 266 -28.94 6.84 29.86
N PHE D 267 -29.50 6.72 28.67
CA PHE D 267 -29.68 7.87 27.79
C PHE D 267 -30.45 8.99 28.48
N ASP D 268 -31.59 8.65 29.06
CA ASP D 268 -32.41 9.64 29.78
C ASP D 268 -31.63 10.27 30.93
N LEU D 269 -31.01 9.43 31.75
CA LEU D 269 -30.26 9.90 32.90
C LEU D 269 -29.16 10.91 32.56
N LEU D 270 -28.33 10.59 31.57
CA LEU D 270 -27.26 11.48 31.17
C LEU D 270 -27.76 12.89 30.84
N ARG D 271 -28.81 12.96 30.02
CA ARG D 271 -29.39 14.24 29.63
C ARG D 271 -29.86 14.95 30.89
N ARG D 272 -30.62 14.22 31.70
CA ARG D 272 -31.16 14.72 32.96
C ARG D 272 -30.10 15.32 33.87
N LEU D 273 -29.09 14.52 34.21
CA LEU D 273 -28.01 14.95 35.09
C LEU D 273 -27.29 16.20 34.62
N GLU D 274 -27.05 16.31 33.32
CA GLU D 274 -26.36 17.48 32.78
C GLU D 274 -27.20 18.73 32.97
N LYS D 275 -28.49 18.64 32.63
CA LYS D 275 -29.39 19.77 32.76
C LYS D 275 -29.48 20.26 34.20
N GLU D 276 -29.39 19.33 35.15
CA GLU D 276 -29.45 19.67 36.56
C GLU D 276 -28.13 20.24 37.06
N GLY D 277 -27.16 20.33 36.17
CA GLY D 277 -25.87 20.87 36.52
C GLY D 277 -24.93 19.93 37.26
N GLU D 278 -25.21 18.63 37.23
CA GLU D 278 -24.34 17.67 37.91
C GLU D 278 -23.06 17.44 37.12
N ARG D 279 -21.95 17.37 37.83
CA ARG D 279 -20.65 17.16 37.21
C ARG D 279 -19.89 16.03 37.92
N PHE D 280 -19.08 15.29 37.17
CA PHE D 280 -18.32 14.20 37.75
C PHE D 280 -16.85 14.28 37.39
N ASP D 281 -16.03 13.57 38.15
CA ASP D 281 -14.61 13.55 37.88
C ASP D 281 -14.23 12.37 37.01
N LEU D 282 -15.17 11.43 36.85
CA LEU D 282 -14.94 10.26 36.02
C LEU D 282 -16.26 9.60 35.61
N VAL D 283 -16.33 9.20 34.35
CA VAL D 283 -17.52 8.52 33.81
C VAL D 283 -17.05 7.31 33.03
N VAL D 284 -17.67 6.15 33.29
CA VAL D 284 -17.33 4.93 32.58
C VAL D 284 -18.55 4.52 31.77
N LEU D 285 -18.36 4.27 30.49
CA LEU D 285 -19.44 3.85 29.60
C LEU D 285 -19.11 2.47 29.05
N ASP D 286 -19.85 1.46 29.51
CA ASP D 286 -19.63 0.08 29.06
C ASP D 286 -20.97 -0.48 28.59
N PRO D 287 -21.57 0.15 27.57
CA PRO D 287 -22.86 -0.27 27.03
C PRO D 287 -22.90 -1.63 26.37
N PRO D 288 -24.10 -2.23 26.30
CA PRO D 288 -24.21 -3.54 25.66
C PRO D 288 -24.04 -3.23 24.17
N ALA D 289 -23.80 -4.25 23.36
CA ALA D 289 -23.62 -4.06 21.93
C ALA D 289 -24.78 -3.30 21.28
N PHE D 290 -24.48 -2.11 20.75
CA PHE D 290 -25.50 -1.30 20.08
C PHE D 290 -25.69 -1.80 18.63
N ALA D 291 -24.66 -2.44 18.09
CA ALA D 291 -24.73 -2.97 16.73
C ALA D 291 -24.58 -4.49 16.73
N LYS D 292 -25.66 -5.19 16.37
CA LYS D 292 -25.65 -6.64 16.33
C LYS D 292 -25.38 -7.13 14.91
N GLY D 293 -25.74 -6.30 13.93
CA GLY D 293 -25.53 -6.65 12.53
C GLY D 293 -24.85 -5.50 11.81
N LYS D 294 -24.22 -5.79 10.67
CA LYS D 294 -23.54 -4.76 9.91
C LYS D 294 -24.48 -3.66 9.42
N LYS D 295 -25.76 -3.98 9.32
CA LYS D 295 -26.75 -3.00 8.86
C LYS D 295 -27.20 -2.07 9.98
N ASP D 296 -26.78 -2.36 11.21
CA ASP D 296 -27.14 -1.53 12.36
C ASP D 296 -26.06 -0.51 12.67
N VAL D 297 -24.92 -0.62 11.99
CA VAL D 297 -23.79 0.28 12.22
C VAL D 297 -24.08 1.78 12.19
N GLU D 298 -24.73 2.25 11.13
CA GLU D 298 -25.03 3.68 11.02
C GLU D 298 -25.85 4.19 12.19
N ARG D 299 -26.88 3.45 12.58
CA ARG D 299 -27.73 3.85 13.69
C ARG D 299 -26.99 3.74 15.02
N ALA D 300 -26.19 2.68 15.15
CA ALA D 300 -25.43 2.46 16.37
C ALA D 300 -24.39 3.56 16.57
N TYR D 301 -23.70 3.94 15.49
CA TYR D 301 -22.69 4.98 15.55
C TYR D 301 -23.29 6.25 16.14
N ARG D 302 -24.53 6.55 15.72
CA ARG D 302 -25.24 7.73 16.20
C ARG D 302 -25.53 7.58 17.70
N ALA D 303 -25.93 6.38 18.12
CA ALA D 303 -26.22 6.11 19.52
C ALA D 303 -24.98 6.24 20.40
N TYR D 304 -23.86 5.67 19.94
CA TYR D 304 -22.62 5.74 20.70
C TYR D 304 -22.18 7.19 20.84
N LYS D 305 -22.21 7.92 19.73
CA LYS D 305 -21.79 9.32 19.74
C LYS D 305 -22.61 10.16 20.73
N GLU D 306 -23.91 9.93 20.78
CA GLU D 306 -24.78 10.67 21.68
C GLU D 306 -24.47 10.40 23.15
N VAL D 307 -24.28 9.14 23.52
CA VAL D 307 -23.99 8.82 24.90
C VAL D 307 -22.60 9.32 25.31
N ASN D 308 -21.64 9.26 24.40
CA ASN D 308 -20.30 9.75 24.68
C ASN D 308 -20.30 11.28 24.78
N LEU D 309 -21.07 11.93 23.93
CA LEU D 309 -21.16 13.39 23.98
C LEU D 309 -21.71 13.81 25.33
N ARG D 310 -22.80 13.17 25.77
CA ARG D 310 -23.42 13.51 27.05
C ARG D 310 -22.48 13.25 28.23
N ALA D 311 -21.68 12.19 28.13
CA ALA D 311 -20.75 11.84 29.20
C ALA D 311 -19.63 12.88 29.30
N ILE D 312 -19.08 13.27 28.16
CA ILE D 312 -18.01 14.26 28.14
C ILE D 312 -18.49 15.60 28.72
N LYS D 313 -19.74 15.95 28.45
CA LYS D 313 -20.30 17.20 28.96
C LYS D 313 -20.45 17.23 30.47
N LEU D 314 -20.47 16.04 31.10
CA LEU D 314 -20.60 15.93 32.55
C LEU D 314 -19.25 16.04 33.25
N LEU D 315 -18.18 15.94 32.47
CA LEU D 315 -16.84 15.97 33.00
C LEU D 315 -16.25 17.36 33.18
N LYS D 316 -15.58 17.55 34.31
CA LYS D 316 -14.94 18.83 34.60
C LYS D 316 -13.47 18.69 34.17
N GLU D 317 -12.73 19.79 34.24
CA GLU D 317 -11.31 19.78 33.86
C GLU D 317 -10.62 18.70 34.69
N GLY D 318 -9.76 17.92 34.05
CA GLY D 318 -9.08 16.86 34.76
C GLY D 318 -9.93 15.60 34.85
N GLY D 319 -11.16 15.68 34.33
CA GLY D 319 -12.05 14.55 34.36
C GLY D 319 -11.59 13.38 33.50
N ILE D 320 -11.97 12.17 33.89
CA ILE D 320 -11.59 10.98 33.16
C ILE D 320 -12.78 10.34 32.45
N LEU D 321 -12.60 9.99 31.18
CA LEU D 321 -13.64 9.32 30.41
C LEU D 321 -13.12 7.93 30.05
N ALA D 322 -13.82 6.91 30.50
CA ALA D 322 -13.48 5.52 30.21
C ALA D 322 -14.65 5.06 29.35
N THR D 323 -14.39 4.81 28.07
CA THR D 323 -15.48 4.42 27.18
C THR D 323 -15.18 3.16 26.38
N ALA D 324 -16.21 2.36 26.13
CA ALA D 324 -16.03 1.10 25.41
C ALA D 324 -17.18 0.73 24.49
N SER D 325 -16.92 -0.28 23.66
CA SER D 325 -17.92 -0.81 22.76
C SER D 325 -17.58 -2.27 22.59
N CYS D 326 -18.58 -3.15 22.70
CA CYS D 326 -18.35 -4.58 22.54
C CYS D 326 -19.01 -5.09 21.27
N SER D 327 -19.33 -4.17 20.36
CA SER D 327 -19.94 -4.52 19.08
C SER D 327 -18.81 -4.76 18.06
N HIS D 328 -18.69 -5.97 17.56
CA HIS D 328 -17.63 -6.24 16.59
C HIS D 328 -17.80 -5.35 15.36
N HIS D 329 -19.03 -5.10 14.95
CA HIS D 329 -19.29 -4.27 13.78
C HIS D 329 -18.94 -2.80 14.00
N MSE D 330 -18.81 -2.39 15.25
CA MSE D 330 -18.40 -1.02 15.53
C MSE D 330 -16.89 -1.17 15.63
O MSE D 330 -16.33 -1.28 16.71
CB MSE D 330 -18.97 -0.52 16.87
CG MSE D 330 -18.70 0.96 17.16
SE MSE D 330 -19.59 2.20 15.94
CE MSE D 330 -21.04 1.07 15.31
N THR D 331 -16.25 -1.23 14.45
CA THR D 331 -14.82 -1.42 14.35
C THR D 331 -14.00 -0.44 15.17
N GLU D 332 -12.76 -0.80 15.45
CA GLU D 332 -11.91 0.09 16.23
C GLU D 332 -11.79 1.45 15.55
N PRO D 333 -11.66 1.48 14.20
CA PRO D 333 -11.56 2.77 13.50
C PRO D 333 -12.80 3.63 13.70
N LEU D 334 -13.98 3.03 13.55
CA LEU D 334 -15.22 3.77 13.73
C LEU D 334 -15.34 4.25 15.16
N PHE D 335 -14.97 3.38 16.11
CA PHE D 335 -15.05 3.71 17.52
C PHE D 335 -14.24 4.97 17.85
N TYR D 336 -12.97 4.99 17.48
CA TYR D 336 -12.14 6.15 17.78
C TYR D 336 -12.55 7.39 17.00
N ALA D 337 -13.13 7.20 15.81
CA ALA D 337 -13.58 8.35 15.04
C ALA D 337 -14.78 8.95 15.77
N MSE D 338 -15.61 8.07 16.34
CA MSE D 338 -16.80 8.50 17.06
C MSE D 338 -16.50 9.29 18.32
O MSE D 338 -17.15 10.30 18.60
CB MSE D 338 -17.66 7.27 17.40
CG MSE D 338 -18.91 7.56 18.24
SE MSE D 338 -18.55 7.56 20.15
CE MSE D 338 -17.85 5.75 20.32
N VAL D 339 -15.52 8.83 19.11
CA VAL D 339 -15.18 9.55 20.34
C VAL D 339 -14.60 10.91 19.97
N ALA D 340 -13.80 10.97 18.90
CA ALA D 340 -13.21 12.23 18.48
C ALA D 340 -14.31 13.21 18.09
N GLU D 341 -15.33 12.73 17.40
CA GLU D 341 -16.46 13.56 17.00
C GLU D 341 -17.20 14.08 18.22
N ALA D 342 -17.38 13.21 19.22
CA ALA D 342 -18.06 13.60 20.45
C ALA D 342 -17.26 14.67 21.18
N ALA D 343 -15.95 14.47 21.28
CA ALA D 343 -15.09 15.44 21.96
C ALA D 343 -15.14 16.78 21.26
N GLN D 344 -15.04 16.78 19.93
CA GLN D 344 -15.08 18.03 19.18
C GLN D 344 -16.43 18.73 19.38
N ASP D 345 -17.52 17.98 19.30
CA ASP D 345 -18.85 18.56 19.48
C ASP D 345 -19.07 19.10 20.90
N ALA D 346 -18.38 18.52 21.87
CA ALA D 346 -18.51 18.94 23.26
C ALA D 346 -17.54 20.08 23.58
N HIS D 347 -16.69 20.43 22.61
CA HIS D 347 -15.69 21.49 22.81
C HIS D 347 -14.77 21.19 23.97
N ARG D 348 -14.39 19.92 24.11
CA ARG D 348 -13.48 19.52 25.17
C ARG D 348 -12.25 18.84 24.58
N LEU D 349 -11.09 19.28 25.04
CA LEU D 349 -9.83 18.72 24.58
C LEU D 349 -9.54 17.45 25.40
N LEU D 350 -9.34 16.33 24.71
CA LEU D 350 -9.07 15.07 25.41
C LEU D 350 -7.69 14.51 25.13
N ARG D 351 -6.99 14.17 26.20
CA ARG D 351 -5.67 13.56 26.08
C ARG D 351 -5.88 12.05 26.17
N VAL D 352 -5.19 11.30 25.33
CA VAL D 352 -5.33 9.84 25.36
C VAL D 352 -4.51 9.27 26.51
N VAL D 353 -5.17 8.66 27.48
CA VAL D 353 -4.47 8.06 28.61
C VAL D 353 -4.05 6.65 28.19
N GLU D 354 -4.99 5.90 27.63
CA GLU D 354 -4.66 4.56 27.15
C GLU D 354 -5.73 3.94 26.27
N LYS D 355 -5.27 3.25 25.23
CA LYS D 355 -6.15 2.58 24.29
C LYS D 355 -5.98 1.10 24.59
N ARG D 356 -7.06 0.48 25.06
CA ARG D 356 -7.01 -0.94 25.43
C ARG D 356 -8.07 -1.75 24.69
N GLY D 357 -8.20 -3.01 25.09
CA GLY D 357 -9.17 -3.87 24.44
C GLY D 357 -9.37 -5.14 25.24
N GLN D 358 -9.31 -6.26 24.54
CA GLN D 358 -9.48 -7.57 25.17
C GLN D 358 -8.18 -8.03 25.81
N PRO D 359 -8.27 -8.67 26.97
CA PRO D 359 -7.09 -9.17 27.69
C PRO D 359 -6.50 -10.42 27.02
N PHE D 360 -5.34 -10.84 27.50
CA PHE D 360 -4.64 -11.98 26.91
C PHE D 360 -5.42 -13.29 26.88
N ASP D 361 -6.29 -13.52 27.85
CA ASP D 361 -7.07 -14.77 27.90
C ASP D 361 -8.31 -14.80 27.00
N HIS D 362 -8.53 -13.71 26.26
CA HIS D 362 -9.64 -13.61 25.30
C HIS D 362 -8.93 -13.16 24.00
N PRO D 363 -8.04 -14.03 23.48
CA PRO D 363 -7.26 -13.80 22.27
C PRO D 363 -7.97 -13.35 21.01
N VAL D 364 -7.29 -12.45 20.30
CA VAL D 364 -7.76 -11.89 19.04
C VAL D 364 -6.85 -12.40 17.91
N LEU D 365 -7.46 -12.75 16.79
CA LEU D 365 -6.72 -13.23 15.62
C LEU D 365 -6.81 -12.13 14.57
N LEU D 366 -5.67 -11.69 14.06
CA LEU D 366 -5.68 -10.64 13.05
C LEU D 366 -6.46 -11.04 11.80
N ASN D 367 -6.30 -12.28 11.37
CA ASN D 367 -6.94 -12.81 10.17
C ASN D 367 -8.41 -13.16 10.31
N HIS D 368 -8.92 -13.14 11.55
CA HIS D 368 -10.33 -13.48 11.79
C HIS D 368 -10.94 -12.33 12.58
N PRO D 369 -11.33 -11.24 11.86
CA PRO D 369 -11.94 -10.02 12.41
C PRO D 369 -12.99 -10.17 13.49
N GLU D 370 -13.85 -11.18 13.36
CA GLU D 370 -14.90 -11.38 14.35
C GLU D 370 -14.36 -11.67 15.76
N THR D 371 -13.10 -12.05 15.88
CA THR D 371 -12.54 -12.31 17.20
C THR D 371 -12.27 -11.02 17.98
N HIS D 372 -12.24 -9.89 17.28
CA HIS D 372 -12.01 -8.61 17.94
C HIS D 372 -13.32 -7.86 18.08
N TYR D 373 -13.88 -7.86 19.29
CA TYR D 373 -15.16 -7.20 19.51
C TYR D 373 -15.13 -6.09 20.56
N LEU D 374 -14.16 -6.16 21.49
CA LEU D 374 -14.10 -5.17 22.55
C LEU D 374 -13.04 -4.07 22.39
N LYS D 375 -13.50 -2.83 22.52
CA LYS D 375 -12.62 -1.66 22.47
C LYS D 375 -12.83 -0.95 23.80
N PHE D 376 -11.76 -0.50 24.42
CA PHE D 376 -11.86 0.21 25.70
C PHE D 376 -10.79 1.29 25.69
N ALA D 377 -11.20 2.54 25.83
CA ALA D 377 -10.24 3.65 25.82
C ALA D 377 -10.46 4.62 26.98
N VAL D 378 -9.37 5.15 27.51
CA VAL D 378 -9.44 6.09 28.63
C VAL D 378 -8.84 7.42 28.20
N PHE D 379 -9.55 8.50 28.50
CA PHE D 379 -9.10 9.85 28.15
C PHE D 379 -9.21 10.79 29.35
N GLN D 380 -8.45 11.88 29.31
CA GLN D 380 -8.51 12.87 30.37
C GLN D 380 -8.81 14.24 29.75
N VAL D 381 -9.76 14.95 30.34
CA VAL D 381 -10.14 16.27 29.86
C VAL D 381 -9.09 17.30 30.27
N LEU D 382 -8.62 18.08 29.30
CA LEU D 382 -7.61 19.09 29.57
C LEU D 382 -8.22 20.50 29.70
K K E . 31.24 11.96 -13.46
P PO4 F . 23.67 36.79 -31.67
O1 PO4 F . 23.89 37.62 -32.88
O2 PO4 F . 23.38 35.38 -32.09
O3 PO4 F . 22.50 37.33 -30.92
O4 PO4 F . 24.88 36.82 -30.81
P PO4 G . 26.45 24.05 3.49
O1 PO4 G . 27.50 23.32 2.73
O2 PO4 G . 25.63 24.86 2.54
O3 PO4 G . 27.08 24.94 4.49
O4 PO4 G . 25.56 23.07 4.18
P PO4 H . 37.14 25.16 -2.01
O1 PO4 H . 37.84 24.94 -3.30
O2 PO4 H . 36.19 26.28 -2.15
O3 PO4 H . 38.12 25.47 -0.95
O4 PO4 H . 36.38 23.92 -1.64
P PO4 I . 19.16 36.65 -14.63
O1 PO4 I . 20.24 37.32 -15.41
O2 PO4 I . 18.21 36.00 -15.58
O3 PO4 I . 18.43 37.68 -13.83
O4 PO4 I . 19.75 35.63 -13.72
P PO4 J . 12.48 13.41 8.16
O1 PO4 J . 12.75 13.33 6.70
O2 PO4 J . 11.83 12.15 8.61
O3 PO4 J . 11.57 14.56 8.43
O4 PO4 J . 13.75 13.60 8.90
K K K . -23.69 -14.44 -19.67
P PO4 L . -18.13 -24.12 -50.19
O1 PO4 L . -17.40 -23.71 -51.41
O2 PO4 L . -19.55 -24.42 -50.53
O3 PO4 L . -18.08 -23.02 -49.19
O4 PO4 L . -17.49 -25.34 -49.62
P PO4 M . -19.16 -6.21 -31.98
O1 PO4 M . -18.23 -6.91 -32.89
O2 PO4 M . -20.10 -5.38 -32.78
O3 PO4 M . -18.39 -5.33 -31.06
O4 PO4 M . -19.93 -7.20 -31.18
K K N . 23.46 14.85 18.85
P PO4 O . 2.99 -21.55 2.24
O1 PO4 O . 2.66 -22.62 1.26
O2 PO4 O . 2.62 -20.23 1.68
O3 PO4 O . 4.45 -21.58 2.53
O4 PO4 O . 2.23 -21.78 3.50
K K P . -24.87 -18.88 36.00
#